data_2N0M
#
_entry.id   2N0M
#
loop_
_entity.id
_entity.type
_entity.pdbx_description
1 polymer 'Lipid modified azurin protein'
2 non-polymer 'COPPER (I) ION'
#
_entity_poly.entity_id   1
_entity_poly.type   'polypeptide(L)'
_entity_poly.pdbx_seq_one_letter_code
;ATAGNCAATVESNDNMQFNTKDIQVSKACKEFTITLKHTGTQPKASMGHNLVIAKAEDMDGVFKDGVGAADTDYVKPDDA
RVVAHTKLIGGGEESSLTLDPAKLADGDYKFACTFPGHGALMNGKVTLVD
;
_entity_poly.pdbx_strand_id   A
#
loop_
_chem_comp.id
_chem_comp.type
_chem_comp.name
_chem_comp.formula
CU1 non-polymer 'COPPER (I) ION' 'Cu 1'
#
# COMPACT_ATOMS: atom_id res chain seq x y z
N ALA A 1 -9.50 14.37 12.63
CA ALA A 1 -10.53 13.78 11.74
C ALA A 1 -10.51 12.27 11.86
N THR A 2 -11.60 11.70 12.35
CA THR A 2 -11.68 10.26 12.56
C THR A 2 -13.03 9.71 12.11
N ALA A 3 -14.09 10.48 12.35
CA ALA A 3 -15.44 10.04 12.01
C ALA A 3 -15.87 10.57 10.65
N GLY A 4 -14.91 10.96 9.83
CA GLY A 4 -15.22 11.48 8.52
C GLY A 4 -14.17 11.11 7.49
N ASN A 5 -13.74 9.85 7.52
CA ASN A 5 -12.71 9.38 6.60
C ASN A 5 -12.71 7.87 6.51
N CYS A 6 -13.44 7.34 5.54
CA CYS A 6 -13.48 5.90 5.30
C CYS A 6 -12.64 5.56 4.07
N ALA A 7 -11.99 6.57 3.52
CA ALA A 7 -11.14 6.39 2.37
C ALA A 7 -10.02 7.42 2.38
N ALA A 8 -8.93 7.09 1.70
CA ALA A 8 -7.79 7.98 1.60
C ALA A 8 -7.18 7.89 0.21
N THR A 9 -6.49 8.94 -0.20
CA THR A 9 -5.86 8.96 -1.52
C THR A 9 -4.37 9.29 -1.39
N VAL A 10 -3.55 8.40 -1.92
CA VAL A 10 -2.11 8.58 -1.89
C VAL A 10 -1.58 8.85 -3.30
N GLU A 11 -0.70 9.83 -3.41
CA GLU A 11 -0.15 10.19 -4.71
C GLU A 11 1.32 9.79 -4.80
N SER A 12 1.65 9.04 -5.84
CA SER A 12 3.02 8.62 -6.07
C SER A 12 3.48 9.09 -7.44
N ASN A 13 4.72 9.55 -7.52
CA ASN A 13 5.26 10.05 -8.78
C ASN A 13 6.53 9.29 -9.14
N ASP A 14 7.11 9.60 -10.29
CA ASP A 14 8.32 8.93 -10.74
C ASP A 14 9.56 9.67 -10.26
N ASN A 15 9.41 10.36 -9.14
CA ASN A 15 10.53 10.98 -8.45
C ASN A 15 10.82 10.17 -7.19
N MET A 16 10.16 9.01 -7.11
CA MET A 16 10.35 8.03 -6.04
C MET A 16 9.93 8.59 -4.69
N GLN A 17 8.64 8.88 -4.53
CA GLN A 17 8.13 9.40 -3.28
C GLN A 17 6.62 9.22 -3.15
N PHE A 18 6.17 9.18 -1.91
CA PHE A 18 4.74 9.21 -1.58
C PHE A 18 4.41 10.58 -0.97
N ASN A 19 3.17 11.03 -1.14
CA ASN A 19 2.77 12.32 -0.58
C ASN A 19 2.42 12.20 0.89
N THR A 20 2.58 11.02 1.45
CA THR A 20 2.35 10.79 2.86
C THR A 20 3.13 9.56 3.32
N LYS A 21 3.66 9.62 4.53
CA LYS A 21 4.40 8.51 5.09
C LYS A 21 3.65 7.94 6.30
N ASP A 22 2.45 8.47 6.53
CA ASP A 22 1.62 8.05 7.65
C ASP A 22 0.17 7.94 7.21
N ILE A 23 -0.42 6.78 7.44
CA ILE A 23 -1.84 6.56 7.15
C ILE A 23 -2.54 6.06 8.40
N GLN A 24 -3.53 6.80 8.85
CA GLN A 24 -4.26 6.46 10.05
C GLN A 24 -5.65 5.94 9.71
N VAL A 25 -5.87 4.68 10.00
CA VAL A 25 -7.12 4.03 9.67
C VAL A 25 -8.08 4.10 10.85
N SER A 26 -9.25 4.63 10.61
CA SER A 26 -10.24 4.81 11.64
C SER A 26 -11.00 3.50 11.90
N LYS A 27 -11.06 3.11 13.16
CA LYS A 27 -11.80 1.91 13.55
C LYS A 27 -13.31 2.21 13.56
N ALA A 28 -13.65 3.46 13.26
CA ALA A 28 -15.06 3.85 13.14
C ALA A 28 -15.60 3.44 11.79
N CYS A 29 -14.72 2.94 10.94
CA CYS A 29 -15.10 2.52 9.60
C CYS A 29 -15.18 1.00 9.53
N LYS A 30 -16.19 0.50 8.82
CA LYS A 30 -16.33 -0.93 8.60
C LYS A 30 -15.23 -1.40 7.67
N GLU A 31 -15.03 -0.65 6.59
CA GLU A 31 -13.97 -0.93 5.64
C GLU A 31 -13.29 0.38 5.27
N PHE A 32 -12.01 0.31 4.94
CA PHE A 32 -11.26 1.51 4.60
C PHE A 32 -10.70 1.38 3.18
N THR A 33 -10.96 2.38 2.36
CA THR A 33 -10.51 2.36 0.98
C THR A 33 -9.29 3.26 0.80
N ILE A 34 -8.28 2.76 0.13
CA ILE A 34 -7.12 3.56 -0.19
C ILE A 34 -6.92 3.61 -1.69
N THR A 35 -6.94 4.81 -2.25
CA THR A 35 -6.77 5.00 -3.67
C THR A 35 -5.40 5.58 -3.97
N LEU A 36 -4.65 4.90 -4.83
CA LEU A 36 -3.32 5.35 -5.20
C LEU A 36 -3.35 5.97 -6.59
N LYS A 37 -2.81 7.17 -6.71
CA LYS A 37 -2.78 7.87 -7.98
C LYS A 37 -1.33 8.18 -8.37
N HIS A 38 -0.87 7.58 -9.46
CA HIS A 38 0.49 7.77 -9.92
C HIS A 38 0.57 8.99 -10.83
N THR A 39 0.86 10.14 -10.24
CA THR A 39 0.93 11.39 -10.96
C THR A 39 2.31 11.58 -11.58
N GLY A 40 2.54 10.88 -12.68
CA GLY A 40 3.81 10.99 -13.37
C GLY A 40 3.65 10.70 -14.85
N THR A 41 4.76 10.41 -15.52
CA THR A 41 4.74 10.17 -16.95
C THR A 41 5.41 8.84 -17.31
N GLN A 42 5.85 8.12 -16.29
CA GLN A 42 6.57 6.86 -16.52
C GLN A 42 5.63 5.67 -16.43
N PRO A 43 5.75 4.74 -17.39
CA PRO A 43 4.91 3.53 -17.47
C PRO A 43 5.27 2.52 -16.38
N LYS A 44 4.31 1.64 -16.09
CA LYS A 44 4.38 0.74 -14.93
C LYS A 44 5.57 -0.20 -14.99
N ALA A 45 6.08 -0.48 -16.18
CA ALA A 45 7.21 -1.38 -16.35
C ALA A 45 8.53 -0.67 -16.09
N SER A 46 8.52 0.65 -16.14
CA SER A 46 9.73 1.43 -15.94
C SER A 46 9.73 2.03 -14.53
N MET A 47 8.60 2.58 -14.13
CA MET A 47 8.44 3.15 -12.81
C MET A 47 7.02 2.91 -12.32
N GLY A 48 6.76 1.67 -11.95
CA GLY A 48 5.45 1.32 -11.45
C GLY A 48 5.39 1.38 -9.95
N HIS A 49 4.21 1.68 -9.42
CA HIS A 49 4.04 1.77 -7.98
C HIS A 49 2.80 1.01 -7.54
N ASN A 50 2.87 0.47 -6.33
CA ASN A 50 1.71 -0.13 -5.70
C ASN A 50 1.73 0.21 -4.21
N LEU A 51 0.62 -0.01 -3.53
CA LEU A 51 0.57 0.24 -2.10
C LEU A 51 0.07 -1.02 -1.40
N VAL A 52 0.97 -1.66 -0.67
CA VAL A 52 0.65 -2.88 0.04
C VAL A 52 0.68 -2.63 1.55
N ILE A 53 -0.38 -3.06 2.23
CA ILE A 53 -0.46 -2.93 3.67
C ILE A 53 -0.34 -4.30 4.32
N ALA A 54 0.64 -4.45 5.18
CA ALA A 54 0.88 -5.70 5.85
C ALA A 54 1.43 -5.47 7.25
N LYS A 55 1.40 -6.53 8.04
CA LYS A 55 1.94 -6.51 9.39
C LYS A 55 3.45 -6.39 9.33
N ALA A 56 3.98 -5.38 10.03
CA ALA A 56 5.39 -5.00 9.94
C ALA A 56 6.32 -6.16 10.28
N GLU A 57 5.90 -6.97 11.24
CA GLU A 57 6.67 -8.15 11.65
C GLU A 57 6.79 -9.15 10.50
N ASP A 58 5.84 -9.08 9.58
CA ASP A 58 5.79 -10.02 8.45
C ASP A 58 6.12 -9.31 7.15
N MET A 59 6.48 -8.04 7.25
CA MET A 59 6.66 -7.19 6.08
C MET A 59 7.76 -7.75 5.16
N ASP A 60 8.78 -8.35 5.76
CA ASP A 60 9.87 -8.94 5.01
C ASP A 60 9.37 -10.04 4.09
N GLY A 61 8.51 -10.90 4.62
CA GLY A 61 7.95 -11.98 3.84
C GLY A 61 7.04 -11.47 2.75
N VAL A 62 6.44 -10.31 3.00
CA VAL A 62 5.58 -9.68 2.03
C VAL A 62 6.37 -9.20 0.82
N PHE A 63 7.46 -8.48 1.08
CA PHE A 63 8.33 -8.02 -0.02
C PHE A 63 8.92 -9.21 -0.76
N LYS A 64 9.36 -10.22 0.01
CA LYS A 64 9.99 -11.40 -0.55
C LYS A 64 9.04 -12.13 -1.49
N ASP A 65 7.81 -12.35 -1.04
CA ASP A 65 6.82 -13.06 -1.83
C ASP A 65 6.32 -12.18 -2.97
N GLY A 66 6.42 -10.87 -2.79
CA GLY A 66 6.03 -9.93 -3.83
C GLY A 66 6.94 -10.00 -5.04
N VAL A 67 8.24 -10.12 -4.78
CA VAL A 67 9.24 -10.18 -5.85
C VAL A 67 9.04 -11.45 -6.69
N GLY A 68 8.59 -12.52 -6.04
CA GLY A 68 8.35 -13.77 -6.74
C GLY A 68 7.07 -13.72 -7.56
N ALA A 69 6.26 -12.71 -7.33
CA ALA A 69 5.00 -12.55 -8.03
C ALA A 69 5.08 -11.41 -9.04
N ALA A 70 6.15 -11.43 -9.83
CA ALA A 70 6.41 -10.38 -10.81
C ALA A 70 5.29 -10.27 -11.83
N ASP A 71 4.72 -11.41 -12.19
CA ASP A 71 3.66 -11.46 -13.21
C ASP A 71 2.37 -10.84 -12.69
N THR A 72 2.22 -10.79 -11.38
CA THR A 72 1.00 -10.28 -10.79
C THR A 72 1.25 -8.96 -10.07
N ASP A 73 1.92 -8.04 -10.75
CA ASP A 73 2.10 -6.67 -10.26
C ASP A 73 2.86 -6.64 -8.93
N TYR A 74 3.69 -7.67 -8.72
CA TYR A 74 4.50 -7.81 -7.50
C TYR A 74 3.61 -7.94 -6.26
N VAL A 75 2.40 -8.44 -6.46
CA VAL A 75 1.52 -8.78 -5.35
C VAL A 75 1.05 -10.22 -5.52
N LYS A 76 1.17 -11.00 -4.47
CA LYS A 76 0.83 -12.41 -4.54
C LYS A 76 -0.60 -12.63 -4.05
N PRO A 77 -1.47 -13.21 -4.91
CA PRO A 77 -2.83 -13.58 -4.52
C PRO A 77 -2.82 -14.54 -3.33
N ASP A 78 -3.04 -13.99 -2.15
CA ASP A 78 -2.92 -14.75 -0.91
C ASP A 78 -3.65 -14.02 0.21
N ASP A 79 -3.21 -12.81 0.49
CA ASP A 79 -3.88 -11.92 1.45
C ASP A 79 -4.05 -12.58 2.82
N ALA A 80 -2.97 -13.19 3.32
CA ALA A 80 -2.97 -13.74 4.66
C ALA A 80 -2.07 -12.90 5.57
N ARG A 81 -0.82 -12.70 5.13
CA ARG A 81 0.10 -11.82 5.85
C ARG A 81 -0.10 -10.40 5.35
N VAL A 82 -0.63 -10.32 4.13
CA VAL A 82 -0.96 -9.05 3.52
C VAL A 82 -2.43 -8.73 3.79
N VAL A 83 -2.69 -7.51 4.21
CA VAL A 83 -4.05 -7.08 4.49
C VAL A 83 -4.72 -6.52 3.25
N ALA A 84 -3.97 -5.78 2.46
CA ALA A 84 -4.49 -5.19 1.24
C ALA A 84 -3.36 -4.82 0.30
N HIS A 85 -3.65 -4.79 -0.99
CA HIS A 85 -2.65 -4.50 -2.01
C HIS A 85 -3.30 -3.93 -3.27
N THR A 86 -2.68 -2.91 -3.84
CA THR A 86 -3.10 -2.38 -5.12
C THR A 86 -2.33 -3.06 -6.23
N LYS A 87 -2.62 -2.70 -7.48
CA LYS A 87 -1.86 -3.19 -8.61
C LYS A 87 -0.82 -2.16 -9.01
N LEU A 88 0.05 -2.51 -9.95
CA LEU A 88 1.05 -1.59 -10.45
C LEU A 88 0.41 -0.61 -11.40
N ILE A 89 0.61 0.67 -11.14
CA ILE A 89 0.03 1.70 -11.99
C ILE A 89 1.10 2.58 -12.61
N GLY A 90 0.89 2.92 -13.88
CA GLY A 90 1.80 3.80 -14.58
C GLY A 90 1.37 5.24 -14.50
N GLY A 91 2.00 6.10 -15.29
CA GLY A 91 1.73 7.52 -15.24
C GLY A 91 0.32 7.87 -15.70
N GLY A 92 -0.55 8.16 -14.74
CA GLY A 92 -1.91 8.54 -15.06
C GLY A 92 -2.91 7.54 -14.52
N GLU A 93 -2.46 6.33 -14.29
CA GLU A 93 -3.34 5.26 -13.83
C GLU A 93 -3.53 5.35 -12.32
N GLU A 94 -4.53 4.62 -11.82
CA GLU A 94 -4.80 4.59 -10.40
C GLU A 94 -5.29 3.20 -9.99
N SER A 95 -5.10 2.87 -8.73
CA SER A 95 -5.54 1.60 -8.18
C SER A 95 -6.00 1.81 -6.75
N SER A 96 -6.81 0.90 -6.24
CA SER A 96 -7.41 1.06 -4.94
C SER A 96 -7.50 -0.27 -4.20
N LEU A 97 -7.65 -0.20 -2.89
CA LEU A 97 -7.83 -1.40 -2.09
C LEU A 97 -8.82 -1.12 -0.96
N THR A 98 -9.35 -2.19 -0.39
CA THR A 98 -10.24 -2.09 0.75
C THR A 98 -9.81 -3.06 1.83
N LEU A 99 -9.61 -2.56 3.03
CA LEU A 99 -9.11 -3.38 4.12
C LEU A 99 -10.02 -3.29 5.33
N ASP A 100 -9.96 -4.32 6.17
CA ASP A 100 -10.73 -4.37 7.41
C ASP A 100 -9.91 -3.76 8.54
N PRO A 101 -10.32 -2.57 9.02
CA PRO A 101 -9.61 -1.84 10.10
C PRO A 101 -9.43 -2.68 11.35
N ALA A 102 -10.40 -3.53 11.65
CA ALA A 102 -10.37 -4.31 12.88
C ALA A 102 -9.31 -5.39 12.83
N LYS A 103 -8.76 -5.62 11.65
CA LYS A 103 -7.71 -6.62 11.47
C LYS A 103 -6.33 -6.00 11.70
N LEU A 104 -6.31 -4.68 11.85
CA LEU A 104 -5.05 -3.97 12.05
C LEU A 104 -4.70 -3.90 13.53
N ALA A 105 -5.50 -4.55 14.35
CA ALA A 105 -5.30 -4.53 15.79
C ALA A 105 -4.30 -5.60 16.23
N ASP A 106 -3.74 -6.31 15.27
CA ASP A 106 -2.75 -7.35 15.56
C ASP A 106 -1.40 -6.76 15.97
N GLY A 107 -1.17 -5.51 15.58
CA GLY A 107 0.09 -4.89 15.90
C GLY A 107 0.42 -3.71 15.00
N ASP A 108 1.69 -3.59 14.64
CA ASP A 108 2.15 -2.48 13.81
C ASP A 108 2.09 -2.86 12.35
N TYR A 109 1.36 -2.07 11.58
CA TYR A 109 1.26 -2.31 10.16
C TYR A 109 2.02 -1.24 9.38
N LYS A 110 2.50 -1.61 8.21
CA LYS A 110 3.19 -0.68 7.33
C LYS A 110 2.62 -0.76 5.93
N PHE A 111 2.74 0.33 5.20
CA PHE A 111 2.38 0.36 3.80
C PHE A 111 3.63 0.63 2.99
N ALA A 112 3.74 0.00 1.83
CA ALA A 112 4.94 0.13 1.02
C ALA A 112 4.69 -0.27 -0.42
N CYS A 113 5.60 0.14 -1.28
CA CYS A 113 5.62 -0.26 -2.67
C CYS A 113 6.50 -1.49 -2.82
N THR A 114 5.93 -2.60 -3.29
CA THR A 114 6.65 -3.86 -3.35
C THR A 114 7.40 -4.02 -4.67
N PHE A 115 7.60 -2.91 -5.37
CA PHE A 115 8.42 -2.91 -6.57
C PHE A 115 9.89 -2.97 -6.18
N PRO A 116 10.63 -3.98 -6.68
CA PRO A 116 12.05 -4.18 -6.32
C PRO A 116 12.88 -2.92 -6.52
N GLY A 117 13.42 -2.40 -5.43
CA GLY A 117 14.22 -1.19 -5.49
C GLY A 117 13.47 0.02 -4.97
N HIS A 118 12.17 -0.14 -4.77
CA HIS A 118 11.33 0.96 -4.30
C HIS A 118 11.08 0.87 -2.78
N GLY A 119 10.88 -0.35 -2.29
CA GLY A 119 10.45 -0.53 -0.90
C GLY A 119 11.43 0.02 0.13
N ALA A 120 12.70 0.16 -0.25
CA ALA A 120 13.71 0.66 0.67
C ALA A 120 13.43 2.10 1.08
N LEU A 121 12.71 2.83 0.24
CA LEU A 121 12.38 4.22 0.52
C LEU A 121 10.86 4.41 0.55
N MET A 122 10.15 3.70 -0.33
CA MET A 122 8.71 3.89 -0.47
C MET A 122 7.96 3.02 0.51
N ASN A 123 8.02 3.39 1.78
CA ASN A 123 7.28 2.71 2.83
C ASN A 123 7.02 3.68 3.97
N GLY A 124 5.97 3.40 4.74
CA GLY A 124 5.65 4.25 5.85
C GLY A 124 4.95 3.51 6.96
N LYS A 125 4.11 4.22 7.70
CA LYS A 125 3.39 3.66 8.83
C LYS A 125 1.89 3.73 8.59
N VAL A 126 1.18 2.64 8.87
CA VAL A 126 -0.27 2.65 8.84
C VAL A 126 -0.80 2.11 10.16
N THR A 127 -1.56 2.94 10.86
CA THR A 127 -1.96 2.65 12.22
C THR A 127 -3.47 2.69 12.39
N LEU A 128 -4.00 1.76 13.18
CA LEU A 128 -5.40 1.77 13.53
C LEU A 128 -5.64 2.75 14.67
N VAL A 129 -6.54 3.70 14.45
CA VAL A 129 -6.79 4.73 15.44
C VAL A 129 -8.27 4.81 15.79
N ASP A 130 -8.55 5.46 16.90
CA ASP A 130 -9.92 5.66 17.37
C ASP A 130 -10.31 7.13 17.17
CU CU1 B . 7.05 2.03 -6.53
N ALA A 1 -7.45 12.65 17.51
CA ALA A 1 -7.13 11.97 16.23
C ALA A 1 -8.23 12.22 15.21
N THR A 2 -7.85 12.29 13.94
CA THR A 2 -8.80 12.53 12.88
C THR A 2 -9.48 11.23 12.46
N ALA A 3 -10.56 10.89 13.16
CA ALA A 3 -11.28 9.65 12.91
C ALA A 3 -12.30 9.81 11.79
N GLY A 4 -12.43 11.03 11.28
CA GLY A 4 -13.38 11.28 10.20
C GLY A 4 -12.80 10.92 8.84
N ASN A 5 -12.33 9.69 8.70
CA ASN A 5 -11.75 9.22 7.44
C ASN A 5 -12.17 7.80 7.15
N CYS A 6 -12.91 7.61 6.06
CA CYS A 6 -13.29 6.29 5.61
C CYS A 6 -12.51 5.91 4.37
N ALA A 7 -11.83 6.89 3.80
CA ALA A 7 -11.03 6.68 2.61
C ALA A 7 -9.88 7.66 2.59
N ALA A 8 -8.84 7.33 1.82
CA ALA A 8 -7.68 8.19 1.69
C ALA A 8 -7.07 8.04 0.31
N THR A 9 -6.59 9.14 -0.24
CA THR A 9 -5.94 9.12 -1.54
C THR A 9 -4.45 9.44 -1.39
N VAL A 10 -3.63 8.56 -1.91
CA VAL A 10 -2.19 8.73 -1.85
C VAL A 10 -1.61 8.92 -3.24
N GLU A 11 -0.95 10.03 -3.46
CA GLU A 11 -0.37 10.32 -4.76
C GLU A 11 1.05 9.76 -4.81
N SER A 12 1.43 9.25 -5.98
CA SER A 12 2.78 8.78 -6.20
C SER A 12 3.33 9.40 -7.47
N ASN A 13 4.58 9.86 -7.41
CA ASN A 13 5.14 10.64 -8.51
C ASN A 13 6.43 10.01 -9.03
N ASP A 14 7.16 10.78 -9.83
CA ASP A 14 8.42 10.32 -10.41
C ASP A 14 9.55 10.34 -9.38
N ASN A 15 9.38 11.13 -8.33
CA ASN A 15 10.47 11.40 -7.37
C ASN A 15 10.66 10.24 -6.40
N MET A 16 10.10 9.08 -6.73
CA MET A 16 10.25 7.87 -5.93
C MET A 16 9.76 8.08 -4.51
N GLN A 17 8.54 8.59 -4.37
CA GLN A 17 8.01 8.91 -3.06
C GLN A 17 6.50 8.72 -2.99
N PHE A 18 6.03 8.43 -1.79
CA PHE A 18 4.63 8.55 -1.47
C PHE A 18 4.39 9.93 -0.88
N ASN A 19 3.19 10.45 -1.04
CA ASN A 19 2.84 11.72 -0.40
C ASN A 19 2.41 11.50 1.05
N THR A 20 2.58 10.28 1.52
CA THR A 20 2.22 9.92 2.89
C THR A 20 3.28 9.02 3.53
N LYS A 21 3.65 9.35 4.75
CA LYS A 21 4.49 8.46 5.55
C LYS A 21 3.65 7.80 6.64
N ASP A 22 2.44 8.31 6.80
CA ASP A 22 1.49 7.75 7.74
C ASP A 22 0.09 7.80 7.14
N ILE A 23 -0.67 6.73 7.34
CA ILE A 23 -2.05 6.68 6.91
C ILE A 23 -2.95 6.40 8.10
N GLN A 24 -3.95 7.25 8.28
CA GLN A 24 -4.82 7.14 9.44
C GLN A 24 -6.10 6.40 9.09
N VAL A 25 -6.19 5.17 9.56
CA VAL A 25 -7.36 4.35 9.32
C VAL A 25 -8.29 4.42 10.53
N SER A 26 -9.50 4.89 10.29
CA SER A 26 -10.47 5.04 11.37
C SER A 26 -11.13 3.71 11.68
N LYS A 27 -11.08 3.32 12.95
CA LYS A 27 -11.72 2.10 13.40
C LYS A 27 -13.22 2.33 13.60
N ALA A 28 -13.68 3.54 13.31
CA ALA A 28 -15.09 3.86 13.39
C ALA A 28 -15.78 3.48 12.09
N CYS A 29 -14.98 3.07 11.11
CA CYS A 29 -15.49 2.67 9.81
C CYS A 29 -15.45 1.16 9.69
N LYS A 30 -16.32 0.60 8.85
CA LYS A 30 -16.33 -0.84 8.62
C LYS A 30 -15.39 -1.19 7.48
N GLU A 31 -15.26 -0.29 6.53
CA GLU A 31 -14.36 -0.46 5.41
C GLU A 31 -13.59 0.83 5.16
N PHE A 32 -12.28 0.71 5.02
CA PHE A 32 -11.45 1.86 4.71
C PHE A 32 -10.88 1.72 3.31
N THR A 33 -11.07 2.73 2.50
CA THR A 33 -10.66 2.67 1.09
C THR A 33 -9.43 3.52 0.85
N ILE A 34 -8.38 2.91 0.31
CA ILE A 34 -7.17 3.64 -0.03
C ILE A 34 -7.00 3.68 -1.54
N THR A 35 -6.93 4.89 -2.07
CA THR A 35 -6.77 5.08 -3.50
C THR A 35 -5.36 5.60 -3.80
N LEU A 36 -4.68 4.91 -4.70
CA LEU A 36 -3.34 5.30 -5.10
C LEU A 36 -3.38 5.98 -6.46
N LYS A 37 -2.78 7.16 -6.55
CA LYS A 37 -2.76 7.93 -7.78
C LYS A 37 -1.33 8.11 -8.28
N HIS A 38 -0.98 7.43 -9.36
CA HIS A 38 0.36 7.57 -9.91
C HIS A 38 0.34 8.55 -11.08
N THR A 39 0.61 9.81 -10.76
CA THR A 39 0.54 10.88 -11.73
C THR A 39 1.73 10.87 -12.68
N GLY A 40 2.89 10.51 -12.15
CA GLY A 40 4.12 10.52 -12.93
C GLY A 40 4.01 9.70 -14.20
N THR A 41 4.36 10.32 -15.33
CA THR A 41 4.27 9.68 -16.64
C THR A 41 5.38 8.67 -16.85
N GLN A 42 5.43 7.66 -15.99
CA GLN A 42 6.43 6.63 -16.07
C GLN A 42 5.78 5.26 -16.21
N PRO A 43 6.25 4.44 -17.17
CA PRO A 43 5.70 3.11 -17.42
C PRO A 43 5.90 2.19 -16.22
N LYS A 44 4.93 1.30 -15.99
CA LYS A 44 4.89 0.49 -14.77
C LYS A 44 6.03 -0.52 -14.72
N ALA A 45 6.62 -0.81 -15.88
CA ALA A 45 7.74 -1.73 -15.96
C ALA A 45 9.03 -1.07 -15.49
N SER A 46 9.02 0.26 -15.43
CA SER A 46 10.21 1.02 -15.05
C SER A 46 10.00 1.71 -13.71
N MET A 47 8.90 2.46 -13.59
CA MET A 47 8.58 3.15 -12.35
C MET A 47 7.12 2.94 -11.99
N GLY A 48 6.78 1.70 -11.71
CA GLY A 48 5.44 1.38 -11.28
C GLY A 48 5.34 1.47 -9.78
N HIS A 49 4.15 1.76 -9.27
CA HIS A 49 3.96 1.86 -7.82
C HIS A 49 2.73 1.09 -7.40
N ASN A 50 2.78 0.53 -6.20
CA ASN A 50 1.64 -0.12 -5.59
C ASN A 50 1.67 0.12 -4.09
N LEU A 51 0.51 0.10 -3.47
CA LEU A 51 0.43 0.33 -2.04
C LEU A 51 -0.08 -0.92 -1.35
N VAL A 52 0.80 -1.55 -0.58
CA VAL A 52 0.45 -2.74 0.15
C VAL A 52 0.43 -2.47 1.64
N ILE A 53 -0.46 -3.14 2.34
CA ILE A 53 -0.51 -3.08 3.78
C ILE A 53 -0.29 -4.47 4.37
N ALA A 54 0.80 -4.60 5.10
CA ALA A 54 1.20 -5.89 5.63
C ALA A 54 1.76 -5.74 7.04
N LYS A 55 1.92 -6.87 7.71
CA LYS A 55 2.44 -6.88 9.06
C LYS A 55 3.94 -6.61 9.05
N ALA A 56 4.37 -5.69 9.90
CA ALA A 56 5.76 -5.26 9.97
C ALA A 56 6.72 -6.41 10.25
N GLU A 57 6.21 -7.45 10.89
CA GLU A 57 7.01 -8.62 11.24
C GLU A 57 7.37 -9.43 9.98
N ASP A 58 6.54 -9.34 8.96
CA ASP A 58 6.73 -10.12 7.75
C ASP A 58 6.91 -9.22 6.54
N MET A 59 7.24 -7.96 6.80
CA MET A 59 7.30 -6.95 5.75
C MET A 59 8.40 -7.24 4.75
N ASP A 60 9.56 -7.67 5.23
CA ASP A 60 10.69 -7.98 4.37
C ASP A 60 10.36 -9.18 3.48
N GLY A 61 9.64 -10.12 4.05
CA GLY A 61 9.22 -11.29 3.30
C GLY A 61 8.28 -10.92 2.16
N VAL A 62 7.51 -9.86 2.36
CA VAL A 62 6.58 -9.39 1.35
C VAL A 62 7.34 -8.92 0.11
N PHE A 63 8.41 -8.17 0.32
CA PHE A 63 9.23 -7.67 -0.79
C PHE A 63 9.98 -8.82 -1.45
N LYS A 64 10.40 -9.78 -0.64
CA LYS A 64 11.16 -10.93 -1.11
C LYS A 64 10.29 -11.79 -2.04
N ASP A 65 9.07 -12.07 -1.62
CA ASP A 65 8.15 -12.88 -2.42
C ASP A 65 7.52 -12.05 -3.53
N GLY A 66 7.60 -10.73 -3.39
CA GLY A 66 6.99 -9.85 -4.36
C GLY A 66 7.70 -9.85 -5.68
N VAL A 67 9.03 -10.00 -5.64
CA VAL A 67 9.84 -10.01 -6.84
C VAL A 67 9.44 -11.14 -7.77
N GLY A 68 8.99 -12.24 -7.19
CA GLY A 68 8.61 -13.40 -7.98
C GLY A 68 7.15 -13.35 -8.41
N ALA A 69 6.50 -12.21 -8.19
CA ALA A 69 5.11 -12.04 -8.56
C ALA A 69 4.93 -10.86 -9.51
N ALA A 70 5.86 -10.72 -10.43
CA ALA A 70 5.88 -9.61 -11.37
C ALA A 70 4.65 -9.61 -12.28
N ASP A 71 4.12 -10.80 -12.54
CA ASP A 71 2.99 -10.94 -13.44
C ASP A 71 1.68 -10.54 -12.78
N THR A 72 1.65 -10.53 -11.45
CA THR A 72 0.43 -10.18 -10.74
C THR A 72 0.43 -8.70 -10.36
N ASP A 73 1.20 -8.34 -9.34
CA ASP A 73 1.31 -6.95 -8.91
C ASP A 73 2.48 -6.81 -7.93
N TYR A 74 3.45 -7.71 -8.06
CA TYR A 74 4.61 -7.76 -7.16
C TYR A 74 4.16 -8.08 -5.73
N VAL A 75 3.03 -8.76 -5.63
CA VAL A 75 2.57 -9.31 -4.38
C VAL A 75 2.21 -10.77 -4.58
N LYS A 76 2.72 -11.65 -3.74
CA LYS A 76 2.44 -13.07 -3.87
C LYS A 76 0.96 -13.31 -3.56
N PRO A 77 0.23 -13.87 -4.54
CA PRO A 77 -1.24 -14.03 -4.46
C PRO A 77 -1.70 -15.07 -3.44
N ASP A 78 -0.85 -15.34 -2.46
CA ASP A 78 -1.24 -16.14 -1.31
C ASP A 78 -2.01 -15.27 -0.32
N ASP A 79 -1.69 -13.98 -0.32
CA ASP A 79 -2.37 -13.00 0.54
C ASP A 79 -2.44 -13.49 1.98
N ALA A 80 -1.29 -13.79 2.55
CA ALA A 80 -1.20 -14.21 3.94
C ALA A 80 -0.52 -13.13 4.77
N ARG A 81 0.61 -12.63 4.29
CA ARG A 81 1.32 -11.56 4.95
C ARG A 81 0.68 -10.23 4.64
N VAL A 82 0.13 -10.13 3.44
CA VAL A 82 -0.48 -8.90 2.97
C VAL A 82 -1.97 -8.93 3.21
N VAL A 83 -2.49 -7.87 3.82
CA VAL A 83 -3.90 -7.75 4.10
C VAL A 83 -4.63 -7.14 2.90
N ALA A 84 -4.03 -6.10 2.33
CA ALA A 84 -4.61 -5.43 1.18
C ALA A 84 -3.50 -4.88 0.29
N HIS A 85 -3.75 -4.82 -1.01
CA HIS A 85 -2.76 -4.35 -1.96
C HIS A 85 -3.43 -3.85 -3.24
N THR A 86 -2.95 -2.72 -3.75
CA THR A 86 -3.45 -2.16 -4.99
C THR A 86 -2.75 -2.81 -6.17
N LYS A 87 -3.36 -2.74 -7.35
CA LYS A 87 -2.72 -3.24 -8.55
C LYS A 87 -1.51 -2.38 -8.88
N LEU A 88 -0.52 -3.00 -9.51
CA LEU A 88 0.71 -2.32 -9.90
C LEU A 88 0.40 -1.37 -11.05
N ILE A 89 0.31 -0.08 -10.75
CA ILE A 89 -0.13 0.91 -11.72
C ILE A 89 1.04 1.68 -12.32
N GLY A 90 0.87 2.04 -13.58
CA GLY A 90 1.85 2.84 -14.27
C GLY A 90 1.48 4.31 -14.26
N GLY A 91 2.02 5.05 -15.21
CA GLY A 91 1.80 6.48 -15.25
C GLY A 91 0.42 6.86 -15.71
N GLY A 92 -0.28 7.65 -14.90
CA GLY A 92 -1.58 8.15 -15.27
C GLY A 92 -2.70 7.22 -14.83
N GLU A 93 -2.34 6.13 -14.19
CA GLU A 93 -3.32 5.15 -13.75
C GLU A 93 -3.47 5.18 -12.24
N GLU A 94 -4.51 4.53 -11.73
CA GLU A 94 -4.82 4.57 -10.32
C GLU A 94 -5.49 3.26 -9.89
N SER A 95 -5.43 2.95 -8.60
CA SER A 95 -6.03 1.74 -8.07
C SER A 95 -6.41 1.96 -6.61
N SER A 96 -7.32 1.16 -6.09
CA SER A 96 -7.80 1.32 -4.73
C SER A 96 -7.93 -0.03 -4.03
N LEU A 97 -7.86 -0.01 -2.70
CA LEU A 97 -8.06 -1.21 -1.90
C LEU A 97 -8.99 -0.91 -0.74
N THR A 98 -9.60 -1.95 -0.18
CA THR A 98 -10.45 -1.82 0.99
C THR A 98 -10.05 -2.84 2.05
N LEU A 99 -10.07 -2.44 3.30
CA LEU A 99 -9.71 -3.32 4.40
C LEU A 99 -10.55 -3.04 5.63
N ASP A 100 -10.59 -4.01 6.53
CA ASP A 100 -11.33 -3.87 7.78
C ASP A 100 -10.41 -3.35 8.88
N PRO A 101 -10.76 -2.20 9.49
CA PRO A 101 -9.94 -1.56 10.53
C PRO A 101 -9.71 -2.45 11.75
N ALA A 102 -10.60 -3.39 11.99
CA ALA A 102 -10.50 -4.26 13.17
C ALA A 102 -9.40 -5.29 12.99
N LYS A 103 -8.98 -5.48 11.74
CA LYS A 103 -7.90 -6.40 11.43
C LYS A 103 -6.56 -5.75 11.74
N LEU A 104 -6.54 -4.43 11.79
CA LEU A 104 -5.31 -3.69 12.02
C LEU A 104 -5.01 -3.57 13.50
N ALA A 105 -5.94 -4.02 14.32
CA ALA A 105 -5.78 -3.97 15.77
C ALA A 105 -5.13 -5.25 16.29
N ASP A 106 -4.77 -6.13 15.36
CA ASP A 106 -4.16 -7.41 15.72
C ASP A 106 -2.65 -7.35 15.56
N GLY A 107 -2.15 -6.29 14.93
CA GLY A 107 -0.73 -6.21 14.69
C GLY A 107 -0.26 -4.80 14.40
N ASP A 108 1.01 -4.69 14.04
CA ASP A 108 1.60 -3.43 13.63
C ASP A 108 1.88 -3.46 12.14
N TYR A 109 1.14 -2.67 11.39
CA TYR A 109 1.15 -2.77 9.94
C TYR A 109 1.92 -1.64 9.29
N LYS A 110 2.56 -1.97 8.18
CA LYS A 110 3.26 -0.99 7.36
C LYS A 110 2.62 -0.93 5.98
N PHE A 111 2.72 0.21 5.34
CA PHE A 111 2.32 0.32 3.95
C PHE A 111 3.56 0.63 3.12
N ALA A 112 3.66 0.01 1.96
CA ALA A 112 4.86 0.16 1.16
C ALA A 112 4.60 -0.19 -0.30
N CYS A 113 5.58 0.15 -1.13
CA CYS A 113 5.57 -0.23 -2.52
C CYS A 113 6.48 -1.44 -2.69
N THR A 114 5.95 -2.52 -3.23
CA THR A 114 6.70 -3.78 -3.31
C THR A 114 7.39 -3.93 -4.66
N PHE A 115 7.44 -2.85 -5.42
CA PHE A 115 8.16 -2.83 -6.68
C PHE A 115 9.66 -3.02 -6.39
N PRO A 116 10.34 -3.89 -7.14
CA PRO A 116 11.77 -4.16 -6.96
C PRO A 116 12.61 -2.89 -6.93
N GLY A 117 13.15 -2.57 -5.76
CA GLY A 117 13.98 -1.39 -5.63
C GLY A 117 13.25 -0.25 -4.97
N HIS A 118 11.95 -0.40 -4.77
CA HIS A 118 11.13 0.63 -4.17
C HIS A 118 10.81 0.30 -2.70
N GLY A 119 10.93 -0.97 -2.35
CA GLY A 119 10.44 -1.46 -1.07
C GLY A 119 11.14 -0.86 0.15
N ALA A 120 12.44 -0.66 0.06
CA ALA A 120 13.21 -0.20 1.20
C ALA A 120 13.12 1.32 1.34
N LEU A 121 12.62 1.98 0.31
CA LEU A 121 12.52 3.43 0.31
C LEU A 121 11.07 3.88 0.51
N MET A 122 10.17 3.29 -0.24
CA MET A 122 8.77 3.74 -0.25
C MET A 122 7.95 2.93 0.74
N ASN A 123 8.03 3.31 2.00
CA ASN A 123 7.28 2.65 3.05
C ASN A 123 6.95 3.62 4.18
N GLY A 124 5.93 3.28 4.94
CA GLY A 124 5.54 4.07 6.10
C GLY A 124 4.67 3.25 7.03
N LYS A 125 4.06 3.90 8.01
CA LYS A 125 3.26 3.19 9.00
C LYS A 125 1.76 3.43 8.79
N VAL A 126 0.97 2.39 8.99
CA VAL A 126 -0.48 2.48 8.91
C VAL A 126 -1.05 2.66 10.31
N THR A 127 -1.54 3.85 10.59
CA THR A 127 -1.97 4.19 11.92
C THR A 127 -3.48 3.98 12.08
N LEU A 128 -3.84 3.00 12.90
CA LEU A 128 -5.24 2.80 13.24
C LEU A 128 -5.64 3.83 14.28
N VAL A 129 -6.61 4.65 13.95
CA VAL A 129 -7.02 5.73 14.83
C VAL A 129 -8.45 5.55 15.30
N ASP A 130 -8.77 6.18 16.41
CA ASP A 130 -10.12 6.12 16.98
C ASP A 130 -10.72 7.52 17.06
CU CU1 B . 6.95 2.13 -6.34
N ALA A 1 -12.67 14.87 13.04
CA ALA A 1 -12.01 14.07 11.97
C ALA A 1 -11.50 12.74 12.54
N THR A 2 -12.29 12.14 13.42
CA THR A 2 -11.90 10.89 14.05
C THR A 2 -12.42 9.68 13.28
N ALA A 3 -13.70 9.69 12.96
CA ALA A 3 -14.31 8.58 12.23
C ALA A 3 -15.03 9.07 10.97
N GLY A 4 -14.92 10.37 10.71
CA GLY A 4 -15.57 10.95 9.55
C GLY A 4 -14.68 10.92 8.33
N ASN A 5 -14.03 9.80 8.11
CA ASN A 5 -13.15 9.62 6.95
C ASN A 5 -12.87 8.15 6.73
N CYS A 6 -13.59 7.54 5.80
CA CYS A 6 -13.45 6.13 5.52
C CYS A 6 -12.70 5.91 4.21
N ALA A 7 -12.03 6.94 3.74
CA ALA A 7 -11.29 6.87 2.49
C ALA A 7 -10.17 7.89 2.48
N ALA A 8 -9.06 7.54 1.84
CA ALA A 8 -7.92 8.45 1.75
C ALA A 8 -7.21 8.26 0.42
N THR A 9 -6.73 9.36 -0.15
CA THR A 9 -6.02 9.30 -1.41
C THR A 9 -4.52 9.51 -1.20
N VAL A 10 -3.74 8.64 -1.78
CA VAL A 10 -2.29 8.75 -1.72
C VAL A 10 -1.74 8.84 -3.14
N GLU A 11 -0.84 9.79 -3.36
CA GLU A 11 -0.25 9.95 -4.67
C GLU A 11 1.18 9.45 -4.69
N SER A 12 1.55 8.83 -5.79
CA SER A 12 2.91 8.39 -6.04
C SER A 12 3.40 9.04 -7.32
N ASN A 13 4.63 9.51 -7.31
CA ASN A 13 5.15 10.29 -8.43
C ASN A 13 6.41 9.67 -9.00
N ASP A 14 6.98 10.32 -10.01
CA ASP A 14 8.17 9.84 -10.70
C ASP A 14 9.43 10.06 -9.88
N ASN A 15 9.27 10.59 -8.68
CA ASN A 15 10.40 10.81 -7.80
C ASN A 15 10.45 9.71 -6.74
N MET A 16 9.56 8.72 -6.90
CA MET A 16 9.49 7.57 -6.01
C MET A 16 9.17 7.99 -4.58
N GLN A 17 8.23 8.90 -4.44
CA GLN A 17 7.89 9.44 -3.13
C GLN A 17 6.38 9.49 -2.92
N PHE A 18 5.93 8.88 -1.83
CA PHE A 18 4.52 8.96 -1.43
C PHE A 18 4.22 10.33 -0.86
N ASN A 19 3.00 10.81 -1.10
CA ASN A 19 2.53 12.08 -0.52
C ASN A 19 2.58 12.05 1.00
N THR A 20 2.42 10.85 1.56
CA THR A 20 2.40 10.68 2.99
C THR A 20 3.06 9.37 3.39
N LYS A 21 3.62 9.32 4.58
CA LYS A 21 4.24 8.11 5.08
C LYS A 21 3.51 7.64 6.33
N ASP A 22 2.36 8.22 6.57
CA ASP A 22 1.50 7.82 7.68
C ASP A 22 0.04 7.92 7.28
N ILE A 23 -0.70 6.84 7.51
CA ILE A 23 -2.12 6.82 7.22
C ILE A 23 -2.91 6.44 8.46
N GLN A 24 -3.88 7.26 8.81
CA GLN A 24 -4.69 7.01 10.00
C GLN A 24 -5.97 6.29 9.63
N VAL A 25 -6.04 5.03 10.00
CA VAL A 25 -7.22 4.23 9.77
C VAL A 25 -8.10 4.23 11.00
N SER A 26 -9.31 4.75 10.87
CA SER A 26 -10.22 4.81 11.97
C SER A 26 -10.84 3.45 12.24
N LYS A 27 -10.61 2.95 13.44
CA LYS A 27 -11.16 1.68 13.87
C LYS A 27 -12.66 1.79 14.10
N ALA A 28 -13.15 3.02 14.10
CA ALA A 28 -14.58 3.28 14.24
C ALA A 28 -15.28 3.17 12.90
N CYS A 29 -14.50 3.06 11.84
CA CYS A 29 -15.04 2.90 10.50
C CYS A 29 -15.24 1.42 10.20
N LYS A 30 -16.25 1.12 9.40
CA LYS A 30 -16.58 -0.26 9.06
C LYS A 30 -15.68 -0.75 7.93
N GLU A 31 -15.23 0.17 7.11
CA GLU A 31 -14.29 -0.14 6.04
C GLU A 31 -13.49 1.12 5.67
N PHE A 32 -12.26 0.94 5.23
CA PHE A 32 -11.43 2.06 4.87
C PHE A 32 -10.87 1.85 3.46
N THR A 33 -11.10 2.81 2.59
CA THR A 33 -10.67 2.70 1.21
C THR A 33 -9.52 3.66 0.91
N ILE A 34 -8.48 3.13 0.30
CA ILE A 34 -7.32 3.93 -0.07
C ILE A 34 -7.17 3.97 -1.58
N THR A 35 -7.13 5.17 -2.12
CA THR A 35 -6.97 5.36 -3.55
C THR A 35 -5.56 5.86 -3.88
N LEU A 36 -4.87 5.14 -4.73
CA LEU A 36 -3.51 5.49 -5.12
C LEU A 36 -3.51 6.14 -6.50
N LYS A 37 -2.89 7.31 -6.60
CA LYS A 37 -2.77 8.01 -7.88
C LYS A 37 -1.30 8.11 -8.27
N HIS A 38 -0.93 7.43 -9.34
CA HIS A 38 0.45 7.50 -9.81
C HIS A 38 0.58 8.53 -10.92
N THR A 39 0.96 9.73 -10.52
CA THR A 39 1.21 10.79 -11.46
C THR A 39 2.60 10.59 -12.08
N GLY A 40 2.74 10.96 -13.34
CA GLY A 40 3.99 10.77 -14.03
C GLY A 40 3.79 10.14 -15.39
N THR A 41 4.84 10.08 -16.20
CA THR A 41 4.74 9.52 -17.54
C THR A 41 5.64 8.31 -17.73
N GLN A 42 6.02 7.68 -16.63
CA GLN A 42 6.87 6.50 -16.69
C GLN A 42 6.03 5.23 -16.59
N PRO A 43 6.21 4.30 -17.54
CA PRO A 43 5.43 3.06 -17.58
C PRO A 43 5.83 2.09 -16.47
N LYS A 44 5.00 1.08 -16.23
CA LYS A 44 5.18 0.19 -15.07
C LYS A 44 6.60 -0.40 -15.01
N ALA A 45 7.13 -0.83 -16.14
CA ALA A 45 8.44 -1.47 -16.19
C ALA A 45 9.56 -0.49 -15.86
N SER A 46 9.28 0.80 -16.01
CA SER A 46 10.26 1.83 -15.72
C SER A 46 10.11 2.33 -14.29
N MET A 47 8.87 2.52 -13.87
CA MET A 47 8.57 2.97 -12.52
C MET A 47 7.10 2.76 -12.19
N GLY A 48 6.77 1.55 -11.79
CA GLY A 48 5.43 1.25 -11.35
C GLY A 48 5.33 1.33 -9.84
N HIS A 49 4.12 1.56 -9.33
CA HIS A 49 3.93 1.68 -7.90
C HIS A 49 2.69 0.91 -7.46
N ASN A 50 2.68 0.51 -6.20
CA ASN A 50 1.48 -0.03 -5.57
C ASN A 50 1.47 0.36 -4.10
N LEU A 51 0.36 0.14 -3.44
CA LEU A 51 0.29 0.36 -2.01
C LEU A 51 -0.17 -0.92 -1.33
N VAL A 52 0.75 -1.54 -0.62
CA VAL A 52 0.49 -2.79 0.06
C VAL A 52 0.56 -2.62 1.57
N ILE A 53 -0.46 -3.11 2.25
CA ILE A 53 -0.49 -3.06 3.71
C ILE A 53 -0.39 -4.47 4.27
N ALA A 54 0.67 -4.71 5.03
CA ALA A 54 0.94 -6.02 5.56
C ALA A 54 1.50 -5.94 6.98
N LYS A 55 1.50 -7.07 7.66
CA LYS A 55 2.01 -7.17 9.01
C LYS A 55 3.50 -6.86 9.02
N ALA A 56 3.90 -5.94 9.90
CA ALA A 56 5.27 -5.43 9.93
C ALA A 56 6.30 -6.53 10.18
N GLU A 57 5.88 -7.59 10.85
CA GLU A 57 6.78 -8.70 11.15
C GLU A 57 6.93 -9.64 9.96
N ASP A 58 6.08 -9.45 8.96
CA ASP A 58 6.12 -10.29 7.77
C ASP A 58 6.29 -9.41 6.52
N MET A 59 6.57 -8.14 6.75
CA MET A 59 6.64 -7.16 5.67
C MET A 59 7.84 -7.43 4.78
N ASP A 60 8.93 -7.85 5.40
CA ASP A 60 10.16 -8.16 4.69
C ASP A 60 9.92 -9.29 3.69
N GLY A 61 9.12 -10.27 4.12
CA GLY A 61 8.81 -11.40 3.27
C GLY A 61 7.95 -11.00 2.08
N VAL A 62 7.20 -9.92 2.24
CA VAL A 62 6.35 -9.43 1.18
C VAL A 62 7.18 -8.80 0.06
N PHE A 63 8.28 -8.15 0.44
CA PHE A 63 9.14 -7.50 -0.54
C PHE A 63 9.97 -8.52 -1.30
N LYS A 64 10.63 -9.43 -0.57
CA LYS A 64 11.52 -10.41 -1.19
C LYS A 64 10.77 -11.37 -2.10
N ASP A 65 9.65 -11.89 -1.62
CA ASP A 65 8.85 -12.81 -2.41
C ASP A 65 8.00 -12.06 -3.42
N GLY A 66 7.89 -10.74 -3.23
CA GLY A 66 7.16 -9.90 -4.14
C GLY A 66 7.85 -9.77 -5.48
N VAL A 67 9.18 -9.86 -5.46
CA VAL A 67 9.98 -9.78 -6.68
C VAL A 67 9.66 -10.95 -7.60
N GLY A 68 9.42 -12.10 -7.01
CA GLY A 68 9.10 -13.29 -7.78
C GLY A 68 7.64 -13.33 -8.20
N ALA A 69 6.91 -12.27 -7.89
CA ALA A 69 5.51 -12.19 -8.24
C ALA A 69 5.29 -11.09 -9.29
N ALA A 70 6.25 -10.94 -10.17
CA ALA A 70 6.22 -9.90 -11.20
C ALA A 70 5.04 -10.07 -12.12
N ASP A 71 4.59 -11.30 -12.29
CA ASP A 71 3.49 -11.61 -13.20
C ASP A 71 2.14 -11.41 -12.52
N THR A 72 2.17 -10.94 -11.28
CA THR A 72 0.94 -10.69 -10.54
C THR A 72 1.07 -9.46 -9.63
N ASP A 73 1.47 -8.33 -10.24
CA ASP A 73 1.47 -7.02 -9.57
C ASP A 73 2.48 -6.93 -8.43
N TYR A 74 3.47 -7.82 -8.46
CA TYR A 74 4.53 -7.86 -7.44
C TYR A 74 3.95 -8.09 -6.05
N VAL A 75 2.83 -8.80 -5.99
CA VAL A 75 2.24 -9.17 -4.72
C VAL A 75 2.06 -10.68 -4.65
N LYS A 76 2.63 -11.28 -3.61
CA LYS A 76 2.56 -12.72 -3.43
C LYS A 76 1.12 -13.11 -3.15
N PRO A 77 0.59 -14.14 -3.86
CA PRO A 77 -0.80 -14.59 -3.68
C PRO A 77 -1.04 -15.26 -2.32
N ASP A 78 -0.11 -15.04 -1.41
CA ASP A 78 -0.26 -15.44 -0.02
C ASP A 78 -1.50 -14.78 0.56
N ASP A 79 -1.54 -13.46 0.51
CA ASP A 79 -2.69 -12.67 1.00
C ASP A 79 -3.07 -13.01 2.45
N ALA A 80 -2.12 -13.54 3.20
CA ALA A 80 -2.33 -13.81 4.61
C ALA A 80 -1.48 -12.85 5.44
N ARG A 81 -0.25 -12.63 4.98
CA ARG A 81 0.63 -11.64 5.59
C ARG A 81 0.15 -10.25 5.16
N VAL A 82 -0.49 -10.22 4.00
CA VAL A 82 -0.99 -9.00 3.41
C VAL A 82 -2.49 -8.86 3.68
N VAL A 83 -2.92 -7.66 3.99
CA VAL A 83 -4.32 -7.39 4.25
C VAL A 83 -4.98 -6.75 3.04
N ALA A 84 -4.27 -5.84 2.40
CA ALA A 84 -4.80 -5.15 1.23
C ALA A 84 -3.67 -4.70 0.32
N HIS A 85 -3.92 -4.71 -0.99
CA HIS A 85 -2.91 -4.29 -1.97
C HIS A 85 -3.58 -3.80 -3.24
N THR A 86 -3.03 -2.73 -3.81
CA THR A 86 -3.53 -2.18 -5.06
C THR A 86 -2.90 -2.89 -6.25
N LYS A 87 -3.41 -2.64 -7.45
CA LYS A 87 -2.81 -3.16 -8.66
C LYS A 87 -1.52 -2.40 -8.96
N LEU A 88 -0.59 -3.04 -9.65
CA LEU A 88 0.65 -2.39 -10.04
C LEU A 88 0.35 -1.40 -11.15
N ILE A 89 0.45 -0.13 -10.85
CA ILE A 89 0.04 0.91 -11.77
C ILE A 89 1.22 1.72 -12.28
N GLY A 90 1.21 2.01 -13.58
CA GLY A 90 2.23 2.85 -14.18
C GLY A 90 1.83 4.31 -14.17
N GLY A 91 2.59 5.14 -14.87
CA GLY A 91 2.30 6.56 -14.92
C GLY A 91 0.97 6.85 -15.59
N GLY A 92 0.08 7.52 -14.85
CA GLY A 92 -1.21 7.86 -15.39
C GLY A 92 -2.29 6.86 -15.03
N GLU A 93 -1.94 5.93 -14.14
CA GLU A 93 -2.88 4.94 -13.68
C GLU A 93 -3.27 5.18 -12.23
N GLU A 94 -4.39 4.60 -11.82
CA GLU A 94 -4.83 4.69 -10.43
C GLU A 94 -5.48 3.37 -10.00
N SER A 95 -5.35 3.05 -8.72
CA SER A 95 -5.93 1.82 -8.18
C SER A 95 -6.30 2.06 -6.72
N SER A 96 -7.29 1.33 -6.23
CA SER A 96 -7.79 1.53 -4.88
C SER A 96 -8.00 0.20 -4.17
N LEU A 97 -7.99 0.25 -2.85
CA LEU A 97 -8.25 -0.93 -2.04
C LEU A 97 -9.14 -0.56 -0.86
N THR A 98 -9.81 -1.55 -0.31
CA THR A 98 -10.62 -1.35 0.89
C THR A 98 -10.20 -2.37 1.95
N LEU A 99 -9.87 -1.89 3.13
CA LEU A 99 -9.34 -2.74 4.18
C LEU A 99 -10.25 -2.72 5.40
N ASP A 100 -10.10 -3.75 6.23
CA ASP A 100 -10.85 -3.87 7.47
C ASP A 100 -10.00 -3.39 8.65
N PRO A 101 -10.50 -2.39 9.41
CA PRO A 101 -9.77 -1.82 10.55
C PRO A 101 -9.49 -2.83 11.66
N ALA A 102 -10.37 -3.82 11.79
CA ALA A 102 -10.23 -4.80 12.86
C ALA A 102 -9.07 -5.75 12.54
N LYS A 103 -8.84 -6.01 11.26
CA LYS A 103 -7.73 -6.85 10.83
C LYS A 103 -6.41 -6.17 11.15
N LEU A 104 -6.39 -4.84 11.06
CA LEU A 104 -5.18 -4.08 11.33
C LEU A 104 -4.98 -3.90 12.82
N ALA A 105 -6.00 -4.26 13.58
CA ALA A 105 -5.94 -4.15 15.03
C ALA A 105 -5.29 -5.40 15.63
N ASP A 106 -5.04 -6.39 14.80
CA ASP A 106 -4.47 -7.66 15.27
C ASP A 106 -2.95 -7.67 15.13
N GLY A 107 -2.36 -6.49 15.10
CA GLY A 107 -0.92 -6.39 15.01
C GLY A 107 -0.47 -5.01 14.59
N ASP A 108 0.80 -4.86 14.29
CA ASP A 108 1.32 -3.60 13.78
C ASP A 108 1.65 -3.73 12.31
N TYR A 109 1.01 -2.93 11.49
CA TYR A 109 1.13 -3.05 10.05
C TYR A 109 1.94 -1.91 9.44
N LYS A 110 2.45 -2.16 8.25
CA LYS A 110 3.13 -1.16 7.45
C LYS A 110 2.48 -1.07 6.08
N PHE A 111 2.67 0.05 5.40
CA PHE A 111 2.25 0.17 4.02
C PHE A 111 3.46 0.55 3.18
N ALA A 112 3.55 0.01 1.98
CA ALA A 112 4.72 0.22 1.15
C ALA A 112 4.47 -0.16 -0.30
N CYS A 113 5.44 0.18 -1.15
CA CYS A 113 5.44 -0.22 -2.55
C CYS A 113 6.34 -1.44 -2.70
N THR A 114 5.80 -2.53 -3.21
CA THR A 114 6.54 -3.79 -3.26
C THR A 114 7.27 -3.97 -4.59
N PHE A 115 7.33 -2.91 -5.39
CA PHE A 115 8.08 -2.94 -6.63
C PHE A 115 9.57 -3.13 -6.30
N PRO A 116 10.29 -3.99 -7.05
CA PRO A 116 11.71 -4.26 -6.81
C PRO A 116 12.56 -3.00 -6.79
N GLY A 117 13.18 -2.74 -5.66
CA GLY A 117 14.02 -1.55 -5.53
C GLY A 117 13.23 -0.34 -5.07
N HIS A 118 11.96 -0.54 -4.75
CA HIS A 118 11.09 0.56 -4.30
C HIS A 118 10.75 0.43 -2.82
N GLY A 119 10.91 -0.76 -2.28
CA GLY A 119 10.41 -1.04 -0.93
C GLY A 119 11.17 -0.32 0.17
N ALA A 120 12.43 0.00 -0.06
CA ALA A 120 13.25 0.61 0.98
C ALA A 120 12.97 2.12 1.11
N LEU A 121 12.58 2.74 0.01
CA LEU A 121 12.31 4.17 0.01
C LEU A 121 10.82 4.43 0.19
N MET A 122 10.00 3.62 -0.45
CA MET A 122 8.55 3.80 -0.42
C MET A 122 7.90 2.91 0.62
N ASN A 123 7.90 3.38 1.86
CA ASN A 123 7.24 2.68 2.95
C ASN A 123 6.81 3.67 4.01
N GLY A 124 5.85 3.27 4.82
CA GLY A 124 5.38 4.12 5.90
C GLY A 124 4.53 3.36 6.90
N LYS A 125 3.91 4.09 7.81
CA LYS A 125 3.15 3.51 8.89
C LYS A 125 1.65 3.71 8.68
N VAL A 126 0.89 2.64 8.83
CA VAL A 126 -0.55 2.72 8.89
C VAL A 126 -0.99 2.63 10.35
N THR A 127 -1.64 3.67 10.84
CA THR A 127 -1.93 3.81 12.24
C THR A 127 -3.43 3.61 12.53
N LEU A 128 -3.73 2.90 13.61
CA LEU A 128 -5.10 2.69 14.04
C LEU A 128 -5.53 3.81 14.97
N VAL A 129 -6.55 4.55 14.57
CA VAL A 129 -7.05 5.64 15.40
C VAL A 129 -8.53 5.42 15.73
N ASP A 130 -9.00 6.07 16.77
CA ASP A 130 -10.39 5.92 17.20
C ASP A 130 -11.22 7.12 16.75
CU CU1 B . 6.92 2.06 -6.40
N ALA A 1 -7.24 13.94 13.68
CA ALA A 1 -8.19 12.90 14.15
C ALA A 1 -8.26 11.75 13.15
N THR A 2 -8.94 11.99 12.03
CA THR A 2 -9.15 10.96 11.00
C THR A 2 -9.97 9.80 11.58
N ALA A 3 -11.06 10.15 12.25
CA ALA A 3 -11.97 9.17 12.82
C ALA A 3 -13.23 9.04 11.98
N GLY A 4 -13.44 10.03 11.12
CA GLY A 4 -14.59 10.01 10.23
C GLY A 4 -14.19 9.75 8.80
N ASN A 5 -12.91 9.55 8.59
CA ASN A 5 -12.38 9.28 7.25
C ASN A 5 -12.45 7.80 6.94
N CYS A 6 -13.30 7.44 5.99
CA CYS A 6 -13.45 6.06 5.57
C CYS A 6 -12.68 5.82 4.26
N ALA A 7 -12.01 6.84 3.79
CA ALA A 7 -11.26 6.76 2.56
C ALA A 7 -10.06 7.70 2.61
N ALA A 8 -8.99 7.32 1.93
CA ALA A 8 -7.78 8.13 1.90
C ALA A 8 -7.10 8.00 0.55
N THR A 9 -6.56 9.10 0.06
CA THR A 9 -5.87 9.09 -1.22
C THR A 9 -4.36 9.24 -1.02
N VAL A 10 -3.62 8.35 -1.64
CA VAL A 10 -2.17 8.39 -1.58
C VAL A 10 -1.59 8.54 -2.98
N GLU A 11 -0.75 9.53 -3.16
CA GLU A 11 -0.15 9.77 -4.45
C GLU A 11 1.31 9.35 -4.45
N SER A 12 1.77 8.84 -5.58
CA SER A 12 3.17 8.53 -5.78
C SER A 12 3.59 9.11 -7.13
N ASN A 13 4.75 9.73 -7.16
CA ASN A 13 5.14 10.51 -8.32
C ASN A 13 6.45 10.01 -8.94
N ASP A 14 7.00 10.83 -9.83
CA ASP A 14 8.20 10.47 -10.57
C ASP A 14 9.46 10.55 -9.71
N ASN A 15 9.37 11.27 -8.60
CA ASN A 15 10.54 11.46 -7.73
C ASN A 15 10.70 10.25 -6.81
N MET A 16 9.89 9.23 -7.08
CA MET A 16 9.97 7.94 -6.39
C MET A 16 9.70 8.08 -4.90
N GLN A 17 8.51 8.57 -4.58
CA GLN A 17 8.14 8.77 -3.19
C GLN A 17 6.62 8.86 -3.05
N PHE A 18 6.14 8.43 -1.89
CA PHE A 18 4.75 8.62 -1.52
C PHE A 18 4.57 10.01 -0.93
N ASN A 19 3.43 10.63 -1.23
CA ASN A 19 3.12 11.96 -0.72
C ASN A 19 2.90 11.95 0.78
N THR A 20 2.59 10.77 1.33
CA THR A 20 2.41 10.62 2.76
C THR A 20 3.18 9.40 3.26
N LYS A 21 3.68 9.51 4.49
CA LYS A 21 4.46 8.44 5.09
C LYS A 21 3.66 7.76 6.20
N ASP A 22 2.50 8.34 6.52
CA ASP A 22 1.69 7.85 7.63
C ASP A 22 0.22 7.83 7.25
N ILE A 23 -0.42 6.70 7.49
CA ILE A 23 -1.84 6.54 7.21
C ILE A 23 -2.59 6.13 8.47
N GLN A 24 -3.67 6.82 8.76
CA GLN A 24 -4.49 6.50 9.91
C GLN A 24 -5.80 5.86 9.47
N VAL A 25 -6.09 4.70 10.00
CA VAL A 25 -7.32 4.00 9.69
C VAL A 25 -8.26 4.04 10.89
N SER A 26 -9.45 4.56 10.66
CA SER A 26 -10.43 4.70 11.72
C SER A 26 -11.10 3.36 12.00
N LYS A 27 -11.00 2.92 13.25
CA LYS A 27 -11.66 1.71 13.70
C LYS A 27 -13.17 1.93 13.75
N ALA A 28 -13.58 3.18 13.79
CA ALA A 28 -14.98 3.55 13.85
C ALA A 28 -15.63 3.41 12.48
N CYS A 29 -14.81 3.22 11.46
CA CYS A 29 -15.30 3.04 10.11
C CYS A 29 -15.41 1.56 9.79
N LYS A 30 -16.45 1.20 9.05
CA LYS A 30 -16.66 -0.18 8.65
C LYS A 30 -15.74 -0.53 7.49
N GLU A 31 -15.69 0.34 6.50
CA GLU A 31 -14.86 0.11 5.33
C GLU A 31 -13.89 1.27 5.14
N PHE A 32 -12.62 0.95 4.97
CA PHE A 32 -11.63 1.97 4.71
C PHE A 32 -10.98 1.72 3.36
N THR A 33 -11.16 2.66 2.45
CA THR A 33 -10.67 2.52 1.09
C THR A 33 -9.54 3.50 0.83
N ILE A 34 -8.44 2.99 0.28
CA ILE A 34 -7.29 3.81 -0.05
C ILE A 34 -7.10 3.87 -1.55
N THR A 35 -7.06 5.07 -2.08
CA THR A 35 -6.86 5.27 -3.50
C THR A 35 -5.43 5.72 -3.79
N LEU A 36 -4.75 4.97 -4.65
CA LEU A 36 -3.39 5.30 -5.04
C LEU A 36 -3.42 5.98 -6.40
N LYS A 37 -2.73 7.10 -6.51
CA LYS A 37 -2.68 7.83 -7.77
C LYS A 37 -1.23 8.08 -8.16
N HIS A 38 -0.83 7.53 -9.28
CA HIS A 38 0.55 7.65 -9.74
C HIS A 38 0.65 8.70 -10.83
N THR A 39 1.06 9.90 -10.43
CA THR A 39 1.33 10.96 -11.37
C THR A 39 2.72 10.77 -11.98
N GLY A 40 2.87 11.14 -13.23
CA GLY A 40 4.11 10.94 -13.93
C GLY A 40 3.88 10.39 -15.33
N THR A 41 4.90 10.43 -16.17
CA THR A 41 4.76 9.95 -17.53
C THR A 41 5.60 8.68 -17.74
N GLN A 42 5.93 8.02 -16.65
CA GLN A 42 6.79 6.84 -16.71
C GLN A 42 5.96 5.56 -16.65
N PRO A 43 6.26 4.60 -17.54
CA PRO A 43 5.55 3.32 -17.64
C PRO A 43 5.82 2.42 -16.43
N LYS A 44 4.91 1.47 -16.20
CA LYS A 44 4.95 0.63 -15.00
C LYS A 44 6.08 -0.39 -15.06
N ALA A 45 6.64 -0.59 -16.24
CA ALA A 45 7.75 -1.51 -16.42
C ALA A 45 9.04 -0.94 -15.82
N SER A 46 9.11 0.38 -15.74
CA SER A 46 10.29 1.05 -15.22
C SER A 46 10.00 1.72 -13.89
N MET A 47 8.94 2.51 -13.85
CA MET A 47 8.54 3.21 -12.63
C MET A 47 7.09 2.92 -12.31
N GLY A 48 6.82 1.67 -11.96
CA GLY A 48 5.50 1.28 -11.53
C GLY A 48 5.38 1.34 -10.04
N HIS A 49 4.17 1.55 -9.53
CA HIS A 49 3.96 1.65 -8.09
C HIS A 49 2.75 0.84 -7.66
N ASN A 50 2.80 0.34 -6.44
CA ASN A 50 1.65 -0.26 -5.80
C ASN A 50 1.66 0.11 -4.32
N LEU A 51 0.57 -0.17 -3.62
CA LEU A 51 0.51 0.09 -2.19
C LEU A 51 -0.03 -1.14 -1.48
N VAL A 52 0.82 -1.78 -0.71
CA VAL A 52 0.44 -2.95 0.07
C VAL A 52 0.40 -2.62 1.54
N ILE A 53 -0.47 -3.30 2.28
CA ILE A 53 -0.54 -3.14 3.71
C ILE A 53 -0.38 -4.50 4.39
N ALA A 54 0.66 -4.62 5.19
CA ALA A 54 1.00 -5.90 5.80
C ALA A 54 1.63 -5.69 7.18
N LYS A 55 1.93 -6.79 7.84
CA LYS A 55 2.57 -6.77 9.16
C LYS A 55 3.99 -6.22 9.05
N ALA A 56 4.29 -5.23 9.88
CA ALA A 56 5.57 -4.54 9.87
C ALA A 56 6.74 -5.48 10.15
N GLU A 57 6.49 -6.51 10.94
CA GLU A 57 7.55 -7.41 11.37
C GLU A 57 7.85 -8.46 10.29
N ASP A 58 6.98 -8.57 9.29
CA ASP A 58 7.20 -9.52 8.20
C ASP A 58 7.20 -8.76 6.87
N MET A 59 7.33 -7.44 6.97
CA MET A 59 7.22 -6.56 5.81
C MET A 59 8.35 -6.82 4.83
N ASP A 60 9.53 -7.15 5.36
CA ASP A 60 10.67 -7.48 4.52
C ASP A 60 10.38 -8.71 3.67
N GLY A 61 9.68 -9.67 4.27
CA GLY A 61 9.28 -10.86 3.56
C GLY A 61 8.32 -10.54 2.44
N VAL A 62 7.51 -9.51 2.64
CA VAL A 62 6.57 -9.05 1.63
C VAL A 62 7.31 -8.62 0.37
N PHE A 63 8.44 -7.94 0.56
CA PHE A 63 9.24 -7.47 -0.57
C PHE A 63 9.98 -8.63 -1.22
N LYS A 64 10.31 -9.65 -0.43
CA LYS A 64 11.04 -10.80 -0.92
C LYS A 64 10.16 -11.66 -1.80
N ASP A 65 8.96 -11.98 -1.31
CA ASP A 65 8.01 -12.79 -2.07
C ASP A 65 7.33 -11.95 -3.14
N GLY A 66 7.43 -10.63 -3.01
CA GLY A 66 6.81 -9.73 -3.95
C GLY A 66 7.49 -9.73 -5.31
N VAL A 67 8.81 -9.62 -5.30
CA VAL A 67 9.58 -9.56 -6.55
C VAL A 67 9.42 -10.84 -7.35
N GLY A 68 9.20 -11.95 -6.65
CA GLY A 68 8.99 -13.23 -7.31
C GLY A 68 7.55 -13.45 -7.70
N ALA A 69 6.75 -12.39 -7.67
CA ALA A 69 5.34 -12.47 -8.03
C ALA A 69 5.01 -11.42 -9.10
N ALA A 70 5.81 -11.41 -10.16
CA ALA A 70 5.69 -10.40 -11.20
C ALA A 70 4.33 -10.44 -11.89
N ASP A 71 3.80 -11.64 -12.08
CA ASP A 71 2.54 -11.82 -12.80
C ASP A 71 1.34 -11.50 -11.91
N THR A 72 1.61 -11.15 -10.66
CA THR A 72 0.55 -10.74 -9.75
C THR A 72 0.86 -9.40 -9.10
N ASP A 73 1.34 -8.46 -9.93
CA ASP A 73 1.59 -7.08 -9.49
C ASP A 73 2.60 -7.01 -8.36
N TYR A 74 3.48 -8.01 -8.30
CA TYR A 74 4.52 -8.10 -7.27
C TYR A 74 3.91 -8.23 -5.88
N VAL A 75 2.74 -8.88 -5.80
CA VAL A 75 2.11 -9.15 -4.52
C VAL A 75 1.66 -10.61 -4.46
N LYS A 76 1.54 -11.14 -3.25
CA LYS A 76 1.02 -12.49 -3.04
C LYS A 76 -0.37 -12.41 -2.42
N PRO A 77 -1.42 -12.35 -3.24
CA PRO A 77 -2.81 -12.20 -2.77
C PRO A 77 -3.30 -13.39 -1.95
N ASP A 78 -2.64 -14.53 -2.10
CA ASP A 78 -3.06 -15.74 -1.41
C ASP A 78 -2.28 -15.95 -0.11
N ASP A 79 -1.56 -14.93 0.31
CA ASP A 79 -0.77 -15.02 1.53
C ASP A 79 -1.48 -14.28 2.66
N ALA A 80 -1.26 -14.74 3.88
CA ALA A 80 -1.98 -14.23 5.04
C ALA A 80 -1.28 -13.02 5.67
N ARG A 81 -0.08 -12.70 5.19
CA ARG A 81 0.65 -11.55 5.71
C ARG A 81 0.09 -10.27 5.12
N VAL A 82 -0.61 -10.42 3.99
CA VAL A 82 -1.17 -9.28 3.28
C VAL A 82 -2.62 -9.05 3.69
N VAL A 83 -2.92 -7.84 4.10
CA VAL A 83 -4.28 -7.47 4.46
C VAL A 83 -4.98 -6.85 3.26
N ALA A 84 -4.28 -5.97 2.56
CA ALA A 84 -4.83 -5.31 1.38
C ALA A 84 -3.70 -4.89 0.45
N HIS A 85 -4.02 -4.72 -0.83
CA HIS A 85 -3.03 -4.31 -1.82
C HIS A 85 -3.71 -3.69 -3.02
N THR A 86 -2.99 -2.80 -3.71
CA THR A 86 -3.42 -2.30 -5.00
C THR A 86 -2.76 -3.13 -6.11
N LYS A 87 -3.05 -2.78 -7.34
CA LYS A 87 -2.37 -3.38 -8.49
C LYS A 87 -1.27 -2.44 -8.97
N LEU A 88 -0.41 -2.93 -9.86
CA LEU A 88 0.67 -2.11 -10.41
C LEU A 88 0.12 -1.09 -11.38
N ILE A 89 0.36 0.16 -11.09
CA ILE A 89 -0.08 1.25 -11.96
C ILE A 89 1.10 2.07 -12.45
N GLY A 90 1.01 2.50 -13.69
CA GLY A 90 2.05 3.33 -14.26
C GLY A 90 1.67 4.79 -14.25
N GLY A 91 2.43 5.62 -14.96
CA GLY A 91 2.15 7.04 -15.01
C GLY A 91 0.83 7.32 -15.70
N GLY A 92 -0.10 7.89 -14.96
CA GLY A 92 -1.39 8.22 -15.52
C GLY A 92 -2.45 7.18 -15.18
N GLU A 93 -2.20 6.40 -14.14
CA GLU A 93 -3.15 5.40 -13.69
C GLU A 93 -3.41 5.51 -12.20
N GLU A 94 -4.56 5.00 -11.77
CA GLU A 94 -4.94 5.02 -10.36
C GLU A 94 -5.40 3.63 -9.94
N SER A 95 -5.26 3.32 -8.66
CA SER A 95 -5.73 2.06 -8.12
C SER A 95 -6.31 2.27 -6.72
N SER A 96 -6.98 1.27 -6.18
CA SER A 96 -7.56 1.40 -4.84
C SER A 96 -7.64 0.06 -4.14
N LEU A 97 -7.68 0.12 -2.81
CA LEU A 97 -7.88 -1.07 -1.99
C LEU A 97 -8.84 -0.75 -0.86
N THR A 98 -9.47 -1.76 -0.29
CA THR A 98 -10.35 -1.58 0.84
C THR A 98 -10.05 -2.65 1.88
N LEU A 99 -9.91 -2.24 3.13
CA LEU A 99 -9.56 -3.17 4.19
C LEU A 99 -10.48 -3.02 5.39
N ASP A 100 -10.56 -4.07 6.18
CA ASP A 100 -11.36 -4.07 7.39
C ASP A 100 -10.51 -3.59 8.57
N PRO A 101 -10.88 -2.44 9.16
CA PRO A 101 -10.11 -1.83 10.26
C PRO A 101 -9.85 -2.77 11.43
N ALA A 102 -10.77 -3.69 11.66
CA ALA A 102 -10.64 -4.63 12.77
C ALA A 102 -9.49 -5.61 12.54
N LYS A 103 -9.04 -5.72 11.30
CA LYS A 103 -7.95 -6.61 10.95
C LYS A 103 -6.61 -5.98 11.31
N LEU A 104 -6.62 -4.69 11.61
CA LEU A 104 -5.40 -3.98 11.92
C LEU A 104 -5.15 -3.94 13.42
N ALA A 105 -6.02 -4.61 14.16
CA ALA A 105 -5.89 -4.67 15.62
C ALA A 105 -5.10 -5.91 16.03
N ASP A 106 -4.06 -6.21 15.26
CA ASP A 106 -3.21 -7.36 15.54
C ASP A 106 -1.74 -6.96 15.56
N GLY A 107 -1.48 -5.66 15.59
CA GLY A 107 -0.11 -5.19 15.62
C GLY A 107 0.11 -3.97 14.75
N ASP A 108 1.36 -3.63 14.54
CA ASP A 108 1.72 -2.45 13.78
C ASP A 108 1.87 -2.81 12.30
N TYR A 109 1.11 -2.14 11.46
CA TYR A 109 1.12 -2.42 10.03
C TYR A 109 1.86 -1.33 9.26
N LYS A 110 2.40 -1.70 8.11
CA LYS A 110 3.06 -0.75 7.23
C LYS A 110 2.45 -0.80 5.85
N PHE A 111 2.60 0.29 5.12
CA PHE A 111 2.23 0.31 3.71
C PHE A 111 3.49 0.54 2.90
N ALA A 112 3.56 -0.07 1.72
CA ALA A 112 4.77 0.03 0.92
C ALA A 112 4.51 -0.31 -0.54
N CYS A 113 5.47 0.06 -1.37
CA CYS A 113 5.48 -0.33 -2.76
C CYS A 113 6.43 -1.50 -2.93
N THR A 114 5.92 -2.63 -3.40
CA THR A 114 6.71 -3.85 -3.47
C THR A 114 7.44 -3.98 -4.81
N PHE A 115 7.53 -2.88 -5.53
CA PHE A 115 8.25 -2.86 -6.80
C PHE A 115 9.75 -2.98 -6.53
N PRO A 116 10.46 -3.80 -7.34
CA PRO A 116 11.91 -4.02 -7.17
C PRO A 116 12.70 -2.73 -7.09
N GLY A 117 13.29 -2.49 -5.92
CA GLY A 117 14.09 -1.29 -5.72
C GLY A 117 13.31 -0.16 -5.09
N HIS A 118 12.00 -0.35 -4.96
CA HIS A 118 11.14 0.68 -4.39
C HIS A 118 10.81 0.37 -2.92
N GLY A 119 10.78 -0.90 -2.57
CA GLY A 119 10.29 -1.33 -1.27
C GLY A 119 10.98 -0.67 -0.09
N ALA A 120 12.31 -0.66 -0.09
CA ALA A 120 13.08 -0.13 1.04
C ALA A 120 12.93 1.37 1.16
N LEU A 121 12.53 2.02 0.08
CA LEU A 121 12.39 3.47 0.06
C LEU A 121 10.95 3.90 0.26
N MET A 122 10.04 3.23 -0.42
CA MET A 122 8.64 3.64 -0.44
C MET A 122 7.83 2.82 0.55
N ASN A 123 7.87 3.22 1.80
CA ASN A 123 7.11 2.55 2.84
C ASN A 123 6.81 3.52 3.98
N GLY A 124 5.72 3.25 4.68
CA GLY A 124 5.34 4.06 5.80
C GLY A 124 4.50 3.28 6.79
N LYS A 125 3.80 3.96 7.68
CA LYS A 125 3.03 3.29 8.71
C LYS A 125 1.53 3.36 8.45
N VAL A 126 0.83 2.26 8.72
CA VAL A 126 -0.62 2.22 8.69
C VAL A 126 -1.13 1.94 10.10
N THR A 127 -1.61 2.97 10.76
CA THR A 127 -1.97 2.85 12.16
C THR A 127 -3.48 2.90 12.36
N LEU A 128 -3.97 1.98 13.17
CA LEU A 128 -5.39 1.92 13.50
C LEU A 128 -5.69 2.88 14.64
N VAL A 129 -6.62 3.80 14.42
CA VAL A 129 -6.97 4.78 15.42
C VAL A 129 -8.39 4.55 15.92
N ASP A 130 -8.65 5.00 17.14
CA ASP A 130 -9.95 4.81 17.77
C ASP A 130 -10.40 6.10 18.45
CU CU1 B . 6.93 2.02 -6.56
N ALA A 1 -8.15 15.06 11.91
CA ALA A 1 -9.12 13.99 11.61
C ALA A 1 -8.67 12.69 12.24
N THR A 2 -9.61 11.95 12.81
CA THR A 2 -9.29 10.70 13.48
C THR A 2 -10.31 9.62 13.18
N ALA A 3 -11.56 9.84 13.57
CA ALA A 3 -12.59 8.81 13.46
C ALA A 3 -13.42 8.97 12.20
N GLY A 4 -13.35 10.13 11.57
CA GLY A 4 -14.16 10.39 10.39
C GLY A 4 -13.41 10.13 9.09
N ASN A 5 -12.58 9.11 9.09
CA ASN A 5 -11.82 8.76 7.89
C ASN A 5 -12.12 7.35 7.45
N CYS A 6 -12.84 7.23 6.34
CA CYS A 6 -13.16 5.92 5.79
C CYS A 6 -12.43 5.71 4.47
N ALA A 7 -11.80 6.77 3.98
CA ALA A 7 -11.08 6.74 2.72
C ALA A 7 -9.91 7.71 2.76
N ALA A 8 -8.86 7.37 2.01
CA ALA A 8 -7.68 8.22 1.93
C ALA A 8 -7.06 8.15 0.54
N THR A 9 -6.35 9.18 0.15
CA THR A 9 -5.72 9.22 -1.15
C THR A 9 -4.22 9.46 -1.02
N VAL A 10 -3.44 8.60 -1.66
CA VAL A 10 -2.00 8.72 -1.64
C VAL A 10 -1.49 8.97 -3.06
N GLU A 11 -0.63 9.96 -3.20
CA GLU A 11 -0.05 10.27 -4.49
C GLU A 11 1.37 9.74 -4.58
N SER A 12 1.65 9.01 -5.64
CA SER A 12 2.98 8.52 -5.90
C SER A 12 3.50 9.11 -7.21
N ASN A 13 4.73 9.57 -7.21
CA ASN A 13 5.26 10.28 -8.37
C ASN A 13 6.51 9.60 -8.90
N ASP A 14 7.25 10.30 -9.75
CA ASP A 14 8.42 9.73 -10.40
C ASP A 14 9.69 9.96 -9.58
N ASN A 15 9.54 10.54 -8.40
CA ASN A 15 10.69 10.79 -7.53
C ASN A 15 10.86 9.66 -6.53
N MET A 16 10.09 8.59 -6.73
CA MET A 16 10.12 7.41 -5.88
C MET A 16 9.70 7.75 -4.45
N GLN A 17 8.52 8.34 -4.32
CA GLN A 17 8.04 8.77 -3.02
C GLN A 17 6.52 8.81 -2.98
N PHE A 18 5.98 8.67 -1.79
CA PHE A 18 4.57 8.93 -1.54
C PHE A 18 4.45 10.33 -0.94
N ASN A 19 3.30 10.96 -1.09
CA ASN A 19 3.09 12.29 -0.53
C ASN A 19 2.79 12.22 0.96
N THR A 20 2.79 11.00 1.50
CA THR A 20 2.60 10.79 2.92
C THR A 20 3.21 9.46 3.33
N LYS A 21 3.91 9.46 4.46
CA LYS A 21 4.49 8.23 5.00
C LYS A 21 3.68 7.77 6.20
N ASP A 22 2.46 8.29 6.32
CA ASP A 22 1.56 7.89 7.39
C ASP A 22 0.12 7.85 6.89
N ILE A 23 -0.59 6.79 7.23
CA ILE A 23 -1.99 6.65 6.89
C ILE A 23 -2.80 6.34 8.14
N GLN A 24 -3.91 7.03 8.31
CA GLN A 24 -4.76 6.84 9.46
C GLN A 24 -5.99 6.04 9.09
N VAL A 25 -6.14 4.87 9.68
CA VAL A 25 -7.30 4.03 9.44
C VAL A 25 -8.23 4.04 10.64
N SER A 26 -9.47 4.45 10.43
CA SER A 26 -10.44 4.55 11.51
C SER A 26 -11.00 3.18 11.86
N LYS A 27 -10.82 2.79 13.12
CA LYS A 27 -11.33 1.52 13.62
C LYS A 27 -12.84 1.58 13.81
N ALA A 28 -13.37 2.80 13.89
CA ALA A 28 -14.82 3.01 13.97
C ALA A 28 -15.46 2.65 12.64
N CYS A 29 -14.67 2.69 11.59
CA CYS A 29 -15.10 2.30 10.27
C CYS A 29 -14.90 0.80 10.11
N LYS A 30 -15.81 0.15 9.40
CA LYS A 30 -15.74 -1.29 9.22
C LYS A 30 -14.90 -1.63 8.00
N GLU A 31 -14.80 -0.68 7.07
CA GLU A 31 -13.97 -0.83 5.89
C GLU A 31 -13.29 0.48 5.56
N PHE A 32 -12.02 0.41 5.16
CA PHE A 32 -11.27 1.60 4.82
C PHE A 32 -10.77 1.50 3.38
N THR A 33 -10.97 2.57 2.62
CA THR A 33 -10.60 2.58 1.21
C THR A 33 -9.44 3.53 0.95
N ILE A 34 -8.46 3.06 0.21
CA ILE A 34 -7.30 3.88 -0.14
C ILE A 34 -7.18 3.99 -1.64
N THR A 35 -7.02 5.21 -2.12
CA THR A 35 -6.84 5.45 -3.55
C THR A 35 -5.42 5.91 -3.83
N LEU A 36 -4.76 5.23 -4.75
CA LEU A 36 -3.40 5.57 -5.12
C LEU A 36 -3.38 6.29 -6.46
N LYS A 37 -2.80 7.48 -6.48
CA LYS A 37 -2.70 8.27 -7.71
C LYS A 37 -1.25 8.39 -8.14
N HIS A 38 -0.90 7.70 -9.22
CA HIS A 38 0.45 7.78 -9.74
C HIS A 38 0.56 8.95 -10.73
N THR A 39 0.97 10.09 -10.21
CA THR A 39 1.06 11.31 -11.00
C THR A 39 2.38 11.35 -11.78
N GLY A 40 2.60 10.33 -12.58
CA GLY A 40 3.77 10.26 -13.43
C GLY A 40 3.45 9.64 -14.76
N THR A 41 4.27 9.91 -15.77
CA THR A 41 3.99 9.44 -17.13
C THR A 41 4.87 8.25 -17.51
N GLN A 42 5.44 7.60 -16.52
CA GLN A 42 6.34 6.48 -16.75
C GLN A 42 5.60 5.16 -16.56
N PRO A 43 5.84 4.21 -17.48
CA PRO A 43 5.15 2.90 -17.49
C PRO A 43 5.48 2.05 -16.26
N LYS A 44 4.56 1.17 -15.89
CA LYS A 44 4.66 0.39 -14.66
C LYS A 44 5.82 -0.61 -14.71
N ALA A 45 6.27 -0.91 -15.91
CA ALA A 45 7.40 -1.82 -16.10
C ALA A 45 8.73 -1.12 -15.79
N SER A 46 8.69 0.19 -15.63
CA SER A 46 9.89 0.96 -15.35
C SER A 46 9.74 1.72 -14.03
N MET A 47 8.68 2.52 -13.93
CA MET A 47 8.39 3.27 -12.71
C MET A 47 6.96 2.99 -12.28
N GLY A 48 6.73 1.75 -11.86
CA GLY A 48 5.42 1.36 -11.41
C GLY A 48 5.32 1.46 -9.91
N HIS A 49 4.11 1.67 -9.41
CA HIS A 49 3.89 1.77 -7.98
C HIS A 49 2.68 0.96 -7.56
N ASN A 50 2.73 0.49 -6.33
CA ASN A 50 1.58 -0.16 -5.72
C ASN A 50 1.58 0.16 -4.23
N LEU A 51 0.49 -0.17 -3.55
CA LEU A 51 0.42 0.04 -2.12
C LEU A 51 -0.13 -1.20 -1.45
N VAL A 52 0.67 -1.81 -0.60
CA VAL A 52 0.26 -2.98 0.15
C VAL A 52 0.30 -2.67 1.65
N ILE A 53 -0.61 -3.27 2.39
CA ILE A 53 -0.62 -3.10 3.84
C ILE A 53 -0.50 -4.46 4.51
N ALA A 54 0.50 -4.59 5.37
CA ALA A 54 0.76 -5.84 6.07
C ALA A 54 1.36 -5.57 7.45
N LYS A 55 1.52 -6.62 8.23
CA LYS A 55 2.06 -6.52 9.57
C LYS A 55 3.57 -6.28 9.51
N ALA A 56 4.03 -5.24 10.20
CA ALA A 56 5.39 -4.73 10.09
C ALA A 56 6.45 -5.79 10.40
N GLU A 57 6.14 -6.71 11.28
CA GLU A 57 7.12 -7.70 11.72
C GLU A 57 7.24 -8.84 10.70
N ASP A 58 6.34 -8.85 9.73
CA ASP A 58 6.40 -9.83 8.65
C ASP A 58 6.46 -9.12 7.30
N MET A 59 6.61 -7.80 7.35
CA MET A 59 6.57 -6.95 6.17
C MET A 59 7.75 -7.27 5.25
N ASP A 60 8.88 -7.60 5.85
CA ASP A 60 10.09 -7.92 5.09
C ASP A 60 9.86 -9.15 4.23
N GLY A 61 9.07 -10.09 4.75
CA GLY A 61 8.76 -11.29 4.00
C GLY A 61 7.87 -10.99 2.81
N VAL A 62 7.06 -9.95 2.95
CA VAL A 62 6.14 -9.55 1.90
C VAL A 62 6.90 -9.07 0.67
N PHE A 63 7.99 -8.34 0.90
CA PHE A 63 8.83 -7.87 -0.20
C PHE A 63 9.56 -9.04 -0.86
N LYS A 64 9.87 -10.06 -0.07
CA LYS A 64 10.58 -11.23 -0.57
C LYS A 64 9.67 -12.03 -1.48
N ASP A 65 8.39 -12.13 -1.11
CA ASP A 65 7.41 -12.81 -1.94
C ASP A 65 7.06 -11.95 -3.15
N GLY A 66 7.18 -10.64 -2.98
CA GLY A 66 6.78 -9.71 -4.01
C GLY A 66 7.71 -9.70 -5.20
N VAL A 67 9.01 -9.69 -4.94
CA VAL A 67 10.01 -9.61 -6.00
C VAL A 67 9.96 -10.85 -6.91
N GLY A 68 9.37 -11.93 -6.40
CA GLY A 68 9.25 -13.14 -7.19
C GLY A 68 7.85 -13.31 -7.75
N ALA A 69 7.06 -12.25 -7.74
CA ALA A 69 5.69 -12.31 -8.21
C ALA A 69 5.37 -11.17 -9.17
N ALA A 70 6.25 -10.96 -10.15
CA ALA A 70 6.08 -9.89 -11.14
C ALA A 70 4.79 -10.06 -11.93
N ASP A 71 4.40 -11.31 -12.15
CA ASP A 71 3.21 -11.63 -12.94
C ASP A 71 1.93 -11.21 -12.23
N THR A 72 2.03 -10.95 -10.94
CA THR A 72 0.85 -10.59 -10.17
C THR A 72 1.12 -9.34 -9.32
N ASP A 73 1.52 -8.26 -10.00
CA ASP A 73 1.68 -6.94 -9.41
C ASP A 73 2.64 -6.95 -8.21
N TYR A 74 3.59 -7.88 -8.24
CA TYR A 74 4.61 -7.99 -7.20
C TYR A 74 4.02 -8.26 -5.82
N VAL A 75 2.98 -9.09 -5.78
CA VAL A 75 2.44 -9.60 -4.52
C VAL A 75 2.05 -11.06 -4.67
N LYS A 76 2.55 -11.89 -3.78
CA LYS A 76 2.20 -13.30 -3.79
C LYS A 76 0.76 -13.45 -3.29
N PRO A 77 -0.05 -14.26 -4.00
CA PRO A 77 -1.45 -14.51 -3.61
C PRO A 77 -1.57 -15.31 -2.31
N ASP A 78 -0.91 -14.83 -1.27
CA ASP A 78 -0.96 -15.45 0.05
C ASP A 78 -2.16 -14.93 0.82
N ASP A 79 -2.55 -13.68 0.51
CA ASP A 79 -3.73 -13.04 1.11
C ASP A 79 -3.51 -12.62 2.57
N ALA A 80 -2.80 -13.42 3.34
CA ALA A 80 -2.52 -13.09 4.73
C ALA A 80 -1.47 -11.99 4.80
N ARG A 81 -0.47 -12.07 3.93
CA ARG A 81 0.55 -11.03 3.84
C ARG A 81 0.05 -9.84 3.04
N VAL A 82 -1.16 -9.94 2.52
CA VAL A 82 -1.74 -8.88 1.72
C VAL A 82 -3.14 -8.55 2.20
N VAL A 83 -3.21 -7.68 3.21
CA VAL A 83 -4.48 -7.23 3.75
C VAL A 83 -5.26 -6.50 2.67
N ALA A 84 -4.53 -5.71 1.89
CA ALA A 84 -5.08 -5.00 0.76
C ALA A 84 -3.95 -4.54 -0.15
N HIS A 85 -4.23 -4.41 -1.44
CA HIS A 85 -3.19 -4.06 -2.39
C HIS A 85 -3.77 -3.42 -3.66
N THR A 86 -3.15 -2.33 -4.08
CA THR A 86 -3.49 -1.71 -5.35
C THR A 86 -2.64 -2.32 -6.46
N LYS A 87 -3.22 -2.43 -7.65
CA LYS A 87 -2.51 -2.98 -8.81
C LYS A 87 -1.41 -2.03 -9.25
N LEU A 88 -0.38 -2.58 -9.90
CA LEU A 88 0.72 -1.78 -10.42
C LEU A 88 0.21 -0.80 -11.45
N ILE A 89 0.32 0.48 -11.13
CA ILE A 89 -0.17 1.52 -12.01
C ILE A 89 0.97 2.29 -12.65
N GLY A 90 0.85 2.51 -13.95
CA GLY A 90 1.87 3.20 -14.71
C GLY A 90 1.54 4.66 -14.95
N GLY A 91 1.83 5.13 -16.16
CA GLY A 91 1.68 6.53 -16.47
C GLY A 91 0.23 6.98 -16.54
N GLY A 92 -0.18 7.79 -15.58
CA GLY A 92 -1.52 8.36 -15.60
C GLY A 92 -2.58 7.36 -15.17
N GLU A 93 -2.20 6.41 -14.33
CA GLU A 93 -3.15 5.43 -13.86
C GLU A 93 -3.40 5.58 -12.36
N GLU A 94 -4.50 5.00 -11.90
CA GLU A 94 -4.88 5.06 -10.50
C GLU A 94 -5.51 3.74 -10.09
N SER A 95 -5.41 3.41 -8.81
CA SER A 95 -6.03 2.20 -8.29
C SER A 95 -6.45 2.40 -6.84
N SER A 96 -7.45 1.65 -6.41
CA SER A 96 -7.93 1.74 -5.05
C SER A 96 -8.00 0.36 -4.40
N LEU A 97 -8.00 0.35 -3.07
CA LEU A 97 -8.17 -0.86 -2.31
C LEU A 97 -9.10 -0.60 -1.14
N THR A 98 -9.66 -1.66 -0.58
CA THR A 98 -10.47 -1.56 0.61
C THR A 98 -10.08 -2.66 1.60
N LEU A 99 -9.87 -2.29 2.84
CA LEU A 99 -9.39 -3.24 3.84
C LEU A 99 -10.25 -3.22 5.09
N ASP A 100 -10.19 -4.31 5.85
CA ASP A 100 -10.88 -4.39 7.12
C ASP A 100 -9.93 -4.01 8.27
N PRO A 101 -10.18 -2.86 8.92
CA PRO A 101 -9.27 -2.29 9.93
C PRO A 101 -9.12 -3.18 11.16
N ALA A 102 -10.08 -4.08 11.37
CA ALA A 102 -10.06 -5.00 12.49
C ALA A 102 -8.83 -5.90 12.44
N LYS A 103 -8.26 -6.04 11.25
CA LYS A 103 -7.09 -6.88 11.06
C LYS A 103 -5.82 -6.13 11.45
N LEU A 104 -5.90 -4.81 11.45
CA LEU A 104 -4.76 -3.97 11.81
C LEU A 104 -4.66 -3.84 13.33
N ALA A 105 -5.69 -4.32 14.01
CA ALA A 105 -5.75 -4.25 15.47
C ALA A 105 -4.84 -5.31 16.08
N ASP A 106 -4.28 -6.16 15.24
CA ASP A 106 -3.43 -7.24 15.71
C ASP A 106 -2.07 -6.73 16.17
N GLY A 107 -1.59 -5.66 15.55
CA GLY A 107 -0.28 -5.14 15.90
C GLY A 107 0.15 -3.97 15.06
N ASP A 108 1.45 -3.86 14.81
CA ASP A 108 2.02 -2.74 14.08
C ASP A 108 1.98 -3.04 12.58
N TYR A 109 1.22 -2.23 11.87
CA TYR A 109 1.09 -2.40 10.42
C TYR A 109 1.81 -1.31 9.66
N LYS A 110 2.27 -1.63 8.46
CA LYS A 110 2.94 -0.67 7.60
C LYS A 110 2.46 -0.81 6.16
N PHE A 111 2.67 0.24 5.38
CA PHE A 111 2.32 0.21 3.97
C PHE A 111 3.56 0.51 3.15
N ALA A 112 3.64 -0.04 1.95
CA ALA A 112 4.80 0.16 1.11
C ALA A 112 4.53 -0.25 -0.33
N CYS A 113 5.42 0.18 -1.21
CA CYS A 113 5.40 -0.24 -2.61
C CYS A 113 6.31 -1.45 -2.76
N THR A 114 5.77 -2.56 -3.23
CA THR A 114 6.53 -3.81 -3.29
C THR A 114 7.31 -3.96 -4.59
N PHE A 115 7.44 -2.86 -5.32
CA PHE A 115 8.24 -2.85 -6.54
C PHE A 115 9.71 -3.00 -6.17
N PRO A 116 10.44 -3.92 -6.85
CA PRO A 116 11.85 -4.19 -6.54
C PRO A 116 12.72 -2.94 -6.59
N GLY A 117 13.26 -2.57 -5.44
CA GLY A 117 14.05 -1.36 -5.34
C GLY A 117 13.29 -0.25 -4.66
N HIS A 118 11.98 -0.26 -4.84
CA HIS A 118 11.11 0.75 -4.26
C HIS A 118 10.85 0.46 -2.80
N GLY A 119 10.56 -0.81 -2.50
CA GLY A 119 10.16 -1.22 -1.16
C GLY A 119 11.15 -0.88 -0.07
N ALA A 120 12.39 -0.58 -0.46
CA ALA A 120 13.43 -0.26 0.50
C ALA A 120 13.31 1.16 1.03
N LEU A 121 12.83 2.06 0.19
CA LEU A 121 12.77 3.48 0.56
C LEU A 121 11.36 4.04 0.42
N MET A 122 10.46 3.25 -0.13
CA MET A 122 9.11 3.70 -0.41
C MET A 122 8.14 3.02 0.52
N ASN A 123 8.14 3.45 1.77
CA ASN A 123 7.36 2.82 2.81
C ASN A 123 6.82 3.85 3.78
N GLY A 124 5.90 3.43 4.64
CA GLY A 124 5.38 4.30 5.65
C GLY A 124 4.62 3.56 6.72
N LYS A 125 4.04 4.30 7.66
CA LYS A 125 3.30 3.70 8.76
C LYS A 125 1.81 3.83 8.55
N VAL A 126 1.08 2.75 8.75
CA VAL A 126 -0.37 2.82 8.71
C VAL A 126 -0.92 2.60 10.11
N THR A 127 -1.55 3.62 10.63
CA THR A 127 -1.94 3.64 12.04
C THR A 127 -3.43 3.40 12.19
N LEU A 128 -3.79 2.50 13.08
CA LEU A 128 -5.18 2.26 13.39
C LEU A 128 -5.64 3.25 14.45
N VAL A 129 -6.53 4.14 14.06
CA VAL A 129 -6.96 5.22 14.92
C VAL A 129 -8.44 5.07 15.25
N ASP A 130 -8.92 5.90 16.16
CA ASP A 130 -10.31 5.85 16.59
C ASP A 130 -11.27 6.04 15.41
CU CU1 B . 6.82 2.12 -6.41
N ALA A 1 -10.23 15.73 10.25
CA ALA A 1 -10.76 14.36 10.31
C ALA A 1 -9.79 13.45 11.07
N THR A 2 -10.10 13.18 12.32
CA THR A 2 -9.24 12.34 13.15
C THR A 2 -9.73 10.89 13.19
N ALA A 3 -10.94 10.69 13.70
CA ALA A 3 -11.52 9.36 13.80
C ALA A 3 -12.59 9.15 12.75
N GLY A 4 -12.64 10.05 11.78
CA GLY A 4 -13.61 9.95 10.71
C GLY A 4 -12.96 9.72 9.35
N ASN A 5 -11.90 8.94 9.34
CA ASN A 5 -11.21 8.62 8.11
C ASN A 5 -11.63 7.24 7.61
N CYS A 6 -12.41 7.22 6.54
CA CYS A 6 -12.85 5.97 5.95
C CYS A 6 -12.17 5.74 4.61
N ALA A 7 -11.47 6.76 4.13
CA ALA A 7 -10.79 6.71 2.86
C ALA A 7 -9.62 7.67 2.85
N ALA A 8 -8.63 7.36 2.02
CA ALA A 8 -7.46 8.21 1.88
C ALA A 8 -6.92 8.14 0.46
N THR A 9 -6.46 9.27 -0.04
CA THR A 9 -5.90 9.31 -1.37
C THR A 9 -4.39 9.53 -1.30
N VAL A 10 -3.65 8.54 -1.75
CA VAL A 10 -2.20 8.61 -1.73
C VAL A 10 -1.67 8.79 -3.14
N GLU A 11 -0.91 9.85 -3.34
CA GLU A 11 -0.32 10.14 -4.63
C GLU A 11 1.08 9.56 -4.70
N SER A 12 1.45 9.05 -5.86
CA SER A 12 2.80 8.56 -6.08
C SER A 12 3.34 9.13 -7.40
N ASN A 13 4.57 9.57 -7.39
CA ASN A 13 5.13 10.24 -8.56
C ASN A 13 6.41 9.56 -9.02
N ASP A 14 7.05 10.11 -10.03
CA ASP A 14 8.28 9.53 -10.59
C ASP A 14 9.49 9.98 -9.77
N ASN A 15 9.23 10.75 -8.71
CA ASN A 15 10.28 11.25 -7.84
C ASN A 15 10.58 10.25 -6.74
N MET A 16 9.91 9.10 -6.81
CA MET A 16 10.13 7.99 -5.90
C MET A 16 9.68 8.33 -4.48
N GLN A 17 8.43 8.76 -4.35
CA GLN A 17 7.89 9.13 -3.05
C GLN A 17 6.37 9.05 -3.06
N PHE A 18 5.76 9.20 -1.88
CA PHE A 18 4.31 9.18 -1.75
C PHE A 18 3.79 10.53 -1.28
N ASN A 19 2.47 10.67 -1.28
CA ASN A 19 1.81 11.85 -0.73
C ASN A 19 2.02 11.93 0.78
N THR A 20 2.08 10.77 1.42
CA THR A 20 2.20 10.71 2.86
C THR A 20 3.02 9.48 3.26
N LYS A 21 3.56 9.50 4.47
CA LYS A 21 4.30 8.37 5.00
C LYS A 21 3.61 7.83 6.24
N ASP A 22 2.41 8.35 6.49
CA ASP A 22 1.58 7.90 7.60
C ASP A 22 0.13 7.81 7.15
N ILE A 23 -0.54 6.73 7.52
CA ILE A 23 -1.96 6.57 7.23
C ILE A 23 -2.72 6.19 8.49
N GLN A 24 -3.80 6.91 8.76
CA GLN A 24 -4.59 6.68 9.96
C GLN A 24 -5.91 6.01 9.61
N VAL A 25 -6.08 4.78 10.07
CA VAL A 25 -7.29 4.04 9.80
C VAL A 25 -8.23 4.11 11.00
N SER A 26 -9.41 4.67 10.78
CA SER A 26 -10.39 4.81 11.84
C SER A 26 -11.15 3.51 12.04
N LYS A 27 -11.09 2.98 13.26
CA LYS A 27 -11.68 1.69 13.60
C LYS A 27 -13.19 1.69 13.45
N ALA A 28 -13.81 2.87 13.56
CA ALA A 28 -15.26 2.99 13.49
C ALA A 28 -15.76 2.94 12.05
N CYS A 29 -14.86 2.65 11.13
CA CYS A 29 -15.21 2.58 9.73
C CYS A 29 -15.36 1.13 9.30
N LYS A 30 -16.34 0.87 8.45
CA LYS A 30 -16.60 -0.46 7.93
C LYS A 30 -15.42 -0.92 7.07
N GLU A 31 -15.02 -0.06 6.14
CA GLU A 31 -13.87 -0.32 5.29
C GLU A 31 -13.06 0.94 5.11
N PHE A 32 -11.76 0.79 4.95
CA PHE A 32 -10.90 1.92 4.68
C PHE A 32 -10.43 1.86 3.24
N THR A 33 -10.83 2.84 2.45
CA THR A 33 -10.54 2.85 1.03
C THR A 33 -9.32 3.71 0.71
N ILE A 34 -8.24 3.05 0.35
CA ILE A 34 -7.02 3.75 -0.02
C ILE A 34 -6.90 3.82 -1.53
N THR A 35 -6.85 5.03 -2.06
CA THR A 35 -6.71 5.23 -3.49
C THR A 35 -5.32 5.75 -3.83
N LEU A 36 -4.61 5.01 -4.67
CA LEU A 36 -3.29 5.41 -5.11
C LEU A 36 -3.37 6.02 -6.50
N LYS A 37 -2.84 7.22 -6.65
CA LYS A 37 -2.80 7.88 -7.94
C LYS A 37 -1.36 8.17 -8.34
N HIS A 38 -0.88 7.46 -9.35
CA HIS A 38 0.49 7.65 -9.81
C HIS A 38 0.56 8.80 -10.81
N THR A 39 0.83 9.98 -10.27
CA THR A 39 0.94 11.20 -11.07
C THR A 39 2.33 11.30 -11.67
N GLY A 40 2.54 10.53 -12.72
CA GLY A 40 3.80 10.55 -13.43
C GLY A 40 3.58 10.18 -14.89
N THR A 41 4.66 10.08 -15.65
CA THR A 41 4.55 9.72 -17.05
C THR A 41 5.41 8.49 -17.38
N GLN A 42 5.85 7.80 -16.35
CA GLN A 42 6.67 6.61 -16.53
C GLN A 42 5.82 5.35 -16.57
N PRO A 43 6.12 4.45 -17.52
CA PRO A 43 5.39 3.18 -17.66
C PRO A 43 5.71 2.23 -16.51
N LYS A 44 4.78 1.32 -16.23
CA LYS A 44 4.85 0.47 -15.04
C LYS A 44 6.02 -0.51 -15.10
N ALA A 45 6.59 -0.70 -16.27
CA ALA A 45 7.77 -1.55 -16.43
C ALA A 45 9.04 -0.79 -16.04
N SER A 46 8.93 0.51 -15.89
CA SER A 46 10.06 1.34 -15.55
C SER A 46 9.91 1.91 -14.14
N MET A 47 8.82 2.64 -13.94
CA MET A 47 8.56 3.27 -12.64
C MET A 47 7.11 3.02 -12.23
N GLY A 48 6.83 1.78 -11.88
CA GLY A 48 5.51 1.41 -11.44
C GLY A 48 5.41 1.44 -9.93
N HIS A 49 4.21 1.69 -9.41
CA HIS A 49 4.03 1.75 -7.97
C HIS A 49 2.78 1.00 -7.54
N ASN A 50 2.78 0.52 -6.31
CA ASN A 50 1.59 -0.02 -5.68
C ASN A 50 1.59 0.35 -4.20
N LEU A 51 0.53 0.02 -3.51
CA LEU A 51 0.47 0.24 -2.07
C LEU A 51 -0.10 -1.00 -1.40
N VAL A 52 0.74 -1.65 -0.60
CA VAL A 52 0.33 -2.84 0.12
C VAL A 52 0.23 -2.56 1.62
N ILE A 53 -0.67 -3.25 2.29
CA ILE A 53 -0.83 -3.12 3.72
C ILE A 53 -0.49 -4.44 4.41
N ALA A 54 0.55 -4.43 5.23
CA ALA A 54 0.96 -5.63 5.94
C ALA A 54 1.58 -5.27 7.30
N LYS A 55 1.84 -6.29 8.11
CA LYS A 55 2.44 -6.09 9.42
C LYS A 55 3.92 -5.76 9.30
N ALA A 56 4.44 -4.99 10.25
CA ALA A 56 5.84 -4.56 10.20
C ALA A 56 6.80 -5.75 10.06
N GLU A 57 6.63 -6.73 10.94
CA GLU A 57 7.51 -7.89 11.00
C GLU A 57 7.34 -8.80 9.77
N ASP A 58 6.15 -8.78 9.19
CA ASP A 58 5.84 -9.69 8.10
C ASP A 58 6.03 -8.99 6.75
N MET A 59 6.42 -7.73 6.80
CA MET A 59 6.57 -6.92 5.59
C MET A 59 7.72 -7.44 4.74
N ASP A 60 8.76 -7.93 5.40
CA ASP A 60 9.95 -8.42 4.71
C ASP A 60 9.61 -9.56 3.77
N GLY A 61 8.74 -10.46 4.23
CA GLY A 61 8.34 -11.60 3.42
C GLY A 61 7.52 -11.17 2.23
N VAL A 62 6.79 -10.08 2.38
CA VAL A 62 5.96 -9.54 1.32
C VAL A 62 6.82 -9.05 0.16
N PHE A 63 7.89 -8.32 0.48
CA PHE A 63 8.80 -7.82 -0.55
C PHE A 63 9.53 -8.96 -1.24
N LYS A 64 9.94 -9.95 -0.44
CA LYS A 64 10.68 -11.09 -0.93
C LYS A 64 9.87 -11.88 -1.96
N ASP A 65 8.63 -12.17 -1.61
CA ASP A 65 7.76 -12.94 -2.50
C ASP A 65 7.33 -12.09 -3.67
N GLY A 66 7.23 -10.78 -3.42
CA GLY A 66 6.81 -9.84 -4.43
C GLY A 66 7.74 -9.82 -5.63
N VAL A 67 9.03 -9.96 -5.37
CA VAL A 67 10.04 -9.96 -6.42
C VAL A 67 9.79 -11.12 -7.40
N GLY A 68 9.37 -12.25 -6.85
CA GLY A 68 9.10 -13.42 -7.67
C GLY A 68 7.66 -13.46 -8.15
N ALA A 69 6.92 -12.38 -7.91
CA ALA A 69 5.52 -12.29 -8.29
C ALA A 69 5.31 -11.19 -9.32
N ALA A 70 6.24 -11.10 -10.26
CA ALA A 70 6.22 -10.06 -11.29
C ALA A 70 4.95 -10.14 -12.13
N ASP A 71 4.39 -11.34 -12.23
CA ASP A 71 3.21 -11.57 -13.05
C ASP A 71 1.94 -11.14 -12.33
N THR A 72 2.04 -10.88 -11.03
CA THR A 72 0.87 -10.48 -10.27
C THR A 72 1.15 -9.23 -9.44
N ASP A 73 1.62 -8.18 -10.13
CA ASP A 73 1.77 -6.85 -9.54
C ASP A 73 2.80 -6.83 -8.42
N TYR A 74 3.72 -7.80 -8.44
CA TYR A 74 4.80 -7.89 -7.46
C TYR A 74 4.26 -8.03 -6.04
N VAL A 75 3.15 -8.75 -5.91
CA VAL A 75 2.56 -9.00 -4.61
C VAL A 75 1.74 -10.28 -4.65
N LYS A 76 1.87 -11.11 -3.63
CA LYS A 76 1.15 -12.38 -3.55
C LYS A 76 -0.27 -12.15 -3.05
N PRO A 77 -1.28 -12.26 -3.94
CA PRO A 77 -2.68 -12.07 -3.58
C PRO A 77 -3.20 -13.12 -2.59
N ASP A 78 -2.59 -14.29 -2.62
CA ASP A 78 -3.02 -15.40 -1.78
C ASP A 78 -2.15 -15.49 -0.52
N ASP A 79 -1.58 -14.37 -0.12
CA ASP A 79 -0.78 -14.33 1.10
C ASP A 79 -1.57 -13.69 2.22
N ALA A 80 -1.45 -14.24 3.42
CA ALA A 80 -2.23 -13.79 4.56
C ALA A 80 -1.58 -12.60 5.26
N ARG A 81 -0.30 -12.37 4.98
CA ARG A 81 0.42 -11.26 5.60
C ARG A 81 -0.05 -9.94 5.02
N VAL A 82 -0.48 -10.00 3.77
CA VAL A 82 -0.97 -8.81 3.09
C VAL A 82 -2.47 -8.65 3.32
N VAL A 83 -2.83 -7.56 3.97
CA VAL A 83 -4.23 -7.27 4.27
C VAL A 83 -4.96 -6.82 3.02
N ALA A 84 -4.32 -5.96 2.26
CA ALA A 84 -4.88 -5.42 1.04
C ALA A 84 -3.78 -4.87 0.16
N HIS A 85 -4.03 -4.78 -1.14
CA HIS A 85 -3.03 -4.27 -2.06
C HIS A 85 -3.69 -3.63 -3.28
N THR A 86 -3.01 -2.66 -3.85
CA THR A 86 -3.42 -2.12 -5.12
C THR A 86 -2.73 -2.91 -6.24
N LYS A 87 -3.04 -2.59 -7.47
CA LYS A 87 -2.34 -3.19 -8.59
C LYS A 87 -1.13 -2.33 -8.95
N LEU A 88 -0.22 -2.90 -9.73
CA LEU A 88 1.01 -2.21 -10.10
C LEU A 88 0.73 -1.26 -11.25
N ILE A 89 0.59 0.01 -10.92
CA ILE A 89 0.14 1.01 -11.88
C ILE A 89 1.28 1.87 -12.39
N GLY A 90 1.16 2.29 -13.65
CA GLY A 90 2.12 3.20 -14.24
C GLY A 90 1.62 4.63 -14.20
N GLY A 91 2.35 5.52 -14.87
CA GLY A 91 1.99 6.92 -14.85
C GLY A 91 0.70 7.20 -15.58
N GLY A 92 -0.31 7.62 -14.84
CA GLY A 92 -1.58 7.95 -15.45
C GLY A 92 -2.70 7.04 -14.99
N GLU A 93 -2.35 5.98 -14.28
CA GLU A 93 -3.34 5.03 -13.79
C GLU A 93 -3.56 5.17 -12.29
N GLU A 94 -4.74 4.75 -11.84
CA GLU A 94 -5.08 4.77 -10.43
C GLU A 94 -5.47 3.36 -9.97
N SER A 95 -5.35 3.11 -8.67
CA SER A 95 -5.76 1.84 -8.09
C SER A 95 -6.15 2.03 -6.63
N SER A 96 -7.19 1.34 -6.19
CA SER A 96 -7.68 1.50 -4.83
C SER A 96 -7.83 0.14 -4.15
N LEU A 97 -7.91 0.16 -2.82
CA LEU A 97 -8.14 -1.05 -2.04
C LEU A 97 -9.02 -0.73 -0.85
N THR A 98 -9.65 -1.76 -0.30
CA THR A 98 -10.44 -1.61 0.92
C THR A 98 -10.01 -2.63 1.95
N LEU A 99 -9.64 -2.15 3.12
CA LEU A 99 -9.22 -3.04 4.20
C LEU A 99 -10.12 -2.82 5.41
N ASP A 100 -10.23 -3.84 6.25
CA ASP A 100 -11.03 -3.73 7.46
C ASP A 100 -10.13 -3.35 8.65
N PRO A 101 -10.58 -2.40 9.47
CA PRO A 101 -9.81 -1.93 10.63
C PRO A 101 -9.66 -2.99 11.71
N ALA A 102 -10.42 -4.07 11.60
CA ALA A 102 -10.39 -5.15 12.57
C ALA A 102 -9.07 -5.91 12.48
N LYS A 103 -8.56 -6.07 11.26
CA LYS A 103 -7.30 -6.77 11.04
C LYS A 103 -6.14 -5.98 11.64
N LEU A 104 -6.26 -4.66 11.64
CA LEU A 104 -5.19 -3.80 12.15
C LEU A 104 -5.26 -3.69 13.67
N ALA A 105 -6.41 -4.04 14.23
CA ALA A 105 -6.60 -4.02 15.66
C ALA A 105 -5.97 -5.25 16.31
N ASP A 106 -4.66 -5.37 16.14
CA ASP A 106 -3.92 -6.53 16.65
C ASP A 106 -2.41 -6.31 16.61
N GLY A 107 -1.94 -5.60 15.60
CA GLY A 107 -0.50 -5.44 15.46
C GLY A 107 -0.09 -4.11 14.86
N ASP A 108 1.20 -3.98 14.60
CA ASP A 108 1.76 -2.78 13.99
C ASP A 108 1.88 -2.96 12.49
N TYR A 109 1.15 -2.14 11.75
CA TYR A 109 1.12 -2.26 10.31
C TYR A 109 1.90 -1.16 9.61
N LYS A 110 2.35 -1.45 8.41
CA LYS A 110 3.04 -0.47 7.58
C LYS A 110 2.63 -0.67 6.13
N PHE A 111 2.72 0.38 5.34
CA PHE A 111 2.37 0.31 3.93
C PHE A 111 3.60 0.55 3.08
N ALA A 112 3.62 0.01 1.87
CA ALA A 112 4.79 0.15 1.02
C ALA A 112 4.50 -0.21 -0.43
N CYS A 113 5.44 0.15 -1.28
CA CYS A 113 5.45 -0.25 -2.67
C CYS A 113 6.34 -1.48 -2.81
N THR A 114 5.81 -2.57 -3.35
CA THR A 114 6.56 -3.83 -3.40
C THR A 114 7.33 -3.99 -4.71
N PHE A 115 7.41 -2.91 -5.49
CA PHE A 115 8.18 -2.93 -6.72
C PHE A 115 9.65 -3.16 -6.40
N PRO A 116 10.33 -4.07 -7.15
CA PRO A 116 11.73 -4.43 -6.88
C PRO A 116 12.66 -3.23 -6.76
N GLY A 117 13.10 -2.97 -5.54
CA GLY A 117 14.00 -1.86 -5.30
C GLY A 117 13.31 -0.70 -4.64
N HIS A 118 12.01 -0.58 -4.84
CA HIS A 118 11.23 0.53 -4.32
C HIS A 118 10.92 0.33 -2.84
N GLY A 119 10.66 -0.92 -2.46
CA GLY A 119 10.19 -1.23 -1.12
C GLY A 119 11.10 -0.75 0.00
N ALA A 120 12.39 -0.69 -0.28
CA ALA A 120 13.37 -0.32 0.74
C ALA A 120 13.27 1.17 1.10
N LEU A 121 12.64 1.95 0.24
CA LEU A 121 12.51 3.38 0.47
C LEU A 121 11.04 3.81 0.54
N MET A 122 10.20 3.21 -0.28
CA MET A 122 8.81 3.62 -0.38
C MET A 122 7.95 2.82 0.60
N ASN A 123 8.09 3.14 1.88
CA ASN A 123 7.28 2.51 2.90
C ASN A 123 7.01 3.49 4.03
N GLY A 124 5.87 3.33 4.66
CA GLY A 124 5.48 4.20 5.75
C GLY A 124 4.65 3.48 6.80
N LYS A 125 4.04 4.24 7.69
CA LYS A 125 3.29 3.67 8.80
C LYS A 125 1.79 3.78 8.56
N VAL A 126 1.06 2.74 8.94
CA VAL A 126 -0.39 2.79 8.92
C VAL A 126 -0.93 2.35 10.28
N THR A 127 -1.56 3.28 10.98
CA THR A 127 -1.95 3.05 12.37
C THR A 127 -3.46 3.09 12.53
N LEU A 128 -3.97 2.21 13.37
CA LEU A 128 -5.39 2.20 13.71
C LEU A 128 -5.67 3.27 14.76
N VAL A 129 -6.61 4.15 14.47
CA VAL A 129 -6.93 5.24 15.39
C VAL A 129 -8.30 5.02 16.01
N ASP A 130 -8.49 5.59 17.19
CA ASP A 130 -9.71 5.42 17.95
C ASP A 130 -10.47 6.74 18.05
CU CU1 B . 7.04 2.00 -6.49
N ALA A 1 -7.54 12.81 11.04
CA ALA A 1 -8.64 13.01 12.02
C ALA A 1 -9.02 11.69 12.69
N THR A 2 -8.87 11.64 14.01
CA THR A 2 -9.27 10.46 14.77
C THR A 2 -10.78 10.24 14.65
N ALA A 3 -11.15 9.11 14.04
CA ALA A 3 -12.55 8.78 13.79
C ALA A 3 -13.20 9.84 12.90
N GLY A 4 -12.46 10.28 11.89
CA GLY A 4 -12.97 11.28 10.97
C GLY A 4 -12.49 11.05 9.55
N ASN A 5 -12.33 9.79 9.18
CA ASN A 5 -11.91 9.44 7.83
C ASN A 5 -12.27 8.00 7.50
N CYS A 6 -12.81 7.78 6.31
CA CYS A 6 -13.18 6.45 5.85
C CYS A 6 -12.42 6.08 4.59
N ALA A 7 -11.83 7.08 3.95
CA ALA A 7 -11.06 6.87 2.74
C ALA A 7 -9.90 7.84 2.66
N ALA A 8 -8.79 7.38 2.10
CA ALA A 8 -7.60 8.19 1.98
C ALA A 8 -7.06 8.18 0.56
N THR A 9 -6.62 9.33 0.10
CA THR A 9 -6.04 9.44 -1.23
C THR A 9 -4.51 9.56 -1.13
N VAL A 10 -3.81 8.66 -1.78
CA VAL A 10 -2.36 8.68 -1.79
C VAL A 10 -1.86 8.75 -3.22
N GLU A 11 -0.96 9.68 -3.47
CA GLU A 11 -0.37 9.80 -4.78
C GLU A 11 1.10 9.42 -4.73
N SER A 12 1.57 8.76 -5.78
CA SER A 12 2.96 8.41 -5.89
C SER A 12 3.52 9.01 -7.18
N ASN A 13 4.68 9.62 -7.11
CA ASN A 13 5.19 10.41 -8.23
C ASN A 13 6.44 9.79 -8.85
N ASP A 14 7.07 10.56 -9.74
CA ASP A 14 8.27 10.10 -10.43
C ASP A 14 9.51 10.35 -9.58
N ASN A 15 9.32 10.80 -8.35
CA ASN A 15 10.43 11.04 -7.43
C ASN A 15 10.61 9.85 -6.51
N MET A 16 9.85 8.79 -6.80
CA MET A 16 9.91 7.53 -6.06
C MET A 16 9.58 7.74 -4.59
N GLN A 17 8.44 8.37 -4.34
CA GLN A 17 7.99 8.63 -2.99
C GLN A 17 6.47 8.78 -2.95
N PHE A 18 5.90 8.50 -1.79
CA PHE A 18 4.47 8.71 -1.56
C PHE A 18 4.23 10.10 -0.99
N ASN A 19 3.02 10.61 -1.19
CA ASN A 19 2.60 11.89 -0.63
C ASN A 19 2.64 11.89 0.89
N THR A 20 2.60 10.71 1.49
CA THR A 20 2.53 10.61 2.94
C THR A 20 3.43 9.50 3.47
N LYS A 21 3.74 9.58 4.75
CA LYS A 21 4.56 8.60 5.45
C LYS A 21 3.74 7.89 6.52
N ASP A 22 2.52 8.36 6.74
CA ASP A 22 1.66 7.83 7.78
C ASP A 22 0.20 7.82 7.33
N ILE A 23 -0.49 6.72 7.59
CA ILE A 23 -1.91 6.61 7.31
C ILE A 23 -2.65 6.13 8.54
N GLN A 24 -3.71 6.83 8.91
CA GLN A 24 -4.49 6.47 10.07
C GLN A 24 -5.83 5.87 9.64
N VAL A 25 -6.12 4.68 10.13
CA VAL A 25 -7.36 4.01 9.79
C VAL A 25 -8.34 4.09 10.95
N SER A 26 -9.47 4.73 10.70
CA SER A 26 -10.50 4.88 11.71
C SER A 26 -11.24 3.57 11.93
N LYS A 27 -11.29 3.12 13.18
CA LYS A 27 -12.03 1.92 13.53
C LYS A 27 -13.53 2.20 13.55
N ALA A 28 -13.88 3.48 13.45
CA ALA A 28 -15.27 3.90 13.37
C ALA A 28 -15.85 3.61 11.99
N CYS A 29 -15.00 3.08 11.12
CA CYS A 29 -15.40 2.71 9.79
C CYS A 29 -15.37 1.20 9.65
N LYS A 30 -16.37 0.66 8.97
CA LYS A 30 -16.43 -0.77 8.72
C LYS A 30 -15.44 -1.14 7.62
N GLU A 31 -15.24 -0.22 6.70
CA GLU A 31 -14.31 -0.40 5.61
C GLU A 31 -13.47 0.85 5.42
N PHE A 32 -12.19 0.68 5.16
CA PHE A 32 -11.33 1.82 4.88
C PHE A 32 -10.77 1.69 3.47
N THR A 33 -11.00 2.71 2.66
CA THR A 33 -10.61 2.67 1.26
C THR A 33 -9.42 3.59 1.01
N ILE A 34 -8.42 3.09 0.31
CA ILE A 34 -7.27 3.88 -0.05
C ILE A 34 -7.13 3.93 -1.56
N THR A 35 -7.10 5.13 -2.10
CA THR A 35 -6.95 5.31 -3.53
C THR A 35 -5.54 5.80 -3.84
N LEU A 36 -4.82 5.02 -4.65
CA LEU A 36 -3.47 5.38 -5.04
C LEU A 36 -3.46 5.83 -6.49
N LYS A 37 -2.87 6.97 -6.76
CA LYS A 37 -2.75 7.46 -8.11
C LYS A 37 -1.31 7.85 -8.40
N HIS A 38 -0.79 7.31 -9.49
CA HIS A 38 0.60 7.54 -9.86
C HIS A 38 0.71 8.82 -10.68
N THR A 39 1.17 9.88 -10.03
CA THR A 39 1.37 11.16 -10.66
C THR A 39 2.69 11.17 -11.45
N GLY A 40 2.83 10.20 -12.33
CA GLY A 40 4.02 10.07 -13.13
C GLY A 40 3.71 9.35 -14.43
N THR A 41 4.13 9.94 -15.54
CA THR A 41 3.81 9.41 -16.85
C THR A 41 4.78 8.29 -17.23
N GLN A 42 5.58 7.86 -16.27
CA GLN A 42 6.54 6.80 -16.50
C GLN A 42 5.86 5.44 -16.44
N PRO A 43 6.13 4.59 -17.44
CA PRO A 43 5.49 3.27 -17.59
C PRO A 43 5.85 2.32 -16.46
N LYS A 44 5.01 1.32 -16.26
CA LYS A 44 5.12 0.42 -15.10
C LYS A 44 6.34 -0.50 -15.20
N ALA A 45 6.90 -0.61 -16.39
CA ALA A 45 8.12 -1.37 -16.59
C ALA A 45 9.34 -0.56 -16.17
N SER A 46 9.19 0.75 -16.12
CA SER A 46 10.28 1.64 -15.80
C SER A 46 10.15 2.18 -14.38
N MET A 47 8.95 2.64 -14.04
CA MET A 47 8.69 3.19 -12.71
C MET A 47 7.23 3.00 -12.35
N GLY A 48 6.90 1.80 -11.90
CA GLY A 48 5.55 1.51 -11.47
C GLY A 48 5.43 1.56 -9.97
N HIS A 49 4.22 1.76 -9.47
CA HIS A 49 4.02 1.84 -8.04
C HIS A 49 2.86 0.95 -7.59
N ASN A 50 2.96 0.48 -6.36
CA ASN A 50 1.94 -0.36 -5.76
C ASN A 50 1.94 -0.15 -4.25
N LEU A 51 0.76 -0.03 -3.65
CA LEU A 51 0.69 0.19 -2.21
C LEU A 51 0.09 -1.03 -1.53
N VAL A 52 0.90 -1.67 -0.70
CA VAL A 52 0.45 -2.84 0.06
C VAL A 52 0.44 -2.53 1.54
N ILE A 53 -0.50 -3.12 2.26
CA ILE A 53 -0.56 -2.99 3.71
C ILE A 53 -0.31 -4.35 4.35
N ALA A 54 0.76 -4.44 5.11
CA ALA A 54 1.16 -5.69 5.73
C ALA A 54 1.78 -5.43 7.10
N LYS A 55 2.05 -6.51 7.82
CA LYS A 55 2.59 -6.43 9.17
C LYS A 55 4.03 -5.95 9.14
N ALA A 56 4.39 -5.08 10.09
CA ALA A 56 5.70 -4.41 10.11
C ALA A 56 6.87 -5.36 9.86
N GLU A 57 6.99 -6.38 10.70
CA GLU A 57 8.13 -7.29 10.63
C GLU A 57 7.91 -8.40 9.63
N ASP A 58 6.76 -8.39 8.96
CA ASP A 58 6.45 -9.41 7.97
C ASP A 58 6.70 -8.88 6.56
N MET A 59 6.98 -7.57 6.49
CA MET A 59 7.25 -6.91 5.21
C MET A 59 8.35 -7.60 4.42
N ASP A 60 9.35 -8.13 5.13
CA ASP A 60 10.44 -8.85 4.50
C ASP A 60 9.91 -10.00 3.64
N GLY A 61 8.97 -10.75 4.19
CA GLY A 61 8.38 -11.85 3.47
C GLY A 61 7.46 -11.38 2.37
N VAL A 62 6.85 -10.23 2.59
CA VAL A 62 5.96 -9.63 1.61
C VAL A 62 6.74 -9.17 0.38
N PHE A 63 7.86 -8.48 0.61
CA PHE A 63 8.71 -8.04 -0.48
C PHE A 63 9.34 -9.24 -1.19
N LYS A 64 9.76 -10.23 -0.42
CA LYS A 64 10.41 -11.41 -0.96
C LYS A 64 9.51 -12.13 -1.96
N ASP A 65 8.30 -12.46 -1.52
CA ASP A 65 7.35 -13.15 -2.39
C ASP A 65 6.70 -12.19 -3.38
N GLY A 66 6.84 -10.91 -3.11
CA GLY A 66 6.30 -9.90 -4.00
C GLY A 66 7.15 -9.71 -5.25
N VAL A 67 8.46 -9.57 -5.04
CA VAL A 67 9.39 -9.46 -6.15
C VAL A 67 9.37 -10.74 -6.98
N GLY A 68 9.12 -11.85 -6.31
CA GLY A 68 9.01 -13.13 -6.99
C GLY A 68 7.60 -13.36 -7.54
N ALA A 69 6.83 -12.29 -7.63
CA ALA A 69 5.48 -12.36 -8.18
C ALA A 69 5.26 -11.22 -9.18
N ALA A 70 6.26 -11.00 -10.02
CA ALA A 70 6.22 -9.92 -11.01
C ALA A 70 5.05 -10.09 -11.97
N ASP A 71 4.67 -11.33 -12.22
CA ASP A 71 3.60 -11.63 -13.18
C ASP A 71 2.22 -11.27 -12.62
N THR A 72 2.17 -10.99 -11.33
CA THR A 72 0.90 -10.68 -10.68
C THR A 72 1.03 -9.47 -9.75
N ASP A 73 1.41 -8.33 -10.34
CA ASP A 73 1.38 -7.04 -9.66
C ASP A 73 2.32 -6.98 -8.46
N TYR A 74 3.30 -7.88 -8.42
CA TYR A 74 4.27 -7.94 -7.33
C TYR A 74 3.58 -8.22 -5.99
N VAL A 75 2.50 -8.99 -6.04
CA VAL A 75 1.82 -9.44 -4.84
C VAL A 75 1.60 -10.93 -4.92
N LYS A 76 1.75 -11.63 -3.81
CA LYS A 76 1.55 -13.07 -3.79
C LYS A 76 0.07 -13.39 -3.60
N PRO A 77 -0.54 -14.07 -4.58
CA PRO A 77 -1.91 -14.55 -4.47
C PRO A 77 -2.07 -15.47 -3.26
N ASP A 78 -2.64 -14.91 -2.20
CA ASP A 78 -2.71 -15.57 -0.90
C ASP A 78 -3.49 -14.70 0.08
N ASP A 79 -3.07 -13.44 0.15
CA ASP A 79 -3.78 -12.39 0.89
C ASP A 79 -3.88 -12.67 2.39
N ALA A 80 -3.02 -13.54 2.91
CA ALA A 80 -3.00 -13.82 4.34
C ALA A 80 -1.98 -12.94 5.03
N ARG A 81 -0.84 -12.73 4.37
CA ARG A 81 0.21 -11.87 4.92
C ARG A 81 -0.01 -10.43 4.47
N VAL A 82 -1.06 -10.23 3.69
CA VAL A 82 -1.39 -8.92 3.16
C VAL A 82 -2.84 -8.58 3.48
N VAL A 83 -3.04 -7.46 4.17
CA VAL A 83 -4.38 -7.04 4.55
C VAL A 83 -5.11 -6.46 3.34
N ALA A 84 -4.39 -5.66 2.57
CA ALA A 84 -4.94 -5.04 1.37
C ALA A 84 -3.81 -4.62 0.44
N HIS A 85 -4.10 -4.59 -0.85
CA HIS A 85 -3.08 -4.23 -1.85
C HIS A 85 -3.73 -3.67 -3.10
N THR A 86 -3.10 -2.65 -3.66
CA THR A 86 -3.52 -2.12 -4.95
C THR A 86 -2.91 -2.95 -6.06
N LYS A 87 -3.18 -2.57 -7.30
CA LYS A 87 -2.55 -3.23 -8.44
C LYS A 87 -1.48 -2.31 -9.03
N LEU A 88 -0.51 -2.91 -9.70
CA LEU A 88 0.65 -2.19 -10.19
C LEU A 88 0.26 -1.19 -11.27
N ILE A 89 0.43 0.08 -10.98
CA ILE A 89 -0.01 1.14 -11.86
C ILE A 89 1.17 1.92 -12.44
N GLY A 90 1.07 2.24 -13.73
CA GLY A 90 2.11 3.02 -14.37
C GLY A 90 1.52 4.04 -15.34
N GLY A 91 2.33 5.00 -15.74
CA GLY A 91 1.93 5.98 -16.74
C GLY A 91 0.75 6.86 -16.32
N GLY A 92 0.51 6.98 -15.03
CA GLY A 92 -0.55 7.85 -14.56
C GLY A 92 -1.81 7.12 -14.14
N GLU A 93 -1.75 5.79 -14.15
CA GLU A 93 -2.90 4.98 -13.75
C GLU A 93 -3.17 5.11 -12.26
N GLU A 94 -4.35 4.63 -11.85
CA GLU A 94 -4.72 4.65 -10.45
C GLU A 94 -5.31 3.29 -10.04
N SER A 95 -5.27 3.02 -8.74
CA SER A 95 -5.82 1.79 -8.20
C SER A 95 -6.20 2.01 -6.73
N SER A 96 -7.18 1.27 -6.26
CA SER A 96 -7.68 1.46 -4.90
C SER A 96 -7.77 0.13 -4.17
N LEU A 97 -7.75 0.20 -2.85
CA LEU A 97 -7.93 -0.99 -2.02
C LEU A 97 -8.91 -0.70 -0.90
N THR A 98 -9.48 -1.74 -0.34
CA THR A 98 -10.37 -1.61 0.79
C THR A 98 -10.00 -2.64 1.85
N LEU A 99 -9.75 -2.17 3.07
CA LEU A 99 -9.23 -3.04 4.12
C LEU A 99 -10.19 -3.13 5.30
N ASP A 100 -10.08 -4.22 6.04
CA ASP A 100 -10.85 -4.43 7.26
C ASP A 100 -10.04 -3.96 8.46
N PRO A 101 -10.48 -2.89 9.13
CA PRO A 101 -9.73 -2.25 10.22
C PRO A 101 -9.55 -3.16 11.44
N ALA A 102 -10.28 -4.26 11.51
CA ALA A 102 -10.14 -5.19 12.61
C ALA A 102 -8.81 -5.93 12.54
N LYS A 103 -8.26 -6.04 11.33
CA LYS A 103 -6.97 -6.67 11.13
C LYS A 103 -5.84 -5.85 11.75
N LEU A 104 -6.04 -4.53 11.76
CA LEU A 104 -5.00 -3.61 12.24
C LEU A 104 -5.06 -3.44 13.75
N ALA A 105 -5.97 -4.16 14.38
CA ALA A 105 -6.10 -4.12 15.83
C ALA A 105 -5.11 -5.08 16.47
N ASP A 106 -4.55 -5.98 15.68
CA ASP A 106 -3.61 -6.97 16.17
C ASP A 106 -2.24 -6.80 15.54
N GLY A 107 -1.59 -5.69 15.87
CA GLY A 107 -0.24 -5.47 15.43
C GLY A 107 -0.06 -4.14 14.74
N ASP A 108 1.19 -3.82 14.45
CA ASP A 108 1.51 -2.59 13.75
C ASP A 108 1.75 -2.89 12.27
N TYR A 109 0.96 -2.26 11.43
CA TYR A 109 1.04 -2.50 10.00
C TYR A 109 1.70 -1.33 9.29
N LYS A 110 2.28 -1.61 8.14
CA LYS A 110 2.91 -0.57 7.34
C LYS A 110 2.45 -0.67 5.90
N PHE A 111 2.66 0.39 5.15
CA PHE A 111 2.35 0.39 3.73
C PHE A 111 3.63 0.61 2.94
N ALA A 112 3.74 -0.04 1.80
CA ALA A 112 4.97 0.04 1.02
C ALA A 112 4.73 -0.30 -0.45
N CYS A 113 5.69 0.08 -1.28
CA CYS A 113 5.67 -0.26 -2.69
C CYS A 113 6.52 -1.51 -2.91
N THR A 114 5.92 -2.58 -3.42
CA THR A 114 6.60 -3.85 -3.55
C THR A 114 7.38 -3.96 -4.86
N PHE A 115 7.50 -2.84 -5.56
CA PHE A 115 8.31 -2.79 -6.77
C PHE A 115 9.78 -2.92 -6.39
N PRO A 116 10.53 -3.79 -7.08
CA PRO A 116 11.95 -4.04 -6.76
C PRO A 116 12.79 -2.77 -6.74
N GLY A 117 13.33 -2.45 -5.57
CA GLY A 117 14.15 -1.26 -5.42
C GLY A 117 13.36 -0.09 -4.89
N HIS A 118 12.05 -0.23 -4.87
CA HIS A 118 11.17 0.85 -4.43
C HIS A 118 10.85 0.73 -2.94
N GLY A 119 10.90 -0.48 -2.41
CA GLY A 119 10.54 -0.71 -1.01
C GLY A 119 11.30 0.18 -0.04
N ALA A 120 12.60 0.37 -0.31
CA ALA A 120 13.45 1.15 0.57
C ALA A 120 13.10 2.64 0.54
N LEU A 121 12.55 3.10 -0.57
CA LEU A 121 12.24 4.51 -0.76
C LEU A 121 10.76 4.80 -0.53
N MET A 122 9.96 3.75 -0.56
CA MET A 122 8.51 3.88 -0.46
C MET A 122 7.94 2.93 0.57
N ASN A 123 8.02 3.33 1.83
CA ASN A 123 7.41 2.59 2.93
C ASN A 123 7.04 3.55 4.05
N GLY A 124 5.92 3.29 4.70
CA GLY A 124 5.47 4.14 5.78
C GLY A 124 4.59 3.39 6.76
N LYS A 125 4.05 4.09 7.75
CA LYS A 125 3.29 3.47 8.81
C LYS A 125 1.78 3.68 8.63
N VAL A 126 1.01 2.63 8.83
CA VAL A 126 -0.44 2.72 8.83
C VAL A 126 -0.99 2.21 10.16
N THR A 127 -1.65 3.08 10.89
CA THR A 127 -2.05 2.78 12.25
C THR A 127 -3.56 2.91 12.43
N LEU A 128 -4.12 2.00 13.23
CA LEU A 128 -5.54 2.06 13.56
C LEU A 128 -5.78 3.10 14.64
N VAL A 129 -6.77 3.96 14.42
CA VAL A 129 -7.09 5.01 15.36
C VAL A 129 -8.53 4.87 15.85
N ASP A 130 -8.79 5.40 17.03
CA ASP A 130 -10.11 5.35 17.64
C ASP A 130 -10.80 6.72 17.56
CU CU1 B . 6.95 2.26 -6.49
N ALA A 1 -11.53 15.12 11.68
CA ALA A 1 -11.53 14.07 12.71
C ALA A 1 -10.50 12.99 12.36
N THR A 2 -9.46 12.89 13.17
CA THR A 2 -8.37 11.95 12.92
C THR A 2 -8.82 10.51 13.19
N ALA A 3 -9.90 10.36 13.94
CA ALA A 3 -10.42 9.04 14.27
C ALA A 3 -11.79 8.85 13.62
N GLY A 4 -11.95 9.39 12.43
CA GLY A 4 -13.21 9.27 11.72
C GLY A 4 -13.04 9.31 10.21
N ASN A 5 -11.88 8.87 9.73
CA ASN A 5 -11.63 8.84 8.29
C ASN A 5 -11.81 7.44 7.75
N CYS A 6 -12.52 7.32 6.63
CA CYS A 6 -12.86 6.02 6.06
C CYS A 6 -12.18 5.80 4.71
N ALA A 7 -11.58 6.86 4.18
CA ALA A 7 -10.94 6.79 2.88
C ALA A 7 -9.79 7.78 2.80
N ALA A 8 -8.77 7.44 2.01
CA ALA A 8 -7.62 8.29 1.84
C ALA A 8 -7.10 8.19 0.40
N THR A 9 -6.55 9.28 -0.10
CA THR A 9 -5.99 9.31 -1.43
C THR A 9 -4.48 9.53 -1.36
N VAL A 10 -3.73 8.64 -1.99
CA VAL A 10 -2.28 8.74 -1.97
C VAL A 10 -1.73 8.93 -3.38
N GLU A 11 -0.89 9.94 -3.55
CA GLU A 11 -0.30 10.22 -4.83
C GLU A 11 1.13 9.68 -4.90
N SER A 12 1.43 8.96 -5.97
CA SER A 12 2.77 8.47 -6.21
C SER A 12 3.32 9.09 -7.49
N ASN A 13 4.57 9.50 -7.46
CA ASN A 13 5.18 10.21 -8.58
C ASN A 13 6.42 9.48 -9.06
N ASP A 14 6.96 9.90 -10.21
CA ASP A 14 8.11 9.22 -10.81
C ASP A 14 9.42 9.61 -10.11
N ASN A 15 9.34 10.42 -9.07
CA ASN A 15 10.50 10.76 -8.26
C ASN A 15 10.65 9.79 -7.09
N MET A 16 9.85 8.73 -7.14
CA MET A 16 9.92 7.64 -6.16
C MET A 16 9.58 8.11 -4.75
N GLN A 17 8.32 8.46 -4.52
CA GLN A 17 7.88 8.86 -3.19
C GLN A 17 6.38 8.72 -3.05
N PHE A 18 5.92 8.61 -1.81
CA PHE A 18 4.50 8.66 -1.51
C PHE A 18 4.15 10.07 -1.03
N ASN A 19 2.94 10.52 -1.35
CA ASN A 19 2.48 11.85 -0.95
C ASN A 19 2.43 11.96 0.57
N THR A 20 2.17 10.84 1.23
CA THR A 20 2.14 10.81 2.68
C THR A 20 3.07 9.70 3.18
N LYS A 21 3.61 9.90 4.38
CA LYS A 21 4.55 8.94 4.95
C LYS A 21 3.86 8.09 6.01
N ASP A 22 2.71 8.55 6.47
CA ASP A 22 1.96 7.84 7.50
C ASP A 22 0.48 7.79 7.14
N ILE A 23 -0.17 6.68 7.43
CA ILE A 23 -1.59 6.53 7.19
C ILE A 23 -2.29 6.06 8.46
N GLN A 24 -3.33 6.76 8.84
CA GLN A 24 -4.10 6.42 10.02
C GLN A 24 -5.45 5.85 9.62
N VAL A 25 -5.74 4.66 10.12
CA VAL A 25 -6.98 3.97 9.80
C VAL A 25 -7.90 3.94 11.01
N SER A 26 -9.08 4.52 10.88
CA SER A 26 -10.04 4.56 11.97
C SER A 26 -10.82 3.25 12.07
N LYS A 27 -10.70 2.60 13.24
CA LYS A 27 -11.37 1.32 13.48
C LYS A 27 -12.89 1.49 13.53
N ALA A 28 -13.32 2.72 13.74
CA ALA A 28 -14.74 3.04 13.79
C ALA A 28 -15.39 2.88 12.42
N CYS A 29 -14.58 2.66 11.41
CA CYS A 29 -15.04 2.46 10.06
C CYS A 29 -15.15 0.97 9.75
N LYS A 30 -16.20 0.59 9.04
CA LYS A 30 -16.42 -0.80 8.68
C LYS A 30 -15.41 -1.23 7.61
N GLU A 31 -15.02 -0.28 6.78
CA GLU A 31 -14.02 -0.54 5.76
C GLU A 31 -13.24 0.74 5.47
N PHE A 32 -11.95 0.59 5.19
CA PHE A 32 -11.11 1.72 4.86
C PHE A 32 -10.59 1.56 3.45
N THR A 33 -10.75 2.60 2.64
CA THR A 33 -10.37 2.54 1.25
C THR A 33 -9.27 3.55 0.95
N ILE A 34 -8.26 3.09 0.21
CA ILE A 34 -7.15 3.95 -0.18
C ILE A 34 -7.02 3.95 -1.69
N THR A 35 -7.03 5.13 -2.27
CA THR A 35 -6.88 5.27 -3.71
C THR A 35 -5.50 5.82 -4.06
N LEU A 36 -4.77 5.07 -4.86
CA LEU A 36 -3.44 5.46 -5.27
C LEU A 36 -3.48 6.11 -6.64
N LYS A 37 -2.97 7.32 -6.73
CA LYS A 37 -2.94 8.05 -7.99
C LYS A 37 -1.49 8.29 -8.41
N HIS A 38 -1.06 7.60 -9.46
CA HIS A 38 0.31 7.72 -9.92
C HIS A 38 0.42 8.78 -11.00
N THR A 39 0.88 9.96 -10.59
CA THR A 39 1.14 11.03 -11.53
C THR A 39 2.47 10.79 -12.23
N GLY A 40 2.57 11.21 -13.48
CA GLY A 40 3.79 11.00 -14.23
C GLY A 40 3.52 10.46 -15.61
N THR A 41 4.57 10.02 -16.30
CA THR A 41 4.44 9.49 -17.65
C THR A 41 5.07 8.10 -17.78
N GLN A 42 6.02 7.78 -16.90
CA GLN A 42 6.75 6.51 -16.97
C GLN A 42 5.80 5.32 -16.82
N PRO A 43 6.02 4.28 -17.65
CA PRO A 43 5.21 3.06 -17.64
C PRO A 43 5.52 2.18 -16.42
N LYS A 44 4.57 1.29 -16.10
CA LYS A 44 4.57 0.53 -14.85
C LYS A 44 5.76 -0.41 -14.72
N ALA A 45 6.31 -0.84 -15.84
CA ALA A 45 7.45 -1.75 -15.82
C ALA A 45 8.75 -1.01 -15.53
N SER A 46 8.74 0.30 -15.72
CA SER A 46 9.92 1.11 -15.51
C SER A 46 9.83 1.83 -14.17
N MET A 47 8.73 2.53 -13.96
CA MET A 47 8.50 3.26 -12.72
C MET A 47 7.07 3.05 -12.25
N GLY A 48 6.80 1.81 -11.88
CA GLY A 48 5.48 1.46 -11.41
C GLY A 48 5.39 1.54 -9.90
N HIS A 49 4.18 1.72 -9.40
CA HIS A 49 3.98 1.84 -7.97
C HIS A 49 2.77 1.04 -7.53
N ASN A 50 2.84 0.52 -6.31
CA ASN A 50 1.68 -0.06 -5.66
C ASN A 50 1.71 0.32 -4.18
N LEU A 51 0.61 0.09 -3.51
CA LEU A 51 0.54 0.35 -2.08
C LEU A 51 -0.02 -0.87 -1.38
N VAL A 52 0.84 -1.55 -0.65
CA VAL A 52 0.43 -2.74 0.09
C VAL A 52 0.40 -2.46 1.58
N ILE A 53 -0.57 -3.03 2.27
CA ILE A 53 -0.65 -2.91 3.71
C ILE A 53 -0.57 -4.27 4.36
N ALA A 54 0.41 -4.44 5.23
CA ALA A 54 0.66 -5.71 5.88
C ALA A 54 1.20 -5.51 7.29
N LYS A 55 1.09 -6.55 8.10
CA LYS A 55 1.59 -6.52 9.46
C LYS A 55 3.11 -6.49 9.45
N ALA A 56 3.68 -5.47 10.10
CA ALA A 56 5.13 -5.16 9.99
C ALA A 56 6.02 -6.38 10.15
N GLU A 57 5.80 -7.12 11.22
CA GLU A 57 6.60 -8.30 11.54
C GLU A 57 6.56 -9.34 10.43
N ASP A 58 5.44 -9.42 9.73
CA ASP A 58 5.24 -10.44 8.71
C ASP A 58 5.40 -9.83 7.32
N MET A 59 5.59 -8.52 7.28
CA MET A 59 5.65 -7.78 6.03
C MET A 59 6.99 -8.00 5.33
N ASP A 60 8.00 -8.35 6.12
CA ASP A 60 9.33 -8.63 5.58
C ASP A 60 9.24 -9.78 4.58
N GLY A 61 8.46 -10.80 4.95
CA GLY A 61 8.24 -11.93 4.08
C GLY A 61 7.40 -11.55 2.87
N VAL A 62 6.69 -10.44 2.97
CA VAL A 62 5.84 -9.98 1.87
C VAL A 62 6.68 -9.42 0.74
N PHE A 63 7.68 -8.60 1.09
CA PHE A 63 8.58 -8.03 0.09
C PHE A 63 9.35 -9.14 -0.62
N LYS A 64 9.93 -10.03 0.15
CA LYS A 64 10.75 -11.12 -0.38
C LYS A 64 9.92 -12.05 -1.26
N ASP A 65 8.70 -12.30 -0.85
CA ASP A 65 7.79 -13.16 -1.61
C ASP A 65 7.29 -12.43 -2.85
N GLY A 66 7.00 -11.15 -2.69
CA GLY A 66 6.42 -10.36 -3.76
C GLY A 66 7.34 -10.17 -4.95
N VAL A 67 8.65 -10.13 -4.68
CA VAL A 67 9.63 -9.97 -5.75
C VAL A 67 9.54 -11.12 -6.75
N GLY A 68 9.19 -12.30 -6.26
CA GLY A 68 9.05 -13.45 -7.12
C GLY A 68 7.76 -13.42 -7.93
N ALA A 69 6.90 -12.47 -7.60
CA ALA A 69 5.60 -12.37 -8.26
C ALA A 69 5.58 -11.17 -9.21
N ALA A 70 6.58 -11.10 -10.07
CA ALA A 70 6.75 -9.98 -10.98
C ALA A 70 5.57 -9.86 -11.95
N ASP A 71 4.98 -10.99 -12.28
CA ASP A 71 3.88 -11.01 -13.25
C ASP A 71 2.56 -10.62 -12.60
N THR A 72 2.49 -10.66 -11.29
CA THR A 72 1.25 -10.35 -10.58
C THR A 72 1.41 -9.12 -9.69
N ASP A 73 1.91 -8.03 -10.29
CA ASP A 73 2.00 -6.73 -9.62
C ASP A 73 2.92 -6.77 -8.40
N TYR A 74 3.83 -7.75 -8.39
CA TYR A 74 4.76 -7.95 -7.28
C TYR A 74 4.03 -8.22 -5.98
N VAL A 75 2.87 -8.87 -6.09
CA VAL A 75 2.13 -9.35 -4.94
C VAL A 75 1.67 -10.77 -5.22
N LYS A 76 1.64 -11.60 -4.20
CA LYS A 76 1.22 -12.98 -4.39
C LYS A 76 -0.29 -13.09 -4.29
N PRO A 77 -0.94 -13.73 -5.27
CA PRO A 77 -2.38 -13.96 -5.25
C PRO A 77 -2.76 -14.97 -4.17
N ASP A 78 -2.62 -14.54 -2.94
CA ASP A 78 -2.83 -15.40 -1.78
C ASP A 78 -3.22 -14.55 -0.59
N ASP A 79 -2.49 -13.45 -0.40
CA ASP A 79 -2.81 -12.43 0.60
C ASP A 79 -3.04 -13.03 1.98
N ALA A 80 -2.04 -13.75 2.48
CA ALA A 80 -2.09 -14.30 3.82
C ALA A 80 -1.53 -13.31 4.82
N ARG A 81 -0.49 -12.59 4.40
CA ARG A 81 0.12 -11.58 5.25
C ARG A 81 -0.33 -10.18 4.82
N VAL A 82 -0.74 -10.07 3.56
CA VAL A 82 -1.19 -8.81 3.01
C VAL A 82 -2.68 -8.62 3.27
N VAL A 83 -3.02 -7.46 3.83
CA VAL A 83 -4.41 -7.15 4.11
C VAL A 83 -5.07 -6.53 2.88
N ALA A 84 -4.32 -5.68 2.19
CA ALA A 84 -4.84 -5.02 1.00
C ALA A 84 -3.68 -4.56 0.12
N HIS A 85 -3.92 -4.51 -1.18
CA HIS A 85 -2.88 -4.12 -2.13
C HIS A 85 -3.49 -3.56 -3.41
N THR A 86 -2.85 -2.55 -3.97
CA THR A 86 -3.23 -2.03 -5.26
C THR A 86 -2.45 -2.75 -6.36
N LYS A 87 -2.87 -2.57 -7.60
CA LYS A 87 -2.18 -3.16 -8.74
C LYS A 87 -1.16 -2.16 -9.31
N LEU A 88 -0.21 -2.68 -10.08
CA LEU A 88 0.84 -1.83 -10.66
C LEU A 88 0.25 -0.86 -11.66
N ILE A 89 0.34 0.41 -11.34
CA ILE A 89 -0.21 1.46 -12.19
C ILE A 89 0.91 2.33 -12.76
N GLY A 90 0.78 2.66 -14.04
CA GLY A 90 1.75 3.51 -14.71
C GLY A 90 1.41 4.98 -14.55
N GLY A 91 2.16 5.83 -15.24
CA GLY A 91 1.95 7.26 -15.14
C GLY A 91 0.59 7.69 -15.68
N GLY A 92 -0.26 8.14 -14.77
CA GLY A 92 -1.59 8.60 -15.17
C GLY A 92 -2.68 7.70 -14.64
N GLU A 93 -2.30 6.50 -14.24
CA GLU A 93 -3.27 5.50 -13.80
C GLU A 93 -3.58 5.64 -12.31
N GLU A 94 -4.59 4.91 -11.86
CA GLU A 94 -5.02 4.92 -10.47
C GLU A 94 -5.69 3.61 -10.11
N SER A 95 -5.54 3.21 -8.86
CA SER A 95 -6.19 2.00 -8.36
C SER A 95 -6.38 2.12 -6.85
N SER A 96 -7.44 1.50 -6.34
CA SER A 96 -7.78 1.62 -4.94
C SER A 96 -7.85 0.25 -4.27
N LEU A 97 -7.72 0.24 -2.96
CA LEU A 97 -7.86 -0.97 -2.17
C LEU A 97 -8.80 -0.74 -1.01
N THR A 98 -9.30 -1.80 -0.42
CA THR A 98 -10.20 -1.70 0.72
C THR A 98 -9.87 -2.77 1.76
N LEU A 99 -9.80 -2.37 3.02
CA LEU A 99 -9.42 -3.28 4.10
C LEU A 99 -10.31 -3.08 5.32
N ASP A 100 -10.31 -4.08 6.20
CA ASP A 100 -11.06 -4.02 7.45
C ASP A 100 -10.16 -3.59 8.59
N PRO A 101 -10.41 -2.40 9.17
CA PRO A 101 -9.63 -1.86 10.29
C PRO A 101 -9.52 -2.81 11.46
N ALA A 102 -10.50 -3.70 11.62
CA ALA A 102 -10.53 -4.64 12.73
C ALA A 102 -9.30 -5.55 12.71
N LYS A 103 -8.79 -5.82 11.51
CA LYS A 103 -7.66 -6.72 11.35
C LYS A 103 -6.35 -6.02 11.73
N LEU A 104 -6.34 -4.69 11.61
CA LEU A 104 -5.14 -3.92 11.88
C LEU A 104 -5.00 -3.61 13.37
N ALA A 105 -6.02 -3.97 14.12
CA ALA A 105 -6.04 -3.72 15.55
C ALA A 105 -5.19 -4.73 16.32
N ASP A 106 -4.63 -5.70 15.60
CA ASP A 106 -3.84 -6.75 16.22
C ASP A 106 -2.38 -6.36 16.40
N GLY A 107 -1.95 -5.31 15.69
CA GLY A 107 -0.55 -4.93 15.77
C GLY A 107 -0.22 -3.73 14.90
N ASP A 108 1.08 -3.57 14.61
CA ASP A 108 1.53 -2.45 13.80
C ASP A 108 1.65 -2.85 12.34
N TYR A 109 0.92 -2.15 11.50
CA TYR A 109 0.90 -2.44 10.07
C TYR A 109 1.67 -1.36 9.32
N LYS A 110 2.17 -1.72 8.15
CA LYS A 110 2.91 -0.78 7.33
C LYS A 110 2.33 -0.73 5.93
N PHE A 111 2.67 0.32 5.20
CA PHE A 111 2.32 0.41 3.80
C PHE A 111 3.58 0.68 3.00
N ALA A 112 3.68 0.09 1.82
CA ALA A 112 4.89 0.23 1.03
C ALA A 112 4.65 -0.14 -0.43
N CYS A 113 5.62 0.20 -1.26
CA CYS A 113 5.63 -0.19 -2.65
C CYS A 113 6.56 -1.40 -2.81
N THR A 114 6.03 -2.52 -3.26
CA THR A 114 6.80 -3.77 -3.29
C THR A 114 7.62 -3.90 -4.58
N PHE A 115 7.61 -2.85 -5.39
CA PHE A 115 8.41 -2.83 -6.61
C PHE A 115 9.90 -2.87 -6.23
N PRO A 116 10.66 -3.84 -6.79
CA PRO A 116 12.09 -4.01 -6.47
C PRO A 116 12.89 -2.73 -6.68
N GLY A 117 13.41 -2.20 -5.58
CA GLY A 117 14.15 -0.96 -5.64
C GLY A 117 13.35 0.21 -5.13
N HIS A 118 12.10 -0.05 -4.79
CA HIS A 118 11.19 1.00 -4.34
C HIS A 118 10.89 0.89 -2.84
N GLY A 119 10.93 -0.33 -2.31
CA GLY A 119 10.53 -0.56 -0.93
C GLY A 119 11.47 0.04 0.08
N ALA A 120 12.67 0.41 -0.33
CA ALA A 120 13.66 0.96 0.59
C ALA A 120 13.32 2.38 0.98
N LEU A 121 12.72 3.13 0.06
CA LEU A 121 12.33 4.51 0.35
C LEU A 121 10.81 4.61 0.49
N MET A 122 10.09 3.93 -0.38
CA MET A 122 8.64 3.98 -0.39
C MET A 122 8.05 3.03 0.63
N ASN A 123 8.14 3.42 1.90
CA ASN A 123 7.58 2.65 3.00
C ASN A 123 7.18 3.57 4.13
N GLY A 124 6.08 3.23 4.79
CA GLY A 124 5.61 4.01 5.92
C GLY A 124 4.75 3.19 6.85
N LYS A 125 4.20 3.82 7.87
CA LYS A 125 3.42 3.09 8.88
C LYS A 125 1.93 3.35 8.73
N VAL A 126 1.16 2.29 8.93
CA VAL A 126 -0.29 2.39 8.96
C VAL A 126 -0.76 2.22 10.39
N THR A 127 -1.29 3.28 10.96
CA THR A 127 -1.65 3.28 12.35
C THR A 127 -3.15 3.05 12.52
N LEU A 128 -3.50 2.04 13.30
CA LEU A 128 -4.89 1.73 13.58
C LEU A 128 -5.37 2.58 14.74
N VAL A 129 -6.21 3.55 14.44
CA VAL A 129 -6.68 4.50 15.44
C VAL A 129 -8.14 4.25 15.78
N ASP A 130 -8.65 4.95 16.78
CA ASP A 130 -10.04 4.81 17.20
C ASP A 130 -10.99 5.41 16.18
CU CU1 B . 6.95 2.28 -6.45
N ALA A 1 -11.17 12.98 10.72
CA ALA A 1 -10.77 11.62 10.29
C ALA A 1 -11.61 10.55 10.99
N THR A 2 -11.59 10.57 12.32
CA THR A 2 -12.28 9.58 13.14
C THR A 2 -13.78 9.53 12.83
N ALA A 3 -14.24 8.37 12.35
CA ALA A 3 -15.65 8.15 12.03
C ALA A 3 -16.14 9.11 10.94
N GLY A 4 -15.20 9.66 10.18
CA GLY A 4 -15.57 10.57 9.11
C GLY A 4 -14.94 10.17 7.80
N ASN A 5 -13.66 9.81 7.85
CA ASN A 5 -12.95 9.39 6.66
C ASN A 5 -12.96 7.87 6.53
N CYS A 6 -13.67 7.38 5.53
CA CYS A 6 -13.67 5.95 5.24
C CYS A 6 -12.81 5.67 4.01
N ALA A 7 -12.09 6.70 3.59
CA ALA A 7 -11.22 6.60 2.42
C ALA A 7 -10.02 7.51 2.58
N ALA A 8 -8.98 7.22 1.82
CA ALA A 8 -7.78 8.05 1.81
C ALA A 8 -7.16 8.04 0.42
N THR A 9 -6.66 9.19 -0.01
CA THR A 9 -6.04 9.29 -1.32
C THR A 9 -4.54 9.52 -1.20
N VAL A 10 -3.77 8.60 -1.74
CA VAL A 10 -2.32 8.70 -1.71
C VAL A 10 -1.80 8.94 -3.12
N GLU A 11 -0.79 9.78 -3.25
CA GLU A 11 -0.23 10.10 -4.55
C GLU A 11 1.20 9.61 -4.66
N SER A 12 1.50 8.97 -5.77
CA SER A 12 2.85 8.53 -6.06
C SER A 12 3.35 9.20 -7.33
N ASN A 13 4.58 9.67 -7.32
CA ASN A 13 5.13 10.42 -8.43
C ASN A 13 6.30 9.68 -9.08
N ASP A 14 6.77 10.19 -10.22
CA ASP A 14 7.88 9.60 -10.95
C ASP A 14 9.20 9.78 -10.20
N ASN A 15 9.16 10.54 -9.10
CA ASN A 15 10.35 10.83 -8.33
C ASN A 15 10.54 9.80 -7.22
N MET A 16 9.83 8.69 -7.35
CA MET A 16 9.95 7.53 -6.45
C MET A 16 9.66 7.89 -5.00
N GLN A 17 8.45 8.34 -4.73
CA GLN A 17 8.05 8.62 -3.36
C GLN A 17 6.54 8.80 -3.25
N PHE A 18 6.04 8.57 -2.04
CA PHE A 18 4.65 8.84 -1.72
C PHE A 18 4.55 10.25 -1.16
N ASN A 19 3.39 10.88 -1.30
CA ASN A 19 3.18 12.23 -0.79
C ASN A 19 2.95 12.22 0.72
N THR A 20 2.87 11.02 1.29
CA THR A 20 2.69 10.87 2.72
C THR A 20 3.32 9.55 3.20
N LYS A 21 3.80 9.55 4.43
CA LYS A 21 4.37 8.34 5.03
C LYS A 21 3.52 7.90 6.22
N ASP A 22 2.35 8.51 6.39
CA ASP A 22 1.47 8.19 7.50
C ASP A 22 0.03 8.02 7.03
N ILE A 23 -0.58 6.90 7.38
CA ILE A 23 -1.99 6.66 7.12
C ILE A 23 -2.65 6.12 8.38
N GLN A 24 -3.71 6.78 8.82
CA GLN A 24 -4.44 6.36 9.99
C GLN A 24 -5.78 5.76 9.60
N VAL A 25 -6.01 4.54 10.03
CA VAL A 25 -7.27 3.87 9.74
C VAL A 25 -8.15 3.89 10.98
N SER A 26 -9.29 4.54 10.86
CA SER A 26 -10.19 4.70 11.99
C SER A 26 -10.99 3.42 12.22
N LYS A 27 -10.88 2.88 13.43
CA LYS A 27 -11.62 1.66 13.80
C LYS A 27 -13.09 1.96 14.00
N ALA A 28 -13.45 3.24 13.87
CA ALA A 28 -14.84 3.66 13.98
C ALA A 28 -15.54 3.47 12.64
N CYS A 29 -14.78 3.06 11.64
CA CYS A 29 -15.31 2.79 10.32
C CYS A 29 -15.26 1.30 10.04
N LYS A 30 -16.24 0.80 9.30
CA LYS A 30 -16.31 -0.62 8.98
C LYS A 30 -15.56 -0.93 7.68
N GLU A 31 -15.49 0.06 6.80
CA GLU A 31 -14.77 -0.10 5.54
C GLU A 31 -13.90 1.12 5.28
N PHE A 32 -12.63 0.87 5.01
CA PHE A 32 -11.69 1.94 4.70
C PHE A 32 -11.03 1.68 3.36
N THR A 33 -11.17 2.62 2.45
CA THR A 33 -10.64 2.47 1.11
C THR A 33 -9.46 3.41 0.87
N ILE A 34 -8.38 2.87 0.34
CA ILE A 34 -7.22 3.67 0.01
C ILE A 34 -7.05 3.74 -1.50
N THR A 35 -7.03 4.96 -2.02
CA THR A 35 -6.90 5.16 -3.45
C THR A 35 -5.52 5.73 -3.78
N LEU A 36 -4.81 5.05 -4.67
CA LEU A 36 -3.47 5.46 -5.06
C LEU A 36 -3.51 6.11 -6.43
N LYS A 37 -3.03 7.35 -6.50
CA LYS A 37 -2.95 8.07 -7.76
C LYS A 37 -1.49 8.23 -8.16
N HIS A 38 -1.09 7.53 -9.21
CA HIS A 38 0.28 7.66 -9.68
C HIS A 38 0.38 8.83 -10.65
N THR A 39 0.70 9.98 -10.11
CA THR A 39 0.92 11.17 -10.90
C THR A 39 2.29 11.09 -11.56
N GLY A 40 2.31 11.12 -12.88
CA GLY A 40 3.55 11.00 -13.61
C GLY A 40 3.33 10.50 -15.02
N THR A 41 4.41 10.26 -15.74
CA THR A 41 4.34 9.83 -17.13
C THR A 41 5.36 8.73 -17.43
N GLN A 42 5.74 7.99 -16.41
CA GLN A 42 6.70 6.90 -16.58
C GLN A 42 6.00 5.54 -16.58
N PRO A 43 6.53 4.58 -17.36
CA PRO A 43 5.94 3.24 -17.50
C PRO A 43 6.13 2.38 -16.25
N LYS A 44 5.16 1.50 -16.00
CA LYS A 44 5.11 0.69 -14.79
C LYS A 44 6.24 -0.35 -14.76
N ALA A 45 6.89 -0.54 -15.89
CA ALA A 45 7.97 -1.51 -16.01
C ALA A 45 9.16 -1.13 -15.13
N SER A 46 9.36 0.16 -14.93
CA SER A 46 10.50 0.63 -14.16
C SER A 46 10.05 1.61 -13.07
N MET A 47 9.04 2.41 -13.38
CA MET A 47 8.52 3.38 -12.42
C MET A 47 7.06 3.06 -12.10
N GLY A 48 6.83 1.80 -11.79
CA GLY A 48 5.52 1.37 -11.37
C GLY A 48 5.40 1.45 -9.87
N HIS A 49 4.19 1.66 -9.38
CA HIS A 49 3.98 1.75 -7.94
C HIS A 49 2.80 0.90 -7.51
N ASN A 50 2.89 0.39 -6.30
CA ASN A 50 1.83 -0.42 -5.71
C ASN A 50 1.81 -0.20 -4.20
N LEU A 51 0.64 -0.02 -3.64
CA LEU A 51 0.51 0.20 -2.21
C LEU A 51 -0.06 -1.05 -1.55
N VAL A 52 0.75 -1.70 -0.75
CA VAL A 52 0.33 -2.90 -0.03
C VAL A 52 0.22 -2.61 1.46
N ILE A 53 -0.75 -3.25 2.11
CA ILE A 53 -0.94 -3.11 3.55
C ILE A 53 -0.61 -4.42 4.24
N ALA A 54 0.38 -4.38 5.12
CA ALA A 54 0.81 -5.57 5.85
C ALA A 54 1.51 -5.16 7.15
N LYS A 55 1.77 -6.13 8.01
CA LYS A 55 2.47 -5.86 9.26
C LYS A 55 3.93 -5.50 9.01
N ALA A 56 4.47 -4.61 9.83
CA ALA A 56 5.85 -4.18 9.67
C ALA A 56 6.81 -5.36 9.61
N GLU A 57 6.73 -6.22 10.61
CA GLU A 57 7.63 -7.37 10.72
C GLU A 57 7.35 -8.41 9.64
N ASP A 58 6.21 -8.30 8.98
CA ASP A 58 5.79 -9.29 8.00
C ASP A 58 6.10 -8.80 6.60
N MET A 59 6.50 -7.54 6.50
CA MET A 59 6.86 -6.93 5.22
C MET A 59 7.99 -7.69 4.54
N ASP A 60 8.89 -8.25 5.34
CA ASP A 60 10.02 -9.02 4.80
C ASP A 60 9.52 -10.17 3.95
N GLY A 61 8.49 -10.86 4.43
CA GLY A 61 7.92 -11.96 3.67
C GLY A 61 7.16 -11.48 2.46
N VAL A 62 6.59 -10.28 2.56
CA VAL A 62 5.85 -9.70 1.47
C VAL A 62 6.78 -9.29 0.33
N PHE A 63 7.87 -8.62 0.67
CA PHE A 63 8.85 -8.19 -0.32
C PHE A 63 9.54 -9.39 -0.96
N LYS A 64 9.94 -10.36 -0.14
CA LYS A 64 10.67 -11.53 -0.61
C LYS A 64 9.88 -12.30 -1.66
N ASP A 65 8.65 -12.68 -1.30
CA ASP A 65 7.79 -13.43 -2.21
C ASP A 65 7.21 -12.53 -3.28
N GLY A 66 7.28 -11.22 -3.02
CA GLY A 66 6.73 -10.25 -3.94
C GLY A 66 7.57 -10.11 -5.19
N VAL A 67 8.88 -10.06 -5.00
CA VAL A 67 9.82 -9.91 -6.12
C VAL A 67 9.65 -11.05 -7.13
N GLY A 68 9.23 -12.21 -6.63
CA GLY A 68 9.01 -13.35 -7.50
C GLY A 68 7.60 -13.43 -8.04
N ALA A 69 6.81 -12.39 -7.80
CA ALA A 69 5.42 -12.35 -8.26
C ALA A 69 5.17 -11.11 -9.10
N ALA A 70 6.00 -10.93 -10.13
CA ALA A 70 5.96 -9.74 -10.97
C ALA A 70 4.58 -9.56 -11.61
N ASP A 71 3.96 -10.66 -12.00
CA ASP A 71 2.68 -10.61 -12.69
C ASP A 71 1.54 -10.31 -11.72
N THR A 72 1.78 -10.51 -10.43
CA THR A 72 0.75 -10.31 -9.42
C THR A 72 1.08 -9.11 -8.54
N ASP A 73 1.41 -7.99 -9.19
CA ASP A 73 1.66 -6.71 -8.50
C ASP A 73 2.79 -6.81 -7.50
N TYR A 74 3.64 -7.82 -7.66
CA TYR A 74 4.74 -8.08 -6.74
C TYR A 74 4.21 -8.33 -5.32
N VAL A 75 3.11 -9.05 -5.22
CA VAL A 75 2.60 -9.51 -3.93
C VAL A 75 2.38 -11.01 -3.98
N LYS A 76 2.57 -11.67 -2.84
CA LYS A 76 2.38 -13.12 -2.76
C LYS A 76 0.90 -13.47 -2.92
N PRO A 77 0.59 -14.37 -3.88
CA PRO A 77 -0.80 -14.78 -4.15
C PRO A 77 -1.50 -15.42 -2.96
N ASP A 78 -0.75 -15.73 -1.91
CA ASP A 78 -1.32 -16.23 -0.68
C ASP A 78 -1.66 -15.06 0.24
N ASP A 79 -2.95 -14.80 0.40
CA ASP A 79 -3.42 -13.67 1.19
C ASP A 79 -3.29 -13.93 2.68
N ALA A 80 -2.12 -14.35 3.10
CA ALA A 80 -1.84 -14.57 4.51
C ALA A 80 -1.00 -13.43 5.06
N ARG A 81 -0.19 -12.83 4.20
CA ARG A 81 0.66 -11.71 4.58
C ARG A 81 0.07 -10.39 4.11
N VAL A 82 -0.69 -10.46 3.04
CA VAL A 82 -1.29 -9.28 2.44
C VAL A 82 -2.76 -9.19 2.82
N VAL A 83 -3.14 -8.11 3.49
CA VAL A 83 -4.53 -7.89 3.84
C VAL A 83 -5.23 -7.08 2.75
N ALA A 84 -4.45 -6.29 2.03
CA ALA A 84 -4.97 -5.48 0.92
C ALA A 84 -3.82 -4.94 0.07
N HIS A 85 -4.08 -4.78 -1.22
CA HIS A 85 -3.07 -4.24 -2.13
C HIS A 85 -3.73 -3.63 -3.35
N THR A 86 -3.07 -2.63 -3.93
CA THR A 86 -3.50 -2.06 -5.18
C THR A 86 -2.89 -2.82 -6.35
N LYS A 87 -3.16 -2.37 -7.57
CA LYS A 87 -2.53 -2.95 -8.74
C LYS A 87 -1.33 -2.11 -9.14
N LEU A 88 -0.35 -2.74 -9.78
CA LEU A 88 0.80 -2.04 -10.32
C LEU A 88 0.35 -1.04 -11.38
N ILE A 89 0.43 0.23 -11.05
CA ILE A 89 -0.05 1.27 -11.93
C ILE A 89 1.09 2.10 -12.49
N GLY A 90 1.01 2.39 -13.79
CA GLY A 90 1.97 3.25 -14.43
C GLY A 90 1.61 4.72 -14.30
N GLY A 91 2.36 5.57 -14.98
CA GLY A 91 2.12 7.00 -14.90
C GLY A 91 0.75 7.40 -15.42
N GLY A 92 -0.03 8.05 -14.58
CA GLY A 92 -1.35 8.53 -15.00
C GLY A 92 -2.45 7.55 -14.65
N GLU A 93 -2.07 6.46 -14.00
CA GLU A 93 -3.03 5.43 -13.62
C GLU A 93 -3.34 5.48 -12.12
N GLU A 94 -4.39 4.79 -11.73
CA GLU A 94 -4.84 4.79 -10.34
C GLU A 94 -5.37 3.41 -9.95
N SER A 95 -5.31 3.12 -8.66
CA SER A 95 -5.82 1.86 -8.15
C SER A 95 -6.20 2.03 -6.69
N SER A 96 -7.20 1.28 -6.24
CA SER A 96 -7.71 1.42 -4.89
C SER A 96 -7.84 0.07 -4.20
N LEU A 97 -7.85 0.09 -2.88
CA LEU A 97 -8.08 -1.12 -2.08
C LEU A 97 -9.00 -0.78 -0.92
N THR A 98 -9.69 -1.78 -0.38
CA THR A 98 -10.54 -1.58 0.77
C THR A 98 -10.26 -2.67 1.80
N LEU A 99 -10.08 -2.27 3.04
CA LEU A 99 -9.71 -3.22 4.09
C LEU A 99 -10.59 -3.05 5.33
N ASP A 100 -10.70 -4.13 6.10
CA ASP A 100 -11.39 -4.10 7.37
C ASP A 100 -10.42 -3.64 8.46
N PRO A 101 -10.73 -2.50 9.12
CA PRO A 101 -9.84 -1.89 10.13
C PRO A 101 -9.41 -2.85 11.24
N ALA A 102 -10.26 -3.78 11.60
CA ALA A 102 -9.95 -4.74 12.65
C ALA A 102 -8.86 -5.71 12.23
N LYS A 103 -8.56 -5.73 10.94
CA LYS A 103 -7.51 -6.57 10.40
C LYS A 103 -6.15 -5.89 10.52
N LEU A 104 -6.16 -4.68 11.08
CA LEU A 104 -4.92 -3.95 11.32
C LEU A 104 -4.66 -3.81 12.82
N ALA A 105 -5.31 -4.67 13.59
CA ALA A 105 -5.19 -4.63 15.04
C ALA A 105 -4.13 -5.61 15.54
N ASP A 106 -3.48 -6.30 14.61
CA ASP A 106 -2.48 -7.30 14.98
C ASP A 106 -1.10 -6.67 15.15
N GLY A 107 -1.05 -5.37 15.36
CA GLY A 107 0.22 -4.73 15.65
C GLY A 107 0.49 -3.52 14.78
N ASP A 108 1.76 -3.27 14.51
CA ASP A 108 2.17 -2.14 13.68
C ASP A 108 2.15 -2.52 12.22
N TYR A 109 1.36 -1.79 11.45
CA TYR A 109 1.26 -2.04 10.03
C TYR A 109 1.98 -0.97 9.24
N LYS A 110 2.41 -1.33 8.05
CA LYS A 110 3.07 -0.40 7.17
C LYS A 110 2.44 -0.49 5.80
N PHE A 111 2.57 0.58 5.04
CA PHE A 111 2.20 0.57 3.65
C PHE A 111 3.45 0.80 2.84
N ALA A 112 3.63 0.03 1.79
CA ALA A 112 4.86 0.09 1.04
C ALA A 112 4.64 -0.27 -0.41
N CYS A 113 5.59 0.13 -1.24
CA CYS A 113 5.60 -0.23 -2.63
C CYS A 113 6.47 -1.48 -2.81
N THR A 114 5.86 -2.57 -3.24
CA THR A 114 6.55 -3.85 -3.32
C THR A 114 7.35 -4.00 -4.61
N PHE A 115 7.45 -2.90 -5.37
CA PHE A 115 8.24 -2.90 -6.59
C PHE A 115 9.72 -3.03 -6.24
N PRO A 116 10.44 -3.96 -6.90
CA PRO A 116 11.85 -4.23 -6.60
C PRO A 116 12.72 -2.99 -6.62
N GLY A 117 13.26 -2.63 -5.46
CA GLY A 117 14.11 -1.46 -5.36
C GLY A 117 13.36 -0.28 -4.79
N HIS A 118 12.04 -0.32 -4.87
CA HIS A 118 11.20 0.77 -4.39
C HIS A 118 10.94 0.63 -2.89
N GLY A 119 10.71 -0.60 -2.44
CA GLY A 119 10.33 -0.85 -1.05
C GLY A 119 11.38 -0.40 -0.05
N ALA A 120 12.61 -0.25 -0.48
CA ALA A 120 13.70 0.15 0.40
C ALA A 120 13.49 1.58 0.91
N LEU A 121 12.78 2.38 0.14
CA LEU A 121 12.52 3.77 0.52
C LEU A 121 11.02 4.06 0.59
N MET A 122 10.26 3.50 -0.34
CA MET A 122 8.83 3.73 -0.42
C MET A 122 8.07 2.88 0.56
N ASN A 123 8.09 3.31 1.82
CA ASN A 123 7.34 2.65 2.87
C ASN A 123 6.99 3.64 3.96
N GLY A 124 5.83 3.46 4.56
CA GLY A 124 5.39 4.33 5.62
C GLY A 124 4.58 3.59 6.67
N LYS A 125 3.99 4.32 7.60
CA LYS A 125 3.26 3.71 8.70
C LYS A 125 1.76 3.84 8.51
N VAL A 126 1.05 2.73 8.65
CA VAL A 126 -0.40 2.75 8.63
C VAL A 126 -0.90 2.16 9.94
N THR A 127 -1.60 2.98 10.71
CA THR A 127 -1.95 2.61 12.07
C THR A 127 -3.46 2.62 12.27
N LEU A 128 -3.95 1.62 12.98
CA LEU A 128 -5.34 1.58 13.38
C LEU A 128 -5.57 2.53 14.55
N VAL A 129 -6.42 3.52 14.35
CA VAL A 129 -6.66 4.54 15.36
C VAL A 129 -8.11 4.55 15.78
N ASP A 130 -8.37 5.18 16.91
CA ASP A 130 -9.74 5.30 17.44
C ASP A 130 -10.11 6.76 17.59
CU CU1 B . 6.95 2.21 -6.42
N ALA A 1 -8.79 14.78 10.78
CA ALA A 1 -7.38 14.33 10.87
C ALA A 1 -7.30 12.87 11.30
N THR A 2 -8.02 12.52 12.35
CA THR A 2 -8.01 11.16 12.85
C THR A 2 -9.40 10.74 13.33
N ALA A 3 -9.62 9.42 13.40
CA ALA A 3 -10.86 8.83 13.92
C ALA A 3 -12.03 8.95 12.94
N GLY A 4 -11.94 9.86 11.99
CA GLY A 4 -13.02 10.04 11.03
C GLY A 4 -12.58 9.74 9.61
N ASN A 5 -11.59 8.89 9.45
CA ASN A 5 -11.09 8.55 8.13
C ASN A 5 -11.68 7.23 7.65
N CYS A 6 -12.49 7.30 6.61
CA CYS A 6 -13.06 6.11 6.00
C CYS A 6 -12.37 5.86 4.66
N ALA A 7 -11.73 6.89 4.14
CA ALA A 7 -11.03 6.80 2.87
C ALA A 7 -9.88 7.78 2.82
N ALA A 8 -8.79 7.38 2.20
CA ALA A 8 -7.61 8.23 2.10
C ALA A 8 -6.99 8.11 0.71
N THR A 9 -6.37 9.18 0.25
CA THR A 9 -5.72 9.18 -1.04
C THR A 9 -4.23 9.49 -0.89
N VAL A 10 -3.41 8.77 -1.64
CA VAL A 10 -1.98 8.99 -1.63
C VAL A 10 -1.45 9.05 -3.06
N GLU A 11 -0.59 10.02 -3.31
CA GLU A 11 -0.03 10.22 -4.63
C GLU A 11 1.40 9.71 -4.69
N SER A 12 1.75 9.11 -5.82
CA SER A 12 3.10 8.64 -6.06
C SER A 12 3.63 9.25 -7.36
N ASN A 13 4.87 9.72 -7.33
CA ASN A 13 5.43 10.41 -8.48
C ASN A 13 6.63 9.65 -9.04
N ASP A 14 7.33 10.25 -9.99
CA ASP A 14 8.45 9.59 -10.66
C ASP A 14 9.75 9.76 -9.86
N ASN A 15 9.62 10.28 -8.64
CA ASN A 15 10.79 10.51 -7.80
C ASN A 15 10.89 9.43 -6.72
N MET A 16 10.09 8.38 -6.90
CA MET A 16 10.11 7.21 -6.02
C MET A 16 9.71 7.60 -4.59
N GLN A 17 8.57 8.24 -4.44
CA GLN A 17 8.09 8.62 -3.12
C GLN A 17 6.57 8.71 -3.09
N PHE A 18 6.02 8.59 -1.90
CA PHE A 18 4.62 8.88 -1.66
C PHE A 18 4.53 10.25 -1.00
N ASN A 19 3.40 10.93 -1.16
CA ASN A 19 3.23 12.25 -0.55
C ASN A 19 2.78 12.15 0.90
N THR A 20 2.98 10.98 1.49
CA THR A 20 2.70 10.77 2.90
C THR A 20 3.32 9.45 3.36
N LYS A 21 3.86 9.45 4.57
CA LYS A 21 4.42 8.24 5.15
C LYS A 21 3.55 7.75 6.30
N ASP A 22 2.40 8.37 6.46
CA ASP A 22 1.47 8.02 7.52
C ASP A 22 0.04 7.90 6.99
N ILE A 23 -0.59 6.78 7.29
CA ILE A 23 -2.00 6.58 7.01
C ILE A 23 -2.69 6.04 8.24
N GLN A 24 -3.76 6.69 8.65
CA GLN A 24 -4.48 6.29 9.84
C GLN A 24 -5.82 5.68 9.47
N VAL A 25 -6.01 4.43 9.85
CA VAL A 25 -7.26 3.73 9.58
C VAL A 25 -8.13 3.78 10.81
N SER A 26 -9.30 4.37 10.68
CA SER A 26 -10.21 4.53 11.80
C SER A 26 -11.06 3.28 11.97
N LYS A 27 -10.92 2.64 13.13
CA LYS A 27 -11.64 1.40 13.43
C LYS A 27 -13.13 1.67 13.60
N ALA A 28 -13.46 2.94 13.84
CA ALA A 28 -14.86 3.36 13.98
C ALA A 28 -15.54 3.43 12.63
N CYS A 29 -14.81 3.08 11.58
CA CYS A 29 -15.34 3.03 10.24
C CYS A 29 -15.55 1.58 9.82
N LYS A 30 -16.67 1.32 9.15
CA LYS A 30 -17.03 -0.03 8.73
C LYS A 30 -16.02 -0.58 7.72
N GLU A 31 -15.66 0.25 6.75
CA GLU A 31 -14.67 -0.13 5.74
C GLU A 31 -13.76 1.05 5.45
N PHE A 32 -12.51 0.76 5.08
CA PHE A 32 -11.55 1.81 4.79
C PHE A 32 -11.01 1.66 3.37
N THR A 33 -11.06 2.73 2.60
CA THR A 33 -10.63 2.71 1.21
C THR A 33 -9.42 3.61 0.98
N ILE A 34 -8.43 3.08 0.30
CA ILE A 34 -7.23 3.85 -0.03
C ILE A 34 -7.10 3.98 -1.54
N THR A 35 -6.89 5.20 -2.01
CA THR A 35 -6.70 5.44 -3.43
C THR A 35 -5.28 5.91 -3.72
N LEU A 36 -4.62 5.22 -4.64
CA LEU A 36 -3.26 5.56 -5.04
C LEU A 36 -3.28 6.26 -6.39
N LYS A 37 -2.72 7.46 -6.43
CA LYS A 37 -2.67 8.24 -7.67
C LYS A 37 -1.24 8.35 -8.16
N HIS A 38 -0.93 7.75 -9.30
CA HIS A 38 0.40 7.84 -9.88
C HIS A 38 0.43 8.96 -10.91
N THR A 39 0.90 10.12 -10.48
CA THR A 39 0.90 11.32 -11.30
C THR A 39 2.09 11.33 -12.27
N GLY A 40 2.93 10.30 -12.20
CA GLY A 40 4.10 10.23 -13.04
C GLY A 40 3.83 9.51 -14.34
N THR A 41 4.12 10.17 -15.45
CA THR A 41 3.88 9.63 -16.77
C THR A 41 5.01 8.68 -17.19
N GLN A 42 5.10 7.57 -16.48
CA GLN A 42 6.09 6.53 -16.78
C GLN A 42 5.43 5.17 -16.71
N PRO A 43 5.80 4.26 -17.64
CA PRO A 43 5.19 2.93 -17.74
C PRO A 43 5.44 2.09 -16.49
N LYS A 44 4.50 1.20 -16.21
CA LYS A 44 4.48 0.47 -14.94
C LYS A 44 5.65 -0.51 -14.83
N ALA A 45 6.26 -0.86 -15.95
CA ALA A 45 7.42 -1.74 -15.94
C ALA A 45 8.71 -0.99 -15.66
N SER A 46 8.64 0.33 -15.70
CA SER A 46 9.81 1.15 -15.47
C SER A 46 9.68 1.91 -14.15
N MET A 47 8.54 2.55 -13.97
CA MET A 47 8.27 3.32 -12.76
C MET A 47 6.86 3.05 -12.28
N GLY A 48 6.60 1.81 -11.93
CA GLY A 48 5.31 1.44 -11.42
C GLY A 48 5.28 1.52 -9.91
N HIS A 49 4.09 1.74 -9.36
CA HIS A 49 3.96 1.84 -7.91
C HIS A 49 2.76 1.05 -7.44
N ASN A 50 2.86 0.51 -6.24
CA ASN A 50 1.75 -0.17 -5.59
C ASN A 50 1.83 0.07 -4.08
N LEU A 51 0.69 -0.02 -3.41
CA LEU A 51 0.65 0.17 -1.97
C LEU A 51 0.21 -1.12 -1.29
N VAL A 52 1.14 -1.73 -0.58
CA VAL A 52 0.90 -2.98 0.12
C VAL A 52 0.89 -2.75 1.64
N ILE A 53 -0.08 -3.34 2.31
CA ILE A 53 -0.19 -3.22 3.76
C ILE A 53 -0.04 -4.58 4.43
N ALA A 54 0.92 -4.69 5.33
CA ALA A 54 1.17 -5.92 6.08
C ALA A 54 1.65 -5.59 7.48
N LYS A 55 1.67 -6.59 8.35
CA LYS A 55 2.13 -6.41 9.72
C LYS A 55 3.62 -6.12 9.75
N ALA A 56 4.01 -5.24 10.67
CA ALA A 56 5.39 -4.77 10.77
C ALA A 56 6.37 -5.90 11.05
N GLU A 57 5.89 -6.97 11.66
CA GLU A 57 6.75 -8.10 12.00
C GLU A 57 6.96 -9.03 10.80
N ASP A 58 6.11 -8.91 9.78
CA ASP A 58 6.20 -9.79 8.61
C ASP A 58 6.33 -8.99 7.32
N MET A 59 6.59 -7.70 7.45
CA MET A 59 6.65 -6.81 6.30
C MET A 59 7.83 -7.16 5.40
N ASP A 60 8.96 -7.53 6.02
CA ASP A 60 10.17 -7.85 5.27
C ASP A 60 9.95 -9.06 4.37
N GLY A 61 9.24 -10.05 4.89
CA GLY A 61 8.95 -11.25 4.13
C GLY A 61 8.06 -10.95 2.94
N VAL A 62 7.20 -9.95 3.10
CA VAL A 62 6.30 -9.54 2.04
C VAL A 62 7.09 -9.04 0.82
N PHE A 63 8.14 -8.26 1.08
CA PHE A 63 9.01 -7.78 0.00
C PHE A 63 9.71 -8.95 -0.69
N LYS A 64 10.05 -9.96 0.08
CA LYS A 64 10.75 -11.13 -0.44
C LYS A 64 9.90 -11.87 -1.45
N ASP A 65 8.60 -11.93 -1.16
CA ASP A 65 7.65 -12.56 -2.07
C ASP A 65 7.37 -11.64 -3.25
N GLY A 66 7.34 -10.34 -2.96
CA GLY A 66 6.97 -9.36 -3.95
C GLY A 66 7.88 -9.37 -5.16
N VAL A 67 9.17 -9.31 -4.92
CA VAL A 67 10.15 -9.24 -6.00
C VAL A 67 10.14 -10.53 -6.84
N GLY A 68 9.56 -11.58 -6.27
CA GLY A 68 9.49 -12.84 -6.98
C GLY A 68 8.11 -13.12 -7.57
N ALA A 69 7.23 -12.12 -7.50
CA ALA A 69 5.86 -12.30 -7.99
C ALA A 69 5.48 -11.21 -8.98
N ALA A 70 6.24 -11.12 -10.07
CA ALA A 70 5.93 -10.16 -11.13
C ALA A 70 4.66 -10.54 -11.86
N ASP A 71 4.21 -11.77 -11.63
CA ASP A 71 3.01 -12.31 -12.25
C ASP A 71 1.79 -11.41 -12.01
N THR A 72 1.62 -10.96 -10.78
CA THR A 72 0.46 -10.16 -10.43
C THR A 72 0.82 -8.68 -10.33
N ASP A 73 1.21 -8.26 -9.14
CA ASP A 73 1.57 -6.88 -8.86
C ASP A 73 2.71 -6.85 -7.88
N TYR A 74 3.61 -7.83 -8.00
CA TYR A 74 4.71 -8.01 -7.07
C TYR A 74 4.17 -8.32 -5.67
N VAL A 75 3.20 -9.23 -5.64
CA VAL A 75 2.60 -9.74 -4.42
C VAL A 75 2.17 -11.18 -4.65
N LYS A 76 2.52 -12.08 -3.73
CA LYS A 76 2.16 -13.47 -3.92
C LYS A 76 0.67 -13.67 -3.61
N PRO A 77 -0.06 -14.37 -4.52
CA PRO A 77 -1.52 -14.50 -4.43
C PRO A 77 -2.01 -15.40 -3.31
N ASP A 78 -1.27 -15.45 -2.22
CA ASP A 78 -1.70 -16.14 -1.02
C ASP A 78 -2.51 -15.18 -0.15
N ASP A 79 -2.14 -13.90 -0.21
CA ASP A 79 -2.88 -12.83 0.49
C ASP A 79 -3.21 -13.21 1.94
N ALA A 80 -2.21 -13.69 2.66
CA ALA A 80 -2.39 -14.00 4.07
C ALA A 80 -1.74 -12.94 4.94
N ARG A 81 -0.43 -12.77 4.82
CA ARG A 81 0.28 -11.74 5.56
C ARG A 81 -0.02 -10.37 4.98
N VAL A 82 -0.43 -10.37 3.72
CA VAL A 82 -0.82 -9.16 3.04
C VAL A 82 -2.30 -8.90 3.26
N VAL A 83 -2.60 -7.86 3.99
CA VAL A 83 -3.99 -7.54 4.31
C VAL A 83 -4.65 -6.82 3.15
N ALA A 84 -3.90 -5.94 2.50
CA ALA A 84 -4.41 -5.18 1.38
C ALA A 84 -3.28 -4.77 0.45
N HIS A 85 -3.60 -4.58 -0.83
CA HIS A 85 -2.61 -4.17 -1.81
C HIS A 85 -3.28 -3.63 -3.06
N THR A 86 -2.74 -2.56 -3.61
CA THR A 86 -3.23 -2.01 -4.86
C THR A 86 -2.53 -2.72 -6.02
N LYS A 87 -3.16 -2.66 -7.19
CA LYS A 87 -2.57 -3.21 -8.40
C LYS A 87 -1.56 -2.21 -8.99
N LEU A 88 -0.59 -2.73 -9.72
CA LEU A 88 0.46 -1.91 -10.32
C LEU A 88 -0.15 -0.90 -11.28
N ILE A 89 0.25 0.35 -11.12
CA ILE A 89 -0.26 1.42 -11.95
C ILE A 89 0.90 2.23 -12.55
N GLY A 90 0.75 2.55 -13.83
CA GLY A 90 1.75 3.36 -14.51
C GLY A 90 1.29 4.80 -14.67
N GLY A 91 1.71 5.44 -15.76
CA GLY A 91 1.41 6.84 -15.96
C GLY A 91 -0.07 7.10 -16.20
N GLY A 92 -0.66 7.95 -15.39
CA GLY A 92 -2.04 8.32 -15.57
C GLY A 92 -3.00 7.25 -15.11
N GLU A 93 -2.51 6.37 -14.25
CA GLU A 93 -3.30 5.26 -13.76
C GLU A 93 -3.50 5.40 -12.26
N GLU A 94 -4.59 4.85 -11.74
CA GLU A 94 -4.87 4.90 -10.32
C GLU A 94 -5.45 3.58 -9.85
N SER A 95 -5.15 3.23 -8.62
CA SER A 95 -5.66 2.00 -8.04
C SER A 95 -6.19 2.27 -6.64
N SER A 96 -7.18 1.50 -6.22
CA SER A 96 -7.77 1.70 -4.91
C SER A 96 -8.10 0.37 -4.25
N LEU A 97 -7.98 0.32 -2.95
CA LEU A 97 -8.29 -0.87 -2.19
C LEU A 97 -9.23 -0.53 -1.05
N THR A 98 -10.02 -1.50 -0.63
CA THR A 98 -10.87 -1.34 0.53
C THR A 98 -10.60 -2.47 1.51
N LEU A 99 -10.14 -2.10 2.69
CA LEU A 99 -9.73 -3.10 3.67
C LEU A 99 -10.62 -3.05 4.91
N ASP A 100 -10.61 -4.13 5.66
CA ASP A 100 -11.36 -4.23 6.89
C ASP A 100 -10.51 -3.79 8.08
N PRO A 101 -10.90 -2.69 8.75
CA PRO A 101 -10.17 -2.15 9.90
C PRO A 101 -9.96 -3.15 11.03
N ALA A 102 -10.84 -4.14 11.11
CA ALA A 102 -10.77 -5.13 12.17
C ALA A 102 -9.59 -6.08 11.97
N LYS A 103 -9.16 -6.22 10.72
CA LYS A 103 -7.99 -7.04 10.40
C LYS A 103 -6.73 -6.35 10.90
N LEU A 104 -6.79 -5.04 11.03
CA LEU A 104 -5.63 -4.26 11.45
C LEU A 104 -5.56 -4.20 12.97
N ALA A 105 -6.51 -4.83 13.63
CA ALA A 105 -6.57 -4.86 15.08
C ALA A 105 -5.73 -6.00 15.62
N ASP A 106 -4.56 -6.21 15.02
CA ASP A 106 -3.66 -7.25 15.46
C ASP A 106 -2.22 -6.74 15.47
N GLY A 107 -2.06 -5.42 15.61
CA GLY A 107 -0.73 -4.87 15.72
C GLY A 107 -0.54 -3.60 14.92
N ASP A 108 0.72 -3.31 14.60
CA ASP A 108 1.05 -2.14 13.78
C ASP A 108 1.42 -2.58 12.38
N TYR A 109 0.81 -1.93 11.41
CA TYR A 109 1.00 -2.30 10.01
C TYR A 109 1.85 -1.27 9.28
N LYS A 110 2.50 -1.73 8.23
CA LYS A 110 3.29 -0.86 7.37
C LYS A 110 2.75 -0.88 5.96
N PHE A 111 2.94 0.21 5.24
CA PHE A 111 2.59 0.25 3.83
C PHE A 111 3.82 0.62 3.02
N ALA A 112 3.96 0.03 1.85
CA ALA A 112 5.13 0.26 1.03
C ALA A 112 4.87 -0.16 -0.41
N CYS A 113 5.81 0.20 -1.27
CA CYS A 113 5.79 -0.19 -2.66
C CYS A 113 6.72 -1.38 -2.85
N THR A 114 6.22 -2.47 -3.42
CA THR A 114 6.98 -3.71 -3.49
C THR A 114 7.60 -3.90 -4.88
N PHE A 115 7.58 -2.84 -5.68
CA PHE A 115 8.23 -2.85 -6.98
C PHE A 115 9.74 -3.02 -6.77
N PRO A 116 10.41 -3.85 -7.60
CA PRO A 116 11.85 -4.13 -7.46
C PRO A 116 12.71 -2.86 -7.43
N GLY A 117 13.34 -2.62 -6.29
CA GLY A 117 14.18 -1.46 -6.12
C GLY A 117 13.44 -0.34 -5.42
N HIS A 118 12.12 -0.47 -5.35
CA HIS A 118 11.28 0.56 -4.75
C HIS A 118 11.04 0.30 -3.27
N GLY A 119 11.10 -0.97 -2.89
CA GLY A 119 10.82 -1.37 -1.52
C GLY A 119 11.78 -0.79 -0.51
N ALA A 120 12.92 -0.28 -0.99
CA ALA A 120 13.92 0.29 -0.10
C ALA A 120 13.63 1.77 0.17
N LEU A 121 12.85 2.39 -0.70
CA LEU A 121 12.63 3.83 -0.64
C LEU A 121 11.21 4.18 -0.20
N MET A 122 10.23 3.61 -0.87
CA MET A 122 8.84 3.93 -0.61
C MET A 122 8.29 3.09 0.54
N ASN A 123 8.37 3.62 1.75
CA ASN A 123 7.89 2.93 2.94
C ASN A 123 7.21 3.90 3.88
N GLY A 124 6.18 3.42 4.56
CA GLY A 124 5.49 4.23 5.55
C GLY A 124 4.74 3.37 6.53
N LYS A 125 4.06 4.00 7.49
CA LYS A 125 3.31 3.25 8.50
C LYS A 125 1.82 3.52 8.37
N VAL A 126 1.03 2.47 8.52
CA VAL A 126 -0.41 2.60 8.54
C VAL A 126 -0.94 2.14 9.90
N THR A 127 -1.49 3.09 10.64
CA THR A 127 -1.86 2.85 12.02
C THR A 127 -3.37 2.79 12.19
N LEU A 128 -3.83 1.81 12.96
CA LEU A 128 -5.24 1.72 13.29
C LEU A 128 -5.55 2.65 14.45
N VAL A 129 -6.53 3.51 14.26
CA VAL A 129 -6.90 4.48 15.28
C VAL A 129 -8.37 4.34 15.64
N ASP A 130 -8.82 5.12 16.61
CA ASP A 130 -10.21 5.07 17.08
C ASP A 130 -11.14 5.77 16.08
CU CU1 B . 7.01 2.20 -6.53
#